data_7A76
#
_entry.id   7A76
#
_cell.length_a   88.731
_cell.length_b   114.900
_cell.length_c   146.730
_cell.angle_alpha   90.000
_cell.angle_beta   90.000
_cell.angle_gamma   90.000
#
_symmetry.space_group_name_H-M   'P 2 21 21'
#
loop_
_entity.id
_entity.type
_entity.pdbx_description
1 polymer 'THIOREDOXIN REDUCTASE'
2 non-polymer 'FLAVIN-ADENINE DINUCLEOTIDE'
3 non-polymer 'SODIUM ION'
4 water water
#
_entity_poly.entity_id   1
_entity_poly.type   'polypeptide(L)'
_entity_poly.pdbx_seq_one_letter_code
;MQKETVIIIGGGPCGLAAAISLQKVGINPLVIEKGNIVNAIYNYPTHQTFFSSSEKLEIGDVAFITENRKPVRNQALAYY
REVVRRKSVRVNAFERVEKVQKDGEAFQVETTKRDGSKEIYIAKYIVVATGYYDNPNYMNVPGEELKKVAHYFKEGHPYF
DRDVVVIGGKNSSVDAALELVKSGARVTVLYRGIEYSPSIKPWILPEFEALVRNGTIQMHFGAHVKEITEHTLTFTVDGE
ALTIKNDFVFAMTGYHPDHSFLTKMGVQIDEETGRPFYTEDRMETNAENIFIAGVIAAGNNANEIFIENGRFHGDAIAQT
IASREK
;
_entity_poly.pdbx_strand_id   A,B,C,D
#
loop_
_chem_comp.id
_chem_comp.type
_chem_comp.name
_chem_comp.formula
FAD non-polymer 'FLAVIN-ADENINE DINUCLEOTIDE' 'C27 H33 N9 O15 P2'
NA non-polymer 'SODIUM ION' 'Na 1'
#
# COMPACT_ATOMS: atom_id res chain seq x y z
N MET A 1 -47.18 -17.09 0.02
CA MET A 1 -45.73 -16.96 0.16
C MET A 1 -45.09 -16.55 -1.16
N GLN A 2 -43.85 -16.05 -1.09
CA GLN A 2 -43.20 -15.47 -2.26
C GLN A 2 -42.75 -16.56 -3.22
N LYS A 3 -43.06 -16.38 -4.51
CA LYS A 3 -42.72 -17.34 -5.56
C LYS A 3 -41.46 -16.89 -6.30
N GLU A 4 -40.53 -17.83 -6.51
CA GLU A 4 -39.32 -17.60 -7.27
C GLU A 4 -39.13 -18.72 -8.27
N THR A 5 -38.57 -18.40 -9.44
CA THR A 5 -38.13 -19.46 -10.33
C THR A 5 -36.96 -20.23 -9.71
N VAL A 6 -35.92 -19.52 -9.28
CA VAL A 6 -34.73 -20.15 -8.71
C VAL A 6 -34.34 -19.43 -7.42
N ILE A 7 -34.04 -20.19 -6.38
CA ILE A 7 -33.42 -19.68 -5.16
C ILE A 7 -32.02 -20.26 -5.05
N ILE A 8 -31.03 -19.39 -4.94
CA ILE A 8 -29.64 -19.75 -4.71
C ILE A 8 -29.36 -19.52 -3.23
N ILE A 9 -28.97 -20.58 -2.53
CA ILE A 9 -28.65 -20.52 -1.10
C ILE A 9 -27.17 -20.24 -0.99
N GLY A 10 -26.82 -19.04 -0.53
CA GLY A 10 -25.43 -18.65 -0.40
C GLY A 10 -24.97 -17.63 -1.42
N GLY A 11 -24.40 -16.52 -0.93
CA GLY A 11 -23.93 -15.45 -1.79
C GLY A 11 -22.43 -15.29 -1.80
N GLY A 12 -21.70 -16.40 -1.77
CA GLY A 12 -20.27 -16.38 -2.02
C GLY A 12 -19.98 -16.27 -3.50
N PRO A 13 -18.70 -16.30 -3.85
CA PRO A 13 -18.35 -16.13 -5.28
C PRO A 13 -19.07 -17.08 -6.21
N CYS A 14 -19.28 -18.33 -5.79
CA CYS A 14 -19.84 -19.31 -6.71
C CYS A 14 -21.36 -19.22 -6.80
N GLY A 15 -22.03 -18.85 -5.70
CA GLY A 15 -23.46 -18.56 -5.79
C GLY A 15 -23.75 -17.32 -6.62
N LEU A 16 -22.95 -16.26 -6.43
CA LEU A 16 -23.10 -15.07 -7.27
C LEU A 16 -22.82 -15.38 -8.72
N ALA A 17 -21.81 -16.22 -8.98
CA ALA A 17 -21.55 -16.63 -10.36
C ALA A 17 -22.77 -17.34 -10.95
N ALA A 18 -23.39 -18.25 -10.19
CA ALA A 18 -24.55 -18.97 -10.69
C ALA A 18 -25.72 -18.02 -10.96
N ALA A 19 -25.87 -16.98 -10.15
CA ALA A 19 -26.91 -16.00 -10.39
C ALA A 19 -26.72 -15.31 -11.74
N ILE A 20 -25.49 -14.90 -12.02
CA ILE A 20 -25.21 -14.19 -13.26
C ILE A 20 -25.37 -15.12 -14.46
N SER A 21 -24.92 -16.37 -14.33
CA SER A 21 -25.13 -17.35 -15.39
C SER A 21 -26.61 -17.51 -15.69
N LEU A 22 -27.45 -17.48 -14.66
CA LEU A 22 -28.88 -17.57 -14.89
C LEU A 22 -29.42 -16.30 -15.54
N GLN A 23 -28.92 -15.12 -15.12
CA GLN A 23 -29.33 -13.88 -15.78
C GLN A 23 -29.08 -13.95 -17.28
N LYS A 24 -27.94 -14.53 -17.69
CA LYS A 24 -27.59 -14.58 -19.11
C LYS A 24 -28.53 -15.46 -19.93
N VAL A 25 -29.30 -16.34 -19.29
CA VAL A 25 -30.29 -17.14 -19.99
C VAL A 25 -31.70 -16.66 -19.71
N GLY A 26 -31.84 -15.49 -19.10
CA GLY A 26 -33.14 -14.85 -18.95
C GLY A 26 -33.88 -15.11 -17.66
N ILE A 27 -33.20 -15.60 -16.63
CA ILE A 27 -33.83 -15.82 -15.33
C ILE A 27 -33.08 -14.98 -14.30
N ASN A 28 -33.82 -14.18 -13.55
CA ASN A 28 -33.20 -13.36 -12.52
C ASN A 28 -33.44 -14.00 -11.15
N PRO A 29 -32.54 -14.85 -10.68
CA PRO A 29 -32.82 -15.65 -9.48
C PRO A 29 -32.64 -14.84 -8.20
N LEU A 30 -33.13 -15.40 -7.10
CA LEU A 30 -32.98 -14.80 -5.78
C LEU A 30 -31.87 -15.52 -5.03
N VAL A 31 -30.81 -14.80 -4.69
CA VAL A 31 -29.78 -15.27 -3.77
C VAL A 31 -30.20 -14.94 -2.35
N ILE A 32 -30.18 -15.94 -1.47
CA ILE A 32 -30.44 -15.73 -0.04
C ILE A 32 -29.14 -16.02 0.72
N GLU A 33 -28.68 -15.03 1.48
CA GLU A 33 -27.35 -15.07 2.11
C GLU A 33 -27.49 -14.64 3.57
N LYS A 34 -26.94 -15.45 4.48
CA LYS A 34 -27.13 -15.20 5.91
C LYS A 34 -26.33 -14.03 6.45
N GLY A 35 -25.23 -13.67 5.80
CA GLY A 35 -24.53 -12.43 6.11
C GLY A 35 -24.77 -11.45 4.98
N ASN A 36 -23.72 -10.74 4.57
CA ASN A 36 -23.78 -10.05 3.29
C ASN A 36 -22.94 -10.84 2.28
N ILE A 37 -22.91 -10.34 1.05
CA ILE A 37 -22.23 -11.05 -0.02
C ILE A 37 -20.77 -11.33 0.34
N VAL A 38 -20.26 -12.44 -0.22
CA VAL A 38 -18.93 -12.99 0.03
C VAL A 38 -18.55 -12.91 1.50
N ASN A 39 -19.50 -13.32 2.35
CA ASN A 39 -19.27 -13.42 3.78
C ASN A 39 -17.98 -14.18 4.13
N ALA A 40 -17.68 -15.26 3.40
CA ALA A 40 -16.45 -16.02 3.70
C ALA A 40 -15.21 -15.15 3.52
N ILE A 41 -15.15 -14.37 2.43
CA ILE A 41 -13.99 -13.52 2.21
C ILE A 41 -13.94 -12.40 3.25
N TYR A 42 -15.09 -11.85 3.62
CA TYR A 42 -15.12 -10.87 4.69
C TYR A 42 -14.49 -11.42 5.97
N ASN A 43 -14.69 -12.71 6.24
CA ASN A 43 -14.15 -13.37 7.43
C ASN A 43 -12.76 -13.99 7.21
N TYR A 44 -12.08 -13.69 6.10
CA TYR A 44 -10.66 -13.98 5.97
C TYR A 44 -9.85 -13.14 6.97
N PRO A 45 -8.62 -13.55 7.28
CA PRO A 45 -7.70 -12.67 8.01
C PRO A 45 -7.60 -11.31 7.32
N THR A 46 -7.48 -10.26 8.12
CA THR A 46 -7.62 -8.90 7.60
C THR A 46 -6.70 -8.64 6.43
N HIS A 47 -5.46 -9.11 6.52
CA HIS A 47 -4.44 -8.80 5.52
C HIS A 47 -4.13 -9.99 4.61
N GLN A 48 -5.07 -10.91 4.50
CA GLN A 48 -4.88 -12.10 3.69
C GLN A 48 -4.60 -11.78 2.23
N THR A 49 -3.63 -12.48 1.67
CA THR A 49 -3.35 -12.47 0.24
C THR A 49 -3.89 -13.75 -0.39
N PHE A 50 -4.54 -13.62 -1.55
CA PHE A 50 -5.03 -14.80 -2.26
C PHE A 50 -3.86 -15.55 -2.89
N PHE A 51 -4.04 -16.85 -3.10
CA PHE A 51 -3.05 -17.57 -3.90
C PHE A 51 -3.32 -17.49 -5.40
N SER A 52 -4.56 -17.16 -5.80
CA SER A 52 -4.92 -17.01 -7.20
C SER A 52 -4.59 -15.61 -7.70
N SER A 53 -4.12 -15.53 -8.95
CA SER A 53 -4.11 -14.25 -9.65
C SER A 53 -5.54 -13.73 -9.77
N SER A 54 -5.68 -12.41 -9.87
CA SER A 54 -7.01 -11.83 -9.77
C SER A 54 -7.89 -12.17 -10.97
N GLU A 55 -7.29 -12.40 -12.14
CA GLU A 55 -8.09 -12.80 -13.30
C GLU A 55 -8.85 -14.09 -13.05
N LYS A 56 -8.33 -14.96 -12.19
CA LYS A 56 -8.95 -16.26 -11.98
C LYS A 56 -10.06 -16.21 -10.94
N LEU A 57 -10.30 -15.03 -10.34
CA LEU A 57 -11.41 -14.82 -9.41
C LEU A 57 -12.56 -14.10 -10.07
N GLU A 58 -12.43 -13.74 -11.35
CA GLU A 58 -13.46 -12.96 -12.02
C GLU A 58 -14.74 -13.77 -12.18
N ILE A 59 -15.89 -13.08 -12.04
CA ILE A 59 -17.18 -13.66 -12.41
C ILE A 59 -17.94 -12.65 -13.24
N GLY A 60 -18.89 -13.14 -14.02
CA GLY A 60 -19.74 -12.27 -14.83
C GLY A 60 -19.01 -11.44 -15.87
N ASP A 61 -17.78 -11.82 -16.22
CA ASP A 61 -16.90 -11.09 -17.14
C ASP A 61 -16.52 -9.71 -16.63
N VAL A 62 -16.75 -9.41 -15.35
CA VAL A 62 -16.32 -8.12 -14.80
C VAL A 62 -14.83 -8.17 -14.52
N ALA A 63 -14.10 -7.20 -15.06
CA ALA A 63 -12.65 -7.18 -14.91
C ALA A 63 -12.23 -6.95 -13.45
N PHE A 64 -11.28 -7.77 -13.00
CA PHE A 64 -10.66 -7.67 -11.69
C PHE A 64 -9.18 -7.44 -11.98
N ILE A 65 -8.81 -6.17 -12.08
CA ILE A 65 -7.46 -5.78 -12.47
C ILE A 65 -6.73 -5.31 -11.23
N THR A 66 -5.51 -5.80 -11.02
CA THR A 66 -4.72 -5.43 -9.85
C THR A 66 -3.31 -5.05 -10.26
N GLU A 67 -2.71 -4.12 -9.53
CA GLU A 67 -1.33 -3.72 -9.83
C GLU A 67 -0.33 -4.74 -9.31
N ASN A 68 -0.63 -5.39 -8.18
CA ASN A 68 0.21 -6.49 -7.73
C ASN A 68 -0.22 -7.77 -8.41
N ARG A 69 0.60 -8.81 -8.24
N ARG A 69 0.57 -8.83 -8.24
CA ARG A 69 0.36 -10.07 -8.94
CA ARG A 69 0.28 -10.04 -8.99
C ARG A 69 -0.81 -10.85 -8.32
C ARG A 69 -0.81 -10.89 -8.32
N LYS A 70 -0.99 -10.75 -7.01
CA LYS A 70 -2.07 -11.44 -6.32
C LYS A 70 -2.89 -10.44 -5.50
N PRO A 71 -4.21 -10.58 -5.51
CA PRO A 71 -5.05 -9.64 -4.75
C PRO A 71 -5.05 -9.97 -3.27
N VAL A 72 -5.46 -8.97 -2.49
CA VAL A 72 -5.67 -9.13 -1.06
C VAL A 72 -7.16 -9.08 -0.76
N ARG A 73 -7.51 -9.48 0.47
CA ARG A 73 -8.90 -9.54 0.94
C ARG A 73 -9.70 -8.30 0.55
N ASN A 74 -9.20 -7.12 0.90
CA ASN A 74 -10.02 -5.92 0.69
C ASN A 74 -10.24 -5.63 -0.80
N GLN A 75 -9.30 -6.02 -1.66
CA GLN A 75 -9.51 -5.87 -3.09
C GLN A 75 -10.62 -6.78 -3.59
N ALA A 76 -10.65 -8.02 -3.10
CA ALA A 76 -11.69 -8.94 -3.53
C ALA A 76 -13.04 -8.48 -3.02
N LEU A 77 -13.10 -7.97 -1.78
CA LEU A 77 -14.36 -7.45 -1.27
C LEU A 77 -14.87 -6.32 -2.17
N ALA A 78 -13.99 -5.39 -2.54
CA ALA A 78 -14.42 -4.31 -3.44
C ALA A 78 -14.88 -4.86 -4.79
N TYR A 79 -14.19 -5.89 -5.30
CA TYR A 79 -14.55 -6.43 -6.60
C TYR A 79 -15.96 -7.04 -6.58
N TYR A 80 -16.25 -7.90 -5.60
CA TYR A 80 -17.54 -8.57 -5.64
C TYR A 80 -18.69 -7.62 -5.35
N ARG A 81 -18.49 -6.58 -4.52
CA ARG A 81 -19.51 -5.54 -4.40
C ARG A 81 -19.82 -4.91 -5.75
N GLU A 82 -18.77 -4.58 -6.51
CA GLU A 82 -18.97 -3.97 -7.81
C GLU A 82 -19.65 -4.93 -8.78
N VAL A 83 -19.29 -6.22 -8.73
CA VAL A 83 -19.99 -7.20 -9.57
C VAL A 83 -21.48 -7.18 -9.29
N VAL A 84 -21.86 -7.26 -8.01
CA VAL A 84 -23.27 -7.37 -7.65
C VAL A 84 -24.00 -6.10 -8.05
N ARG A 85 -23.36 -4.94 -7.89
CA ARG A 85 -23.97 -3.69 -8.31
C ARG A 85 -24.14 -3.63 -9.83
N ARG A 86 -23.08 -3.92 -10.57
CA ARG A 86 -23.14 -3.80 -12.03
C ARG A 86 -24.09 -4.79 -12.67
N LYS A 87 -24.23 -5.97 -12.09
CA LYS A 87 -25.07 -7.00 -12.67
C LYS A 87 -26.46 -7.04 -12.07
N SER A 88 -26.74 -6.17 -11.09
CA SER A 88 -28.02 -6.13 -10.38
C SER A 88 -28.45 -7.52 -9.92
N VAL A 89 -27.51 -8.26 -9.32
CA VAL A 89 -27.87 -9.53 -8.70
C VAL A 89 -28.81 -9.26 -7.52
N ARG A 90 -29.86 -10.09 -7.40
CA ARG A 90 -30.85 -9.96 -6.32
C ARG A 90 -30.35 -10.74 -5.11
N VAL A 91 -30.04 -10.04 -4.02
CA VAL A 91 -29.56 -10.69 -2.80
C VAL A 91 -30.47 -10.31 -1.64
N ASN A 92 -31.03 -11.32 -0.99
CA ASN A 92 -31.69 -11.13 0.31
C ASN A 92 -30.63 -11.44 1.36
N ALA A 93 -30.04 -10.38 1.92
CA ALA A 93 -28.95 -10.49 2.87
C ALA A 93 -29.47 -10.60 4.31
N PHE A 94 -28.59 -11.05 5.19
CA PHE A 94 -28.88 -11.25 6.61
C PHE A 94 -30.15 -12.09 6.78
N GLU A 95 -30.23 -13.15 5.98
CA GLU A 95 -31.36 -14.05 5.95
C GLU A 95 -30.81 -15.46 5.84
N ARG A 96 -31.11 -16.30 6.82
CA ARG A 96 -30.58 -17.67 6.89
C ARG A 96 -31.63 -18.66 6.39
N VAL A 97 -31.27 -19.48 5.41
CA VAL A 97 -32.14 -20.55 4.96
C VAL A 97 -32.09 -21.68 5.99
N GLU A 98 -33.26 -22.05 6.53
CA GLU A 98 -33.34 -23.10 7.54
C GLU A 98 -33.64 -24.47 6.96
N LYS A 99 -34.59 -24.55 6.03
CA LYS A 99 -35.04 -25.84 5.52
C LYS A 99 -35.47 -25.68 4.07
N VAL A 100 -35.32 -26.77 3.31
CA VAL A 100 -35.83 -26.88 1.95
C VAL A 100 -36.56 -28.22 1.86
N GLN A 101 -37.83 -28.18 1.48
CA GLN A 101 -38.64 -29.39 1.42
C GLN A 101 -39.49 -29.38 0.14
N LYS A 102 -39.77 -30.58 -0.36
CA LYS A 102 -40.60 -30.72 -1.54
C LYS A 102 -42.03 -30.27 -1.27
N ASP A 103 -42.64 -29.64 -2.27
CA ASP A 103 -44.02 -29.16 -2.19
C ASP A 103 -44.59 -29.28 -3.61
N GLY A 104 -45.14 -30.45 -3.91
CA GLY A 104 -45.59 -30.70 -5.27
C GLY A 104 -44.39 -30.84 -6.18
N GLU A 105 -44.42 -30.11 -7.29
CA GLU A 105 -43.28 -30.05 -8.20
C GLU A 105 -42.41 -28.82 -7.93
N ALA A 106 -42.55 -28.22 -6.74
CA ALA A 106 -41.69 -27.12 -6.33
C ALA A 106 -41.10 -27.38 -4.96
N PHE A 107 -40.51 -26.36 -4.35
CA PHE A 107 -39.84 -26.49 -3.06
C PHE A 107 -40.27 -25.34 -2.15
N GLN A 108 -40.62 -25.68 -0.91
CA GLN A 108 -40.78 -24.67 0.14
C GLN A 108 -39.44 -24.39 0.80
N VAL A 109 -39.08 -23.12 0.88
CA VAL A 109 -37.82 -22.67 1.47
C VAL A 109 -38.18 -21.82 2.69
N GLU A 110 -37.82 -22.30 3.88
CA GLU A 110 -38.06 -21.55 5.11
C GLU A 110 -36.79 -20.83 5.55
N THR A 111 -36.94 -19.56 5.93
CA THR A 111 -35.81 -18.73 6.33
C THR A 111 -36.09 -18.00 7.64
N THR A 112 -35.00 -17.50 8.22
CA THR A 112 -35.03 -16.65 9.40
C THR A 112 -34.34 -15.34 9.06
N LYS A 113 -35.07 -14.23 9.17
CA LYS A 113 -34.57 -12.92 8.81
C LYS A 113 -33.81 -12.31 9.98
N ARG A 114 -33.23 -11.14 9.74
CA ARG A 114 -32.31 -10.53 10.69
C ARG A 114 -33.00 -10.27 12.03
N ASP A 115 -34.26 -9.84 12.00
CA ASP A 115 -34.97 -9.52 13.23
C ASP A 115 -35.59 -10.75 13.90
N GLY A 116 -35.28 -11.95 13.44
CA GLY A 116 -35.82 -13.16 14.03
C GLY A 116 -37.10 -13.67 13.39
N SER A 117 -37.68 -12.92 12.46
CA SER A 117 -38.95 -13.35 11.90
C SER A 117 -38.73 -14.43 10.84
N LYS A 118 -39.75 -15.26 10.65
CA LYS A 118 -39.70 -16.36 9.70
C LYS A 118 -40.31 -15.93 8.37
N GLU A 119 -39.81 -16.53 7.29
CA GLU A 119 -40.32 -16.32 5.95
C GLU A 119 -40.33 -17.66 5.22
N ILE A 120 -41.26 -17.82 4.28
CA ILE A 120 -41.34 -19.02 3.45
C ILE A 120 -41.45 -18.59 1.99
N TYR A 121 -40.70 -19.28 1.12
CA TYR A 121 -40.72 -19.06 -0.31
C TYR A 121 -41.08 -20.36 -1.02
N ILE A 122 -41.66 -20.23 -2.21
CA ILE A 122 -41.84 -21.35 -3.14
C ILE A 122 -40.91 -21.14 -4.31
N ALA A 123 -40.05 -22.13 -4.59
CA ALA A 123 -39.12 -22.06 -5.70
C ALA A 123 -39.22 -23.30 -6.57
N LYS A 124 -39.08 -23.11 -7.88
CA LYS A 124 -39.13 -24.26 -8.78
C LYS A 124 -37.80 -25.01 -8.82
N TYR A 125 -36.68 -24.31 -8.67
CA TYR A 125 -35.35 -24.89 -8.69
C TYR A 125 -34.55 -24.34 -7.52
N ILE A 126 -33.62 -25.15 -7.01
CA ILE A 126 -32.77 -24.78 -5.88
C ILE A 126 -31.31 -24.93 -6.29
N VAL A 127 -30.50 -23.93 -6.01
CA VAL A 127 -29.05 -24.04 -6.09
C VAL A 127 -28.49 -23.94 -4.69
N VAL A 128 -27.86 -25.01 -4.20
CA VAL A 128 -27.19 -24.97 -2.91
C VAL A 128 -25.76 -24.56 -3.14
N ALA A 129 -25.36 -23.43 -2.56
CA ALA A 129 -24.03 -22.86 -2.76
C ALA A 129 -23.48 -22.38 -1.42
N THR A 130 -23.53 -23.24 -0.41
CA THR A 130 -23.28 -22.83 0.98
C THR A 130 -21.84 -22.99 1.44
N GLY A 131 -20.94 -23.53 0.62
CA GLY A 131 -19.55 -23.59 1.01
C GLY A 131 -19.32 -24.49 2.22
N TYR A 132 -18.23 -24.21 2.97
CA TYR A 132 -18.04 -24.93 4.23
C TYR A 132 -17.35 -24.12 5.33
N TYR A 133 -17.04 -22.85 5.12
N TYR A 133 -17.01 -22.85 5.10
CA TYR A 133 -16.27 -22.10 6.13
CA TYR A 133 -16.29 -22.01 6.05
C TYR A 133 -17.06 -21.85 7.40
C TYR A 133 -17.06 -21.78 7.35
N ASP A 134 -18.36 -22.11 7.39
CA ASP A 134 -19.14 -21.97 8.61
C ASP A 134 -18.95 -23.13 9.59
N ASN A 135 -18.28 -24.22 9.19
CA ASN A 135 -18.29 -25.46 9.98
C ASN A 135 -16.88 -25.95 10.26
N PRO A 136 -16.26 -25.46 11.33
CA PRO A 136 -14.89 -25.90 11.64
C PRO A 136 -14.83 -27.39 11.98
N ASN A 137 -13.70 -27.99 11.67
CA ASN A 137 -13.38 -29.35 12.11
C ASN A 137 -12.99 -29.27 13.58
N TYR A 138 -13.97 -29.44 14.47
CA TYR A 138 -13.64 -29.35 15.88
C TYR A 138 -12.80 -30.53 16.31
N MET A 139 -11.96 -30.30 17.32
CA MET A 139 -11.08 -31.33 17.87
C MET A 139 -11.76 -32.17 18.94
N ASN A 140 -12.77 -31.64 19.62
CA ASN A 140 -13.47 -32.33 20.70
C ASN A 140 -12.51 -32.72 21.82
N VAL A 141 -11.65 -31.77 22.19
CA VAL A 141 -10.77 -31.93 23.35
C VAL A 141 -11.24 -31.02 24.47
N PRO A 142 -11.05 -31.42 25.73
CA PRO A 142 -11.42 -30.53 26.85
C PRO A 142 -10.66 -29.21 26.79
N GLY A 143 -11.40 -28.12 26.98
CA GLY A 143 -10.85 -26.79 26.90
C GLY A 143 -10.98 -26.13 25.55
N GLU A 144 -11.34 -26.89 24.51
CA GLU A 144 -11.57 -26.28 23.20
C GLU A 144 -12.67 -25.23 23.26
N GLU A 145 -13.58 -25.34 24.24
CA GLU A 145 -14.67 -24.37 24.37
C GLU A 145 -14.24 -23.05 24.99
N LEU A 146 -13.04 -22.95 25.55
CA LEU A 146 -12.61 -21.71 26.18
C LEU A 146 -12.47 -20.58 25.16
N LYS A 147 -12.73 -19.34 25.62
CA LYS A 147 -12.65 -18.18 24.76
C LYS A 147 -11.26 -17.96 24.20
N LYS A 148 -10.23 -18.48 24.87
CA LYS A 148 -8.87 -18.35 24.35
C LYS A 148 -8.61 -19.23 23.15
N VAL A 149 -9.57 -20.05 22.71
CA VAL A 149 -9.41 -20.94 21.56
C VAL A 149 -10.27 -20.39 20.43
N ALA A 150 -9.69 -20.27 19.24
CA ALA A 150 -10.42 -19.84 18.06
C ALA A 150 -10.11 -20.73 16.87
N HIS A 151 -11.13 -20.95 16.03
CA HIS A 151 -10.96 -21.68 14.79
C HIS A 151 -10.90 -20.77 13.56
N TYR A 152 -10.69 -19.48 13.77
CA TYR A 152 -10.52 -18.52 12.71
C TYR A 152 -9.43 -17.55 13.14
N PHE A 153 -8.62 -17.10 12.19
CA PHE A 153 -7.58 -16.12 12.46
C PHE A 153 -7.95 -14.78 11.84
N LYS A 154 -7.76 -13.69 12.58
CA LYS A 154 -8.00 -12.36 12.00
C LYS A 154 -6.74 -11.52 11.89
N GLU A 155 -6.10 -11.15 13.01
CA GLU A 155 -4.91 -10.31 13.01
C GLU A 155 -3.99 -10.75 14.14
N GLY A 156 -2.70 -10.45 14.00
CA GLY A 156 -1.75 -10.87 15.00
C GLY A 156 -1.47 -9.89 16.11
N HIS A 157 -1.72 -8.58 15.91
CA HIS A 157 -1.31 -7.58 16.89
C HIS A 157 -1.64 -7.92 18.35
N PRO A 158 -2.86 -8.30 18.72
CA PRO A 158 -3.14 -8.44 20.15
C PRO A 158 -2.47 -9.63 20.79
N TYR A 159 -1.74 -10.45 20.02
CA TYR A 159 -1.01 -11.60 20.56
C TYR A 159 0.46 -11.26 20.80
N PHE A 160 0.82 -9.98 20.65
CA PHE A 160 2.14 -9.48 21.03
C PHE A 160 2.52 -9.90 22.44
N ASP A 161 3.68 -10.53 22.55
CA ASP A 161 4.27 -10.92 23.83
C ASP A 161 3.46 -12.00 24.53
N ARG A 162 2.68 -12.79 23.78
N ARG A 162 2.67 -12.79 23.79
CA ARG A 162 1.90 -13.88 24.34
CA ARG A 162 1.87 -13.86 24.36
C ARG A 162 2.40 -15.20 23.80
C ARG A 162 2.29 -15.20 23.76
N ASP A 163 2.09 -16.28 24.53
CA ASP A 163 2.42 -17.63 24.09
C ASP A 163 1.23 -18.18 23.31
N VAL A 164 1.45 -18.48 22.03
CA VAL A 164 0.34 -18.86 21.15
C VAL A 164 0.66 -20.19 20.49
N VAL A 165 -0.34 -21.07 20.43
CA VAL A 165 -0.24 -22.34 19.71
C VAL A 165 -1.11 -22.22 18.46
N VAL A 166 -0.56 -22.65 17.33
CA VAL A 166 -1.32 -22.85 16.11
C VAL A 166 -1.41 -24.33 15.86
N ILE A 167 -2.62 -24.86 15.70
CA ILE A 167 -2.84 -26.29 15.44
C ILE A 167 -3.11 -26.43 13.95
N GLY A 168 -2.44 -27.37 13.29
CA GLY A 168 -2.64 -27.60 11.88
C GLY A 168 -1.35 -27.48 11.09
N GLY A 169 -1.41 -27.96 9.86
CA GLY A 169 -0.19 -27.95 9.06
C GLY A 169 -0.32 -27.45 7.65
N LYS A 170 -1.48 -26.91 7.30
CA LYS A 170 -1.72 -26.44 5.94
C LYS A 170 -1.53 -24.93 5.88
N ASN A 171 -1.97 -24.32 4.78
CA ASN A 171 -1.60 -22.91 4.56
C ASN A 171 -2.23 -21.99 5.61
N SER A 172 -3.42 -22.30 6.11
N SER A 172 -3.42 -22.31 6.11
CA SER A 172 -4.01 -21.43 7.11
CA SER A 172 -4.02 -21.47 7.14
C SER A 172 -3.19 -21.41 8.38
C SER A 172 -3.17 -21.44 8.39
N SER A 173 -2.60 -22.56 8.76
N SER A 173 -2.60 -22.58 8.78
CA SER A 173 -1.76 -22.60 9.94
CA SER A 173 -1.75 -22.62 9.96
C SER A 173 -0.44 -21.90 9.70
C SER A 173 -0.43 -21.89 9.71
N VAL A 174 0.19 -22.14 8.54
CA VAL A 174 1.44 -21.46 8.23
C VAL A 174 1.23 -19.95 8.17
N ASP A 175 0.16 -19.49 7.50
N ASP A 175 0.15 -19.50 7.51
CA ASP A 175 -0.10 -18.06 7.40
CA ASP A 175 -0.10 -18.07 7.39
C ASP A 175 -0.29 -17.44 8.77
C ASP A 175 -0.32 -17.43 8.76
N ALA A 176 -1.10 -18.08 9.62
CA ALA A 176 -1.32 -17.52 10.95
C ALA A 176 -0.02 -17.49 11.74
N ALA A 177 0.75 -18.59 11.70
CA ALA A 177 2.01 -18.64 12.43
C ALA A 177 2.94 -17.50 12.01
N LEU A 178 3.05 -17.25 10.70
CA LEU A 178 4.00 -16.24 10.25
C LEU A 178 3.54 -14.85 10.67
N GLU A 179 2.24 -14.59 10.60
N GLU A 179 2.24 -14.57 10.59
CA GLU A 179 1.71 -13.31 11.03
CA GLU A 179 1.80 -13.26 11.04
C GLU A 179 1.89 -13.12 12.53
C GLU A 179 1.96 -13.12 12.55
N LEU A 180 1.71 -14.20 13.29
CA LEU A 180 1.93 -14.16 14.74
C LEU A 180 3.38 -13.88 15.11
N VAL A 181 4.35 -14.52 14.40
CA VAL A 181 5.76 -14.20 14.66
C VAL A 181 6.02 -12.73 14.37
N LYS A 182 5.48 -12.23 13.25
CA LYS A 182 5.71 -10.84 12.88
C LYS A 182 5.15 -9.90 13.94
N SER A 183 4.08 -10.31 14.61
CA SER A 183 3.44 -9.49 15.63
C SER A 183 4.05 -9.67 17.01
N GLY A 184 5.10 -10.46 17.14
CA GLY A 184 5.77 -10.58 18.42
C GLY A 184 5.21 -11.62 19.35
N ALA A 185 4.41 -12.55 18.86
CA ALA A 185 3.98 -13.68 19.67
C ALA A 185 5.09 -14.72 19.72
N ARG A 186 5.06 -15.56 20.76
CA ARG A 186 5.90 -16.75 20.84
C ARG A 186 5.08 -17.93 20.34
N VAL A 187 5.43 -18.43 19.15
CA VAL A 187 4.56 -19.33 18.40
C VAL A 187 5.04 -20.77 18.50
N THR A 188 4.10 -21.68 18.76
CA THR A 188 4.29 -23.12 18.68
C THR A 188 3.28 -23.68 17.70
N VAL A 189 3.73 -24.48 16.74
CA VAL A 189 2.83 -25.14 15.77
C VAL A 189 2.75 -26.62 16.13
N LEU A 190 1.53 -27.14 16.23
CA LEU A 190 1.30 -28.56 16.49
C LEU A 190 0.56 -29.15 15.31
N TYR A 191 1.08 -30.25 14.76
CA TYR A 191 0.52 -30.80 13.53
C TYR A 191 0.57 -32.32 13.59
N ARG A 192 -0.53 -32.97 13.19
CA ARG A 192 -0.61 -34.43 13.28
C ARG A 192 0.27 -35.13 12.25
N GLY A 193 0.49 -34.51 11.09
CA GLY A 193 1.36 -35.10 10.09
C GLY A 193 2.81 -35.18 10.53
N ILE A 194 3.56 -36.08 9.89
CA ILE A 194 4.94 -36.29 10.32
C ILE A 194 5.96 -35.47 9.55
N GLU A 195 5.53 -34.71 8.54
CA GLU A 195 6.42 -33.83 7.83
C GLU A 195 5.62 -32.66 7.29
N TYR A 196 6.33 -31.65 6.76
CA TYR A 196 5.66 -30.50 6.17
C TYR A 196 4.64 -30.96 5.15
N SER A 197 3.43 -30.44 5.27
CA SER A 197 2.36 -30.82 4.35
C SER A 197 2.72 -30.42 2.92
N PRO A 198 2.48 -31.29 1.94
CA PRO A 198 2.77 -30.92 0.55
C PRO A 198 1.87 -29.83 0.01
N SER A 199 0.82 -29.44 0.75
CA SER A 199 -0.09 -28.40 0.31
C SER A 199 0.43 -26.99 0.56
N ILE A 200 1.50 -26.83 1.36
CA ILE A 200 1.96 -25.49 1.66
C ILE A 200 2.47 -24.86 0.37
N LYS A 201 2.01 -23.64 0.09
CA LYS A 201 2.39 -22.99 -1.16
C LYS A 201 3.91 -22.88 -1.24
N PRO A 202 4.50 -23.16 -2.40
CA PRO A 202 5.96 -23.19 -2.48
C PRO A 202 6.63 -21.85 -2.23
N TRP A 203 5.92 -20.73 -2.36
CA TRP A 203 6.52 -19.44 -2.07
C TRP A 203 6.44 -19.04 -0.60
N ILE A 204 5.68 -19.78 0.22
CA ILE A 204 5.61 -19.50 1.65
C ILE A 204 6.45 -20.48 2.46
N LEU A 205 6.60 -21.72 2.00
CA LEU A 205 7.36 -22.72 2.75
C LEU A 205 8.76 -22.25 3.13
N PRO A 206 9.56 -21.64 2.25
CA PRO A 206 10.95 -21.36 2.63
C PRO A 206 11.07 -20.56 3.92
N GLU A 207 10.26 -19.51 4.06
CA GLU A 207 10.31 -18.68 5.26
C GLU A 207 9.85 -19.46 6.49
N PHE A 208 8.77 -20.23 6.36
CA PHE A 208 8.28 -21.01 7.49
C PHE A 208 9.30 -22.07 7.90
N GLU A 209 9.82 -22.84 6.93
CA GLU A 209 10.76 -23.90 7.27
C GLU A 209 12.02 -23.32 7.90
N ALA A 210 12.44 -22.12 7.46
CA ALA A 210 13.64 -21.54 8.05
C ALA A 210 13.41 -21.18 9.51
N LEU A 211 12.23 -20.65 9.83
CA LEU A 211 11.93 -20.28 11.21
C LEU A 211 11.72 -21.50 12.10
N VAL A 212 11.28 -22.62 11.53
CA VAL A 212 11.22 -23.87 12.28
C VAL A 212 12.62 -24.41 12.53
N ARG A 213 13.47 -24.44 11.50
N ARG A 213 13.46 -24.42 11.49
CA ARG A 213 14.77 -25.08 11.65
CA ARG A 213 14.77 -25.04 11.60
C ARG A 213 15.65 -24.38 12.67
C ARG A 213 15.64 -24.38 12.67
N ASN A 214 15.53 -23.06 12.83
CA ASN A 214 16.36 -22.36 13.81
C ASN A 214 15.66 -22.17 15.16
N GLY A 215 14.48 -22.78 15.35
CA GLY A 215 13.81 -22.80 16.64
C GLY A 215 12.94 -21.60 16.94
N THR A 216 12.82 -20.65 16.01
CA THR A 216 11.98 -19.49 16.27
C THR A 216 10.52 -19.89 16.40
N ILE A 217 10.02 -20.68 15.46
CA ILE A 217 8.73 -21.33 15.56
C ILE A 217 8.96 -22.72 16.11
N GLN A 218 8.46 -22.98 17.32
CA GLN A 218 8.49 -24.34 17.85
C GLN A 218 7.52 -25.18 17.06
N MET A 219 7.94 -26.39 16.73
N MET A 219 7.94 -26.37 16.66
CA MET A 219 7.20 -27.23 15.80
CA MET A 219 7.08 -27.17 15.81
C MET A 219 7.17 -28.65 16.34
C MET A 219 7.14 -28.63 16.25
N HIS A 220 5.98 -29.22 16.48
CA HIS A 220 5.87 -30.63 16.85
C HIS A 220 5.06 -31.33 15.78
N PHE A 221 5.71 -32.21 15.03
CA PHE A 221 5.06 -33.10 14.07
C PHE A 221 4.60 -34.37 14.78
N GLY A 222 3.54 -34.96 14.25
CA GLY A 222 2.95 -36.13 14.90
C GLY A 222 2.26 -35.83 16.20
N ALA A 223 1.87 -34.56 16.41
CA ALA A 223 1.32 -34.09 17.67
C ALA A 223 -0.20 -34.17 17.66
N HIS A 224 -0.75 -34.63 18.79
CA HIS A 224 -2.20 -34.75 18.98
C HIS A 224 -2.55 -34.01 20.25
N VAL A 225 -3.38 -32.97 20.13
CA VAL A 225 -3.73 -32.18 21.30
C VAL A 225 -4.66 -32.98 22.19
N LYS A 226 -4.40 -32.94 23.48
CA LYS A 226 -5.20 -33.68 24.46
C LYS A 226 -5.97 -32.78 25.42
N GLU A 227 -5.45 -31.60 25.76
CA GLU A 227 -6.10 -30.76 26.75
C GLU A 227 -5.68 -29.31 26.52
N ILE A 228 -6.62 -28.40 26.73
CA ILE A 228 -6.35 -26.96 26.75
C ILE A 228 -6.89 -26.40 28.06
N THR A 229 -6.03 -25.73 28.82
CA THR A 229 -6.46 -25.03 30.03
C THR A 229 -6.21 -23.54 29.82
N GLU A 230 -6.54 -22.73 30.84
CA GLU A 230 -6.37 -21.28 30.67
C GLU A 230 -4.92 -20.91 30.42
N HIS A 231 -3.98 -21.63 31.01
CA HIS A 231 -2.58 -21.24 30.95
C HIS A 231 -1.65 -22.32 30.39
N THR A 232 -2.19 -23.47 29.99
CA THR A 232 -1.36 -24.58 29.49
C THR A 232 -2.04 -25.27 28.34
N LEU A 233 -1.26 -26.08 27.63
CA LEU A 233 -1.80 -26.97 26.61
C LEU A 233 -1.00 -28.24 26.66
N THR A 234 -1.68 -29.38 26.54
CA THR A 234 -1.04 -30.68 26.58
C THR A 234 -1.29 -31.41 25.27
N PHE A 235 -0.22 -32.02 24.73
CA PHE A 235 -0.33 -32.78 23.51
C PHE A 235 0.58 -33.99 23.62
N THR A 236 0.33 -34.99 22.78
CA THR A 236 1.16 -36.18 22.76
C THR A 236 1.86 -36.31 21.41
N VAL A 237 3.05 -36.90 21.46
CA VAL A 237 3.79 -37.33 20.29
C VAL A 237 4.21 -38.75 20.57
N ASP A 238 3.81 -39.69 19.71
CA ASP A 238 4.11 -41.10 19.90
C ASP A 238 3.61 -41.59 21.27
N GLY A 239 2.45 -41.07 21.68
CA GLY A 239 1.84 -41.46 22.93
C GLY A 239 2.43 -40.86 24.19
N GLU A 240 3.47 -40.02 24.08
CA GLU A 240 4.08 -39.40 25.24
C GLU A 240 3.67 -37.94 25.32
N ALA A 241 3.16 -37.52 26.48
CA ALA A 241 2.55 -36.21 26.64
C ALA A 241 3.57 -35.13 26.99
N LEU A 242 3.35 -33.93 26.43
CA LEU A 242 4.08 -32.73 26.77
C LEU A 242 3.08 -31.65 27.12
N THR A 243 3.37 -30.88 28.17
CA THR A 243 2.54 -29.77 28.60
C THR A 243 3.37 -28.49 28.47
N ILE A 244 2.83 -27.51 27.76
CA ILE A 244 3.53 -26.25 27.57
C ILE A 244 2.67 -25.09 28.07
N LYS A 245 3.34 -24.00 28.41
CA LYS A 245 2.63 -22.77 28.75
C LYS A 245 1.95 -22.22 27.50
N ASN A 246 0.72 -21.73 27.66
CA ASN A 246 -0.06 -21.31 26.51
C ASN A 246 -1.08 -20.26 26.93
N ASP A 247 -1.11 -19.14 26.20
CA ASP A 247 -2.14 -18.14 26.44
C ASP A 247 -3.31 -18.25 25.49
N PHE A 248 -3.05 -18.44 24.18
CA PHE A 248 -4.08 -18.47 23.16
C PHE A 248 -3.83 -19.58 22.15
N VAL A 249 -4.91 -20.14 21.60
CA VAL A 249 -4.85 -21.22 20.63
C VAL A 249 -5.58 -20.81 19.36
N PHE A 250 -4.93 -20.96 18.22
CA PHE A 250 -5.62 -20.90 16.93
C PHE A 250 -5.67 -22.32 16.38
N ALA A 251 -6.87 -22.88 16.36
CA ALA A 251 -7.06 -24.25 15.88
C ALA A 251 -7.38 -24.19 14.39
N MET A 252 -6.35 -24.26 13.55
CA MET A 252 -6.53 -24.10 12.11
C MET A 252 -6.61 -25.47 11.45
N THR A 253 -7.68 -26.16 11.85
CA THR A 253 -7.89 -27.59 11.60
C THR A 253 -8.80 -27.86 10.40
N GLY A 254 -9.12 -26.83 9.62
CA GLY A 254 -9.93 -26.99 8.43
C GLY A 254 -11.41 -26.93 8.73
N TYR A 255 -12.20 -27.16 7.68
CA TYR A 255 -13.65 -27.03 7.73
C TYR A 255 -14.26 -28.23 7.03
N HIS A 256 -15.58 -28.37 7.16
CA HIS A 256 -16.27 -29.46 6.49
C HIS A 256 -17.64 -28.96 6.05
N PRO A 257 -18.18 -29.51 4.96
CA PRO A 257 -19.50 -29.09 4.50
C PRO A 257 -20.61 -29.63 5.39
N ASP A 258 -21.73 -28.89 5.43
CA ASP A 258 -22.90 -29.33 6.18
C ASP A 258 -23.70 -30.26 5.28
N HIS A 259 -23.37 -31.55 5.32
CA HIS A 259 -24.08 -32.53 4.53
C HIS A 259 -25.45 -32.87 5.11
N SER A 260 -25.68 -32.62 6.39
CA SER A 260 -27.02 -32.80 6.94
C SER A 260 -28.00 -31.86 6.25
N PHE A 261 -27.53 -30.68 5.89
CA PHE A 261 -28.36 -29.75 5.12
C PHE A 261 -28.76 -30.37 3.79
N LEU A 262 -27.81 -31.03 3.10
CA LEU A 262 -28.11 -31.63 1.81
C LEU A 262 -28.99 -32.87 1.94
N THR A 263 -28.66 -33.75 2.89
CA THR A 263 -29.41 -34.99 2.98
C THR A 263 -30.85 -34.76 3.43
N LYS A 264 -31.09 -33.72 4.23
CA LYS A 264 -32.46 -33.44 4.67
C LYS A 264 -33.35 -32.97 3.52
N MET A 265 -32.76 -32.49 2.43
CA MET A 265 -33.53 -32.08 1.27
C MET A 265 -33.43 -33.08 0.12
N GLY A 266 -32.92 -34.28 0.39
CA GLY A 266 -32.96 -35.39 -0.55
C GLY A 266 -31.66 -35.72 -1.25
N VAL A 267 -30.60 -34.95 -1.05
CA VAL A 267 -29.34 -35.18 -1.75
C VAL A 267 -28.55 -36.28 -1.07
N GLN A 268 -28.09 -37.26 -1.85
CA GLN A 268 -27.30 -38.37 -1.34
C GLN A 268 -25.81 -38.03 -1.32
N ILE A 269 -25.12 -38.57 -0.32
CA ILE A 269 -23.68 -38.41 -0.16
C ILE A 269 -23.01 -39.74 -0.46
N ASP A 270 -21.91 -39.67 -1.21
CA ASP A 270 -21.18 -40.86 -1.62
C ASP A 270 -20.09 -41.14 -0.57
N GLU A 271 -20.25 -42.25 0.17
CA GLU A 271 -19.23 -42.66 1.11
C GLU A 271 -18.01 -43.15 0.36
N GLU A 272 -16.84 -43.04 1.03
CA GLU A 272 -15.51 -43.26 0.47
C GLU A 272 -15.02 -42.02 -0.27
N THR A 273 -15.87 -41.39 -1.10
CA THR A 273 -15.46 -40.17 -1.79
C THR A 273 -15.88 -38.90 -1.08
N GLY A 274 -16.94 -38.94 -0.27
CA GLY A 274 -17.39 -37.76 0.46
C GLY A 274 -18.06 -36.69 -0.38
N ARG A 275 -18.30 -36.96 -1.66
CA ARG A 275 -19.00 -36.02 -2.52
C ARG A 275 -20.50 -36.26 -2.47
N PRO A 276 -21.29 -35.18 -2.53
CA PRO A 276 -22.70 -35.35 -2.90
C PRO A 276 -22.81 -35.94 -4.29
N PHE A 277 -23.88 -36.67 -4.54
CA PHE A 277 -24.06 -37.22 -5.88
C PHE A 277 -24.50 -36.11 -6.81
N TYR A 278 -23.81 -35.96 -7.93
CA TYR A 278 -24.28 -35.02 -8.95
C TYR A 278 -23.74 -35.43 -10.31
N THR A 279 -24.38 -34.90 -11.35
CA THR A 279 -23.97 -35.12 -12.73
C THR A 279 -23.29 -33.84 -13.22
N GLU A 280 -22.01 -33.96 -13.60
CA GLU A 280 -21.15 -32.79 -13.75
C GLU A 280 -21.62 -31.85 -14.86
N ASP A 281 -22.22 -32.38 -15.93
CA ASP A 281 -22.60 -31.52 -17.04
C ASP A 281 -23.89 -30.74 -16.78
N ARG A 282 -24.61 -31.06 -15.70
CA ARG A 282 -25.70 -30.22 -15.24
C ARG A 282 -25.47 -29.62 -13.87
N MET A 283 -24.50 -30.13 -13.12
CA MET A 283 -24.33 -29.79 -11.70
C MET A 283 -25.63 -29.98 -10.94
N GLU A 284 -26.40 -30.98 -11.33
CA GLU A 284 -27.65 -31.36 -10.68
C GLU A 284 -27.39 -32.57 -9.80
N THR A 285 -27.88 -32.53 -8.56
CA THR A 285 -27.76 -33.66 -7.67
C THR A 285 -28.73 -34.78 -8.06
N ASN A 286 -28.73 -35.85 -7.26
CA ASN A 286 -29.67 -36.95 -7.45
C ASN A 286 -31.11 -36.54 -7.16
N ALA A 287 -31.32 -35.43 -6.44
CA ALA A 287 -32.65 -34.91 -6.16
C ALA A 287 -33.04 -33.97 -7.29
N GLU A 288 -34.07 -34.35 -8.04
CA GLU A 288 -34.44 -33.58 -9.22
C GLU A 288 -34.66 -32.11 -8.88
N ASN A 289 -34.03 -31.23 -9.66
CA ASN A 289 -34.12 -29.78 -9.61
C ASN A 289 -33.43 -29.19 -8.40
N ILE A 290 -32.61 -29.96 -7.69
CA ILE A 290 -31.71 -29.45 -6.68
C ILE A 290 -30.29 -29.53 -7.26
N PHE A 291 -29.70 -28.36 -7.51
CA PHE A 291 -28.36 -28.20 -8.05
C PHE A 291 -27.40 -27.79 -6.94
N ILE A 292 -26.10 -27.93 -7.20
CA ILE A 292 -25.07 -27.46 -6.29
C ILE A 292 -24.04 -26.64 -7.05
N ALA A 293 -23.46 -25.67 -6.36
CA ALA A 293 -22.41 -24.85 -6.94
C ALA A 293 -21.38 -24.49 -5.88
N GLY A 294 -20.10 -24.57 -6.26
CA GLY A 294 -19.02 -24.16 -5.39
C GLY A 294 -18.44 -25.31 -4.59
N VAL A 295 -17.78 -24.96 -3.49
CA VAL A 295 -17.04 -25.97 -2.73
C VAL A 295 -17.94 -26.95 -2.01
N ILE A 296 -19.25 -26.68 -1.93
CA ILE A 296 -20.17 -27.68 -1.37
C ILE A 296 -20.14 -28.95 -2.20
N ALA A 297 -19.68 -28.89 -3.44
CA ALA A 297 -19.64 -30.09 -4.27
C ALA A 297 -18.39 -30.93 -4.04
N ALA A 298 -17.44 -30.45 -3.24
CA ALA A 298 -16.21 -31.21 -3.04
C ALA A 298 -16.44 -32.42 -2.13
N GLY A 299 -15.52 -33.37 -2.21
CA GLY A 299 -15.54 -34.58 -1.41
C GLY A 299 -14.60 -34.50 -0.22
N ASN A 300 -13.98 -35.63 0.09
CA ASN A 300 -13.10 -35.69 1.26
C ASN A 300 -11.88 -34.79 1.10
N ASN A 301 -11.41 -34.60 -0.13
CA ASN A 301 -10.40 -33.58 -0.41
C ASN A 301 -11.13 -32.25 -0.53
N ALA A 302 -11.17 -31.48 0.55
CA ALA A 302 -11.90 -30.21 0.55
C ALA A 302 -11.26 -29.16 -0.36
N ASN A 303 -10.04 -29.38 -0.83
CA ASN A 303 -9.36 -28.46 -1.72
C ASN A 303 -9.58 -28.75 -3.21
N GLU A 304 -10.39 -29.76 -3.57
CA GLU A 304 -10.67 -30.04 -4.98
C GLU A 304 -11.23 -28.80 -5.67
N ILE A 305 -12.16 -28.13 -5.01
CA ILE A 305 -12.90 -27.02 -5.59
C ILE A 305 -12.49 -25.74 -4.86
N PHE A 306 -12.24 -24.69 -5.64
CA PHE A 306 -11.98 -23.36 -5.11
C PHE A 306 -12.65 -22.37 -6.08
N ILE A 307 -12.32 -21.09 -5.99
CA ILE A 307 -13.04 -20.11 -6.80
C ILE A 307 -12.74 -20.31 -8.28
N GLU A 308 -11.48 -20.62 -8.61
CA GLU A 308 -11.08 -20.71 -10.02
C GLU A 308 -11.93 -21.70 -10.80
N ASN A 309 -12.23 -22.86 -10.22
CA ASN A 309 -13.05 -23.82 -10.96
C ASN A 309 -14.51 -23.82 -10.53
N GLY A 310 -14.80 -23.54 -9.26
CA GLY A 310 -16.18 -23.50 -8.81
C GLY A 310 -17.00 -22.38 -9.43
N ARG A 311 -16.34 -21.34 -9.95
CA ARG A 311 -17.08 -20.24 -10.53
C ARG A 311 -17.79 -20.63 -11.83
N PHE A 312 -17.50 -21.81 -12.38
CA PHE A 312 -18.16 -22.23 -13.61
C PHE A 312 -19.32 -23.19 -13.40
N HIS A 313 -19.58 -23.61 -12.16
CA HIS A 313 -20.68 -24.55 -11.94
C HIS A 313 -22.01 -23.97 -12.41
N GLY A 314 -22.22 -22.67 -12.21
CA GLY A 314 -23.47 -22.05 -12.58
C GLY A 314 -23.75 -22.09 -14.07
N ASP A 315 -22.72 -22.23 -14.90
CA ASP A 315 -22.94 -22.30 -16.34
C ASP A 315 -23.74 -23.53 -16.72
N ALA A 316 -23.36 -24.69 -16.17
CA ALA A 316 -24.12 -25.91 -16.45
C ALA A 316 -25.50 -25.87 -15.83
N ILE A 317 -25.64 -25.25 -14.66
CA ILE A 317 -26.95 -25.12 -14.02
C ILE A 317 -27.87 -24.27 -14.90
N ALA A 318 -27.35 -23.14 -15.38
CA ALA A 318 -28.17 -22.23 -16.17
C ALA A 318 -28.62 -22.87 -17.47
N GLN A 319 -27.72 -23.59 -18.14
CA GLN A 319 -28.10 -24.28 -19.36
C GLN A 319 -29.21 -25.30 -19.10
N THR A 320 -29.14 -26.00 -17.97
CA THR A 320 -30.15 -27.01 -17.66
C THR A 320 -31.50 -26.38 -17.36
N ILE A 321 -31.52 -25.38 -16.47
CA ILE A 321 -32.79 -24.77 -16.10
C ILE A 321 -33.41 -24.07 -17.30
N ALA A 322 -32.58 -23.41 -18.12
CA ALA A 322 -33.09 -22.73 -19.31
C ALA A 322 -33.82 -23.70 -20.22
N SER A 323 -33.21 -24.86 -20.48
CA SER A 323 -33.85 -25.85 -21.34
C SER A 323 -35.17 -26.31 -20.74
N ARG A 324 -35.24 -26.44 -19.41
CA ARG A 324 -36.48 -26.85 -18.76
C ARG A 324 -37.49 -25.71 -18.67
N GLU A 325 -37.06 -24.48 -18.96
CA GLU A 325 -37.86 -23.26 -19.01
C GLU A 325 -38.15 -22.84 -17.56
N LYS A 326 -39.41 -22.69 -17.18
CA LYS A 326 -39.72 -22.32 -15.80
C LYS A 326 -40.32 -23.55 -15.11
N MET B 1 1.17 -8.93 48.57
CA MET B 1 0.87 -8.10 47.41
C MET B 1 2.14 -7.69 46.68
N GLN B 2 2.07 -7.64 45.35
CA GLN B 2 3.21 -7.17 44.57
C GLN B 2 3.42 -5.68 44.80
N LYS B 3 4.67 -5.30 45.09
CA LYS B 3 5.03 -3.91 45.34
C LYS B 3 5.53 -3.26 44.06
N GLU B 4 5.03 -2.06 43.78
CA GLU B 4 5.49 -1.25 42.65
C GLU B 4 5.72 0.18 43.10
N THR B 5 6.72 0.82 42.51
CA THR B 5 6.91 2.24 42.74
C THR B 5 5.84 3.06 42.01
N VAL B 6 5.68 2.81 40.71
CA VAL B 6 4.66 3.47 39.91
C VAL B 6 3.86 2.43 39.16
N ILE B 7 2.54 2.56 39.18
CA ILE B 7 1.66 1.83 38.29
C ILE B 7 1.02 2.81 37.33
N ILE B 8 1.13 2.52 36.04
CA ILE B 8 0.48 3.26 34.97
C ILE B 8 -0.73 2.45 34.53
N ILE B 9 -1.92 3.06 34.58
CA ILE B 9 -3.14 2.39 34.16
C ILE B 9 -3.42 2.78 32.72
N GLY B 10 -3.24 1.83 31.80
CA GLY B 10 -3.46 2.05 30.40
C GLY B 10 -2.17 2.01 29.60
N GLY B 11 -2.13 1.16 28.57
CA GLY B 11 -0.96 1.07 27.71
C GLY B 11 -1.24 1.56 26.31
N GLY B 12 -1.96 2.69 26.18
CA GLY B 12 -2.00 3.44 24.93
C GLY B 12 -0.71 4.23 24.74
N PRO B 13 -0.65 4.98 23.65
CA PRO B 13 0.59 5.75 23.38
C PRO B 13 1.02 6.64 24.53
N CYS B 14 0.07 7.26 25.24
CA CYS B 14 0.51 8.20 26.26
C CYS B 14 0.95 7.51 27.54
N GLY B 15 0.29 6.40 27.92
CA GLY B 15 0.78 5.60 29.04
C GLY B 15 2.14 4.98 28.74
N LEU B 16 2.34 4.50 27.52
CA LEU B 16 3.64 3.95 27.18
C LEU B 16 4.71 5.04 27.21
N ALA B 17 4.37 6.23 26.72
CA ALA B 17 5.29 7.36 26.77
C ALA B 17 5.68 7.68 28.22
N ALA B 18 4.69 7.66 29.13
CA ALA B 18 4.98 7.93 30.53
C ALA B 18 5.90 6.88 31.13
N ALA B 19 5.73 5.61 30.72
CA ALA B 19 6.64 4.56 31.18
C ALA B 19 8.08 4.89 30.79
N ILE B 20 8.29 5.28 29.52
CA ILE B 20 9.64 5.54 29.05
C ILE B 20 10.21 6.80 29.69
N SER B 21 9.36 7.80 29.97
CA SER B 21 9.84 8.98 30.69
C SER B 21 10.33 8.61 32.09
N LEU B 22 9.62 7.71 32.78
CA LEU B 22 10.08 7.29 34.09
C LEU B 22 11.37 6.48 34.00
N GLN B 23 11.53 5.69 32.94
CA GLN B 23 12.81 4.98 32.76
C GLN B 23 13.99 5.93 32.78
N LYS B 24 13.82 7.12 32.21
CA LYS B 24 14.91 8.08 32.14
C LYS B 24 15.29 8.64 33.50
N VAL B 25 14.47 8.45 34.52
CA VAL B 25 14.83 8.85 35.87
C VAL B 25 15.03 7.64 36.79
N GLY B 26 15.22 6.46 36.21
CA GLY B 26 15.61 5.31 36.98
C GLY B 26 14.49 4.47 37.56
N ILE B 27 13.27 4.59 37.02
CA ILE B 27 12.13 3.83 37.47
C ILE B 27 11.54 3.13 36.25
N ASN B 28 11.52 1.79 36.28
CA ASN B 28 10.83 1.09 35.21
C ASN B 28 9.47 0.67 35.73
N PRO B 29 8.42 1.44 35.49
CA PRO B 29 7.13 1.22 36.14
C PRO B 29 6.36 0.07 35.50
N LEU B 30 5.27 -0.31 36.15
CA LEU B 30 4.40 -1.36 35.64
C LEU B 30 3.19 -0.74 34.94
N VAL B 31 3.06 -1.00 33.63
CA VAL B 31 1.86 -0.65 32.88
C VAL B 31 0.88 -1.79 32.99
N ILE B 32 -0.36 -1.49 33.38
CA ILE B 32 -1.44 -2.48 33.42
C ILE B 32 -2.46 -2.11 32.35
N GLU B 33 -2.71 -3.03 31.42
CA GLU B 33 -3.54 -2.75 30.25
C GLU B 33 -4.59 -3.84 30.08
N LYS B 34 -5.85 -3.44 29.89
CA LYS B 34 -6.93 -4.44 29.89
C LYS B 34 -7.01 -5.25 28.60
N GLY B 35 -6.51 -4.73 27.47
CA GLY B 35 -6.28 -5.54 26.28
C GLY B 35 -4.79 -5.76 26.11
N ASN B 36 -4.31 -5.62 24.89
CA ASN B 36 -2.87 -5.52 24.70
C ASN B 36 -2.54 -4.05 24.42
N ILE B 37 -1.25 -3.78 24.21
CA ILE B 37 -0.82 -2.39 24.02
C ILE B 37 -1.55 -1.75 22.86
N VAL B 38 -1.75 -0.43 22.99
CA VAL B 38 -2.44 0.45 22.04
C VAL B 38 -3.74 -0.22 21.55
N ASN B 39 -4.47 -0.80 22.52
CA ASN B 39 -5.82 -1.34 22.29
C ASN B 39 -6.71 -0.38 21.51
N ALA B 40 -6.66 0.92 21.82
CA ALA B 40 -7.53 1.86 21.11
C ALA B 40 -7.21 1.90 19.62
N ILE B 41 -5.92 1.92 19.27
CA ILE B 41 -5.55 1.94 17.86
C ILE B 41 -5.91 0.60 17.20
N TYR B 42 -5.73 -0.51 17.92
CA TYR B 42 -6.17 -1.78 17.35
C TYR B 42 -7.64 -1.72 16.98
N ASN B 43 -8.45 -1.02 17.80
CA ASN B 43 -9.89 -0.96 17.57
C ASN B 43 -10.31 0.22 16.71
N TYR B 44 -9.38 0.96 16.14
CA TYR B 44 -9.70 1.91 15.06
C TYR B 44 -10.27 1.16 13.85
N PRO B 45 -11.00 1.87 12.98
CA PRO B 45 -11.41 1.26 11.70
C PRO B 45 -10.21 0.69 10.94
N THR B 46 -10.45 -0.42 10.23
CA THR B 46 -9.39 -1.04 9.45
C THR B 46 -8.72 -0.06 8.48
N HIS B 47 -9.49 0.83 7.89
CA HIS B 47 -8.97 1.73 6.85
C HIS B 47 -8.29 2.98 7.41
N GLN B 48 -8.16 3.10 8.73
N GLN B 48 -8.17 3.09 8.74
CA GLN B 48 -7.90 4.41 9.33
CA GLN B 48 -7.84 4.37 9.36
C GLN B 48 -6.50 4.92 9.00
C GLN B 48 -6.48 4.90 8.93
N THR B 49 -6.44 6.20 8.66
CA THR B 49 -5.21 6.95 8.47
C THR B 49 -5.12 8.02 9.55
N PHE B 50 -3.92 8.22 10.08
CA PHE B 50 -3.73 9.26 11.08
C PHE B 50 -3.75 10.64 10.42
N PHE B 51 -4.11 11.66 11.20
CA PHE B 51 -4.00 13.00 10.67
C PHE B 51 -2.65 13.64 10.99
N SER B 52 -1.90 13.07 11.93
CA SER B 52 -0.55 13.51 12.24
C SER B 52 0.48 12.80 11.37
N SER B 53 1.57 13.51 11.06
N SER B 53 1.57 13.51 11.06
CA SER B 53 2.74 12.85 10.50
CA SER B 53 2.74 12.86 10.50
C SER B 53 3.33 11.89 11.53
C SER B 53 3.32 11.87 11.52
N SER B 54 4.06 10.89 11.02
CA SER B 54 4.51 9.82 11.92
C SER B 54 5.49 10.33 12.95
N GLU B 55 6.24 11.39 12.66
CA GLU B 55 7.17 11.92 13.65
C GLU B 55 6.43 12.36 14.92
N LYS B 56 5.19 12.84 14.78
CA LYS B 56 4.44 13.32 15.93
C LYS B 56 3.83 12.20 16.76
N LEU B 57 3.95 10.95 16.30
CA LEU B 57 3.52 9.78 17.06
C LEU B 57 4.68 9.11 17.78
N GLU B 58 5.90 9.58 17.57
CA GLU B 58 7.06 8.90 18.14
C GLU B 58 7.09 9.07 19.66
N ILE B 59 7.50 7.99 20.35
CA ILE B 59 7.77 8.04 21.78
C ILE B 59 9.12 7.35 22.00
N GLY B 60 9.77 7.70 23.12
CA GLY B 60 11.04 7.10 23.49
C GLY B 60 12.18 7.31 22.53
N ASP B 61 12.10 8.31 21.66
CA ASP B 61 13.07 8.58 20.60
C ASP B 61 13.21 7.43 19.62
N VAL B 62 12.22 6.55 19.56
CA VAL B 62 12.25 5.44 18.59
C VAL B 62 11.74 5.96 17.26
N ALA B 63 12.56 5.81 16.22
CA ALA B 63 12.18 6.34 14.90
C ALA B 63 10.94 5.65 14.37
N PHE B 64 10.03 6.44 13.79
CA PHE B 64 8.81 5.93 13.15
C PHE B 64 8.97 6.38 11.70
N ILE B 65 9.45 5.48 10.85
N ILE B 65 9.55 5.51 10.87
CA ILE B 65 9.80 5.82 9.48
CA ILE B 65 9.79 5.85 9.47
C ILE B 65 8.67 5.38 8.57
C ILE B 65 8.59 5.43 8.66
N THR B 66 8.13 6.31 7.78
CA THR B 66 7.11 6.00 6.81
C THR B 66 7.53 6.64 5.49
N GLU B 67 7.32 5.89 4.41
CA GLU B 67 7.54 6.50 3.10
C GLU B 67 6.37 7.41 2.75
N ASN B 68 5.17 7.08 3.21
CA ASN B 68 4.06 7.97 2.95
C ASN B 68 4.04 9.09 3.98
N ARG B 69 3.23 10.11 3.68
N ARG B 69 3.25 10.13 3.70
CA ARG B 69 3.20 11.31 4.49
CA ARG B 69 3.28 11.30 4.57
C ARG B 69 2.50 11.07 5.83
C ARG B 69 2.50 11.07 5.86
N LYS B 70 1.41 10.30 5.82
CA LYS B 70 0.64 10.02 7.03
C LYS B 70 0.58 8.52 7.30
N PRO B 71 0.83 8.07 8.52
CA PRO B 71 0.78 6.63 8.79
C PRO B 71 -0.65 6.11 8.84
N VAL B 72 -0.76 4.80 8.65
CA VAL B 72 -2.04 4.13 8.75
C VAL B 72 -2.02 3.24 9.99
N ARG B 73 -3.21 2.80 10.38
CA ARG B 73 -3.43 1.97 11.58
C ARG B 73 -2.36 0.91 11.79
N ASN B 74 -2.15 0.06 10.79
N ASN B 74 -2.16 0.05 10.79
CA ASN B 74 -1.25 -1.08 10.98
CA ASN B 74 -1.23 -1.07 10.96
C ASN B 74 0.21 -0.66 11.07
C ASN B 74 0.20 -0.60 11.18
N GLN B 75 0.57 0.53 10.58
CA GLN B 75 1.92 1.04 10.77
C GLN B 75 2.14 1.44 12.22
N ALA B 76 1.14 2.11 12.80
CA ALA B 76 1.27 2.49 14.18
C ALA B 76 1.28 1.28 15.09
N LEU B 77 0.47 0.25 14.77
CA LEU B 77 0.51 -0.97 15.59
C LEU B 77 1.91 -1.57 15.58
N ALA B 78 2.51 -1.69 14.39
CA ALA B 78 3.86 -2.26 14.32
C ALA B 78 4.86 -1.40 15.08
N TYR B 79 4.69 -0.08 14.99
CA TYR B 79 5.60 0.85 15.66
C TYR B 79 5.55 0.66 17.16
N TYR B 80 4.34 0.70 17.75
CA TYR B 80 4.30 0.66 19.21
C TYR B 80 4.71 -0.72 19.76
N ARG B 81 4.48 -1.81 19.02
CA ARG B 81 5.04 -3.10 19.45
C ARG B 81 6.55 -3.03 19.54
N GLU B 82 7.18 -2.46 18.50
CA GLU B 82 8.64 -2.36 18.52
C GLU B 82 9.14 -1.40 19.60
N VAL B 83 8.39 -0.32 19.89
CA VAL B 83 8.78 0.54 21.02
C VAL B 83 8.82 -0.27 22.31
N VAL B 84 7.77 -1.03 22.57
CA VAL B 84 7.72 -1.74 23.85
C VAL B 84 8.82 -2.78 23.93
N ARG B 85 9.12 -3.46 22.81
CA ARG B 85 10.21 -4.45 22.80
C ARG B 85 11.57 -3.78 23.01
N ARG B 86 11.85 -2.74 22.22
CA ARG B 86 13.17 -2.12 22.24
C ARG B 86 13.46 -1.38 23.54
N LYS B 87 12.42 -0.86 24.20
CA LYS B 87 12.62 -0.09 25.42
C LYS B 87 12.35 -0.89 26.69
N SER B 88 11.97 -2.17 26.53
CA SER B 88 11.75 -3.06 27.66
C SER B 88 10.69 -2.49 28.60
N VAL B 89 9.64 -1.90 28.03
CA VAL B 89 8.52 -1.46 28.85
C VAL B 89 7.83 -2.67 29.47
N ARG B 90 7.45 -2.57 30.74
CA ARG B 90 6.82 -3.66 31.47
C ARG B 90 5.30 -3.52 31.35
N VAL B 91 4.66 -4.46 30.68
CA VAL B 91 3.21 -4.43 30.48
C VAL B 91 2.62 -5.72 31.00
N ASN B 92 1.70 -5.58 31.96
CA ASN B 92 0.79 -6.66 32.34
C ASN B 92 -0.46 -6.48 31.48
N ALA B 93 -0.57 -7.30 30.43
CA ALA B 93 -1.65 -7.21 29.45
C ALA B 93 -2.84 -8.07 29.86
N PHE B 94 -3.98 -7.81 29.22
CA PHE B 94 -5.25 -8.49 29.49
C PHE B 94 -5.56 -8.50 30.98
N GLU B 95 -5.37 -7.35 31.62
CA GLU B 95 -5.56 -7.19 33.05
C GLU B 95 -6.21 -5.85 33.27
N ARG B 96 -7.41 -5.85 33.87
CA ARG B 96 -8.19 -4.63 34.00
C ARG B 96 -8.08 -4.08 35.42
N VAL B 97 -7.67 -2.83 35.56
CA VAL B 97 -7.68 -2.21 36.88
C VAL B 97 -9.13 -1.91 37.28
N GLU B 98 -9.53 -2.39 38.46
CA GLU B 98 -10.89 -2.21 38.95
C GLU B 98 -10.99 -1.07 39.96
N LYS B 99 -10.03 -0.97 40.88
CA LYS B 99 -10.13 -0.03 41.98
C LYS B 99 -8.74 0.47 42.33
N VAL B 100 -8.68 1.73 42.75
CA VAL B 100 -7.49 2.34 43.32
C VAL B 100 -7.90 3.01 44.62
N GLN B 101 -7.32 2.57 45.74
CA GLN B 101 -7.70 3.07 47.05
C GLN B 101 -6.46 3.43 47.83
N LYS B 102 -6.40 4.67 48.32
CA LYS B 102 -5.39 5.03 49.29
C LYS B 102 -5.49 4.10 50.49
N ASP B 103 -4.35 3.55 50.88
CA ASP B 103 -4.17 2.59 51.97
C ASP B 103 -3.47 3.21 53.17
N GLY B 104 -2.25 3.72 52.97
CA GLY B 104 -1.56 4.55 53.92
C GLY B 104 -0.89 5.73 53.25
N GLU B 105 0.44 5.63 53.07
CA GLU B 105 1.17 6.49 52.15
C GLU B 105 1.39 5.79 50.82
N ALA B 106 0.52 4.85 50.48
CA ALA B 106 0.58 4.16 49.19
C ALA B 106 -0.83 3.87 48.73
N PHE B 107 -0.94 3.15 47.62
CA PHE B 107 -2.23 2.86 47.04
C PHE B 107 -2.37 1.36 46.86
N GLN B 108 -3.57 0.84 47.13
CA GLN B 108 -3.90 -0.53 46.78
C GLN B 108 -4.64 -0.51 45.45
N VAL B 109 -4.15 -1.29 44.50
CA VAL B 109 -4.73 -1.36 43.17
C VAL B 109 -5.24 -2.78 42.99
N GLU B 110 -6.55 -2.92 42.78
CA GLU B 110 -7.15 -4.22 42.55
C GLU B 110 -7.44 -4.40 41.07
N THR B 111 -7.15 -5.60 40.55
CA THR B 111 -7.31 -5.90 39.14
C THR B 111 -7.99 -7.24 38.95
N THR B 112 -8.49 -7.44 37.72
CA THR B 112 -9.04 -8.70 37.25
C THR B 112 -8.20 -9.19 36.08
N LYS B 113 -7.65 -10.40 36.20
CA LYS B 113 -6.82 -10.93 35.11
C LYS B 113 -7.67 -11.64 34.07
N ARG B 114 -7.03 -12.06 32.97
CA ARG B 114 -7.77 -12.65 31.85
C ARG B 114 -8.55 -13.89 32.28
N ASP B 115 -8.00 -14.69 33.19
CA ASP B 115 -8.70 -15.89 33.62
C ASP B 115 -9.77 -15.61 34.68
N GLY B 116 -10.04 -14.34 34.97
CA GLY B 116 -11.03 -13.97 35.96
C GLY B 116 -10.50 -13.81 37.36
N SER B 117 -9.26 -14.20 37.63
CA SER B 117 -8.70 -14.12 38.97
C SER B 117 -8.36 -12.68 39.31
N LYS B 118 -8.26 -12.41 40.60
CA LYS B 118 -8.04 -11.07 41.11
C LYS B 118 -6.60 -10.94 41.56
N GLU B 119 -6.03 -9.76 41.34
CA GLU B 119 -4.71 -9.43 41.86
C GLU B 119 -4.80 -8.13 42.65
N ILE B 120 -3.87 -7.97 43.59
CA ILE B 120 -3.77 -6.76 44.39
C ILE B 120 -2.33 -6.29 44.36
N TYR B 121 -2.13 -5.00 44.08
CA TYR B 121 -0.83 -4.38 44.05
C TYR B 121 -0.79 -3.24 45.07
N ILE B 122 0.40 -2.95 45.58
CA ILE B 122 0.64 -1.77 46.40
C ILE B 122 1.62 -0.89 45.63
N ALA B 123 1.21 0.35 45.35
CA ALA B 123 2.01 1.26 44.54
C ALA B 123 2.13 2.60 45.25
N LYS B 124 3.30 3.22 45.12
CA LYS B 124 3.55 4.52 45.73
C LYS B 124 2.96 5.66 44.91
N TYR B 125 2.88 5.50 43.58
CA TYR B 125 2.35 6.52 42.70
C TYR B 125 1.49 5.88 41.63
N ILE B 126 0.43 6.59 41.22
CA ILE B 126 -0.50 6.14 40.21
C ILE B 126 -0.45 7.12 39.05
N VAL B 127 -0.41 6.60 37.83
CA VAL B 127 -0.65 7.39 36.62
C VAL B 127 -1.90 6.84 35.96
N VAL B 128 -2.93 7.67 35.83
CA VAL B 128 -4.15 7.26 35.12
C VAL B 128 -4.03 7.70 33.67
N ALA B 129 -3.94 6.75 32.76
CA ALA B 129 -3.75 7.00 31.34
C ALA B 129 -4.75 6.20 30.52
N THR B 130 -6.03 6.30 30.88
CA THR B 130 -7.05 5.40 30.35
C THR B 130 -7.83 5.96 29.17
N GLY B 131 -7.53 7.18 28.71
CA GLY B 131 -8.13 7.68 27.48
C GLY B 131 -9.63 7.87 27.59
N TYR B 132 -10.32 7.79 26.45
CA TYR B 132 -11.78 7.84 26.47
C TYR B 132 -12.47 6.92 25.46
N TYR B 133 -11.74 6.23 24.59
N TYR B 133 -11.74 6.24 24.58
CA TYR B 133 -12.42 5.47 23.54
CA TYR B 133 -12.39 5.48 23.53
C TYR B 133 -13.23 4.30 24.06
C TYR B 133 -13.25 4.33 24.07
N ASP B 134 -13.08 3.94 25.34
CA ASP B 134 -13.92 2.88 25.88
C ASP B 134 -15.34 3.34 26.20
N ASN B 135 -15.61 4.64 26.22
CA ASN B 135 -16.88 5.13 26.77
C ASN B 135 -17.62 6.01 25.79
N PRO B 136 -18.47 5.44 24.95
CA PRO B 136 -19.21 6.24 23.99
C PRO B 136 -20.19 7.15 24.69
N ASN B 137 -20.49 8.26 24.03
CA ASN B 137 -21.54 9.16 24.49
C ASN B 137 -22.88 8.58 24.10
N TYR B 138 -23.65 8.08 25.08
N TYR B 138 -23.63 8.05 25.07
CA TYR B 138 -24.92 7.45 24.73
CA TYR B 138 -24.93 7.44 24.78
C TYR B 138 -25.98 8.50 24.41
C TYR B 138 -25.92 8.52 24.36
N MET B 139 -26.81 8.19 23.42
CA MET B 139 -27.81 9.12 22.95
C MET B 139 -29.07 9.13 23.81
N ASN B 140 -29.28 8.07 24.59
CA ASN B 140 -30.42 7.98 25.50
C ASN B 140 -31.73 7.90 24.72
N VAL B 141 -31.74 7.09 23.66
N VAL B 141 -31.72 7.05 23.67
CA VAL B 141 -32.95 6.98 22.86
CA VAL B 141 -32.80 6.87 22.71
C VAL B 141 -33.43 5.54 22.83
C VAL B 141 -33.42 5.49 22.90
N PRO B 142 -34.74 5.34 22.85
CA PRO B 142 -35.30 3.98 22.79
C PRO B 142 -34.89 3.31 21.50
N GLY B 143 -34.36 2.09 21.61
CA GLY B 143 -33.83 1.35 20.49
C GLY B 143 -32.32 1.39 20.37
N GLU B 144 -31.65 2.28 21.10
CA GLU B 144 -30.20 2.35 21.07
C GLU B 144 -29.57 1.07 21.58
N GLU B 145 -30.31 0.29 22.38
CA GLU B 145 -29.80 -0.98 22.90
C GLU B 145 -29.82 -2.11 21.88
N LEU B 146 -30.47 -1.92 20.72
CA LEU B 146 -30.55 -2.97 19.71
C LEU B 146 -29.19 -3.29 19.11
N LYS B 147 -29.00 -4.55 18.72
CA LYS B 147 -27.73 -4.98 18.14
C LYS B 147 -27.42 -4.27 16.82
N LYS B 148 -28.45 -3.78 16.12
CA LYS B 148 -28.26 -3.02 14.89
C LYS B 148 -27.72 -1.61 15.12
N VAL B 149 -27.48 -1.21 16.36
CA VAL B 149 -26.88 0.08 16.71
C VAL B 149 -25.49 -0.14 17.27
N ALA B 150 -24.49 0.52 16.68
CA ALA B 150 -23.12 0.47 17.15
C ALA B 150 -22.62 1.88 17.43
N HIS B 151 -21.75 2.03 18.43
N HIS B 151 -21.74 1.95 18.41
CA HIS B 151 -21.11 3.31 18.70
CA HIS B 151 -21.10 3.17 18.85
C HIS B 151 -19.67 3.34 18.22
C HIS B 151 -19.64 3.21 18.40
N TYR B 152 -19.26 2.33 17.47
CA TYR B 152 -17.94 2.22 16.89
C TYR B 152 -18.10 1.83 15.43
N PHE B 153 -17.15 2.24 14.60
CA PHE B 153 -17.11 1.86 13.20
C PHE B 153 -15.83 1.06 12.94
N LYS B 154 -15.97 -0.06 12.24
CA LYS B 154 -14.80 -0.90 11.95
C LYS B 154 -14.57 -1.07 10.46
N GLU B 155 -15.53 -1.65 9.73
CA GLU B 155 -15.38 -1.86 8.30
C GLU B 155 -16.72 -1.64 7.62
N GLY B 156 -16.67 -1.22 6.36
CA GLY B 156 -17.88 -0.89 5.64
C GLY B 156 -18.51 -2.02 4.85
N HIS B 157 -17.70 -3.05 4.49
CA HIS B 157 -18.17 -4.07 3.57
C HIS B 157 -19.54 -4.66 3.91
N PRO B 158 -19.81 -5.12 5.13
CA PRO B 158 -21.09 -5.83 5.36
C PRO B 158 -22.30 -4.93 5.31
N TYR B 159 -22.12 -3.62 5.11
CA TYR B 159 -23.25 -2.71 4.98
C TYR B 159 -23.57 -2.43 3.52
N PHE B 160 -22.91 -3.12 2.59
CA PHE B 160 -23.25 -3.06 1.17
C PHE B 160 -24.74 -3.23 0.95
N ASP B 161 -25.33 -2.29 0.19
CA ASP B 161 -26.73 -2.35 -0.20
C ASP B 161 -27.67 -2.31 1.00
N ARG B 162 -27.23 -1.75 2.12
N ARG B 162 -27.24 -1.77 2.14
CA ARG B 162 -28.07 -1.58 3.31
CA ARG B 162 -28.10 -1.59 3.30
C ARG B 162 -28.38 -0.10 3.52
C ARG B 162 -28.37 -0.11 3.53
N ASP B 163 -29.50 0.17 4.20
CA ASP B 163 -29.87 1.52 4.59
C ASP B 163 -29.23 1.80 5.95
N VAL B 164 -28.32 2.76 6.00
N VAL B 164 -28.30 2.74 6.00
CA VAL B 164 -27.51 3.01 7.19
CA VAL B 164 -27.54 2.99 7.22
C VAL B 164 -27.61 4.48 7.58
C VAL B 164 -27.66 4.46 7.58
N VAL B 165 -27.73 4.73 8.89
CA VAL B 165 -27.70 6.09 9.43
C VAL B 165 -26.41 6.25 10.21
N VAL B 166 -25.74 7.38 10.03
CA VAL B 166 -24.62 7.80 10.86
C VAL B 166 -25.10 8.99 11.66
N ILE B 167 -24.96 8.94 12.97
CA ILE B 167 -25.36 10.03 13.86
C ILE B 167 -24.11 10.71 14.37
N GLY B 168 -24.06 12.03 14.25
CA GLY B 168 -22.94 12.77 14.80
C GLY B 168 -22.32 13.72 13.78
N GLY B 169 -21.49 14.61 14.31
CA GLY B 169 -20.81 15.58 13.48
C GLY B 169 -19.33 15.68 13.81
N LYS B 170 -18.75 14.57 14.26
CA LYS B 170 -17.33 14.51 14.53
C LYS B 170 -16.57 14.01 13.30
N ASN B 171 -15.24 14.13 13.33
CA ASN B 171 -14.45 13.54 12.26
C ASN B 171 -14.77 12.05 12.10
N SER B 172 -15.00 11.36 13.21
CA SER B 172 -15.29 9.92 13.14
C SER B 172 -16.62 9.67 12.43
N SER B 173 -17.61 10.55 12.65
CA SER B 173 -18.91 10.43 11.97
C SER B 173 -18.74 10.60 10.47
N VAL B 174 -17.97 11.61 10.07
CA VAL B 174 -17.80 11.89 8.65
C VAL B 174 -17.00 10.77 7.99
N ASP B 175 -15.97 10.29 8.67
CA ASP B 175 -15.14 9.21 8.15
C ASP B 175 -15.97 7.96 7.92
N ALA B 176 -16.80 7.61 8.90
CA ALA B 176 -17.64 6.43 8.74
C ALA B 176 -18.59 6.60 7.56
N ALA B 177 -19.22 7.77 7.44
CA ALA B 177 -20.14 7.99 6.33
C ALA B 177 -19.42 7.79 5.00
N LEU B 178 -18.21 8.32 4.87
CA LEU B 178 -17.49 8.20 3.61
C LEU B 178 -17.12 6.75 3.30
N GLU B 179 -16.71 6.01 4.32
CA GLU B 179 -16.34 4.61 4.07
C GLU B 179 -17.58 3.79 3.76
N LEU B 180 -18.71 4.12 4.39
CA LEU B 180 -19.95 3.44 4.07
C LEU B 180 -20.41 3.72 2.64
N VAL B 181 -20.27 4.97 2.17
CA VAL B 181 -20.57 5.25 0.76
C VAL B 181 -19.68 4.41 -0.15
N LYS B 182 -18.37 4.40 0.11
CA LYS B 182 -17.44 3.62 -0.69
C LYS B 182 -17.83 2.15 -0.72
N SER B 183 -18.41 1.66 0.37
CA SER B 183 -18.83 0.26 0.49
C SER B 183 -20.22 -0.01 -0.07
N GLY B 184 -20.86 0.99 -0.66
CA GLY B 184 -22.16 0.83 -1.30
C GLY B 184 -23.36 0.79 -0.39
N ALA B 185 -23.23 1.30 0.84
CA ALA B 185 -24.42 1.53 1.66
C ALA B 185 -25.15 2.79 1.19
N ARG B 186 -26.45 2.86 1.51
CA ARG B 186 -27.23 4.07 1.30
C ARG B 186 -27.24 4.85 2.62
N VAL B 187 -26.53 5.98 2.64
CA VAL B 187 -26.11 6.63 3.88
C VAL B 187 -26.93 7.88 4.10
N THR B 188 -27.47 8.00 5.32
CA THR B 188 -28.13 9.19 5.83
C THR B 188 -27.33 9.63 7.06
N VAL B 189 -27.00 10.92 7.13
CA VAL B 189 -26.24 11.46 8.26
C VAL B 189 -27.16 12.41 9.02
N LEU B 190 -27.24 12.23 10.34
CA LEU B 190 -28.04 13.08 11.23
C LEU B 190 -27.12 13.78 12.21
N TYR B 191 -27.30 15.10 12.36
CA TYR B 191 -26.45 15.90 13.22
C TYR B 191 -27.28 16.98 13.89
N ARG B 192 -27.12 17.10 15.21
CA ARG B 192 -27.86 18.10 15.97
C ARG B 192 -27.43 19.52 15.64
N GLY B 193 -26.20 19.70 15.14
CA GLY B 193 -25.72 21.02 14.80
C GLY B 193 -26.35 21.55 13.54
N ILE B 194 -26.18 22.86 13.32
CA ILE B 194 -26.78 23.52 12.18
C ILE B 194 -25.81 23.73 11.02
N GLU B 195 -24.51 23.65 11.26
CA GLU B 195 -23.52 23.73 10.20
C GLU B 195 -22.42 22.71 10.48
N TYR B 196 -21.56 22.51 9.48
CA TYR B 196 -20.44 21.61 9.66
C TYR B 196 -19.58 22.07 10.84
N SER B 197 -19.21 21.14 11.70
CA SER B 197 -18.35 21.47 12.81
C SER B 197 -17.02 22.01 12.28
N PRO B 198 -16.48 23.08 12.88
CA PRO B 198 -15.16 23.56 12.45
C PRO B 198 -14.06 22.55 12.71
N SER B 199 -14.32 21.50 13.50
CA SER B 199 -13.32 20.49 13.83
C SER B 199 -13.15 19.44 12.75
N ILE B 200 -14.05 19.35 11.78
CA ILE B 200 -13.84 18.41 10.68
C ILE B 200 -12.57 18.80 9.96
N LYS B 201 -11.67 17.84 9.78
CA LYS B 201 -10.39 18.14 9.16
C LYS B 201 -10.62 18.79 7.80
N PRO B 202 -9.89 19.88 7.49
CA PRO B 202 -10.20 20.63 6.26
C PRO B 202 -9.96 19.84 4.99
N TRP B 203 -9.17 18.77 5.03
CA TRP B 203 -8.97 17.96 3.83
C TRP B 203 -9.96 16.82 3.70
N ILE B 204 -10.85 16.62 4.69
CA ILE B 204 -11.84 15.55 4.64
C ILE B 204 -13.20 16.11 4.24
N LEU B 205 -13.48 17.34 4.68
CA LEU B 205 -14.79 17.92 4.43
C LEU B 205 -15.15 18.04 2.94
N PRO B 206 -14.25 18.41 2.02
CA PRO B 206 -14.73 18.63 0.63
C PRO B 206 -15.33 17.39 0.00
N GLU B 207 -14.75 16.21 0.24
CA GLU B 207 -15.36 14.99 -0.31
C GLU B 207 -16.76 14.79 0.26
N PHE B 208 -16.92 15.00 1.56
CA PHE B 208 -18.24 14.84 2.18
C PHE B 208 -19.23 15.86 1.62
N GLU B 209 -18.83 17.13 1.57
CA GLU B 209 -19.73 18.15 1.05
C GLU B 209 -20.15 17.82 -0.38
N ALA B 210 -19.21 17.33 -1.19
CA ALA B 210 -19.53 17.00 -2.58
C ALA B 210 -20.57 15.89 -2.66
N LEU B 211 -20.50 14.89 -1.77
CA LEU B 211 -21.48 13.80 -1.77
C LEU B 211 -22.84 14.25 -1.26
N VAL B 212 -22.87 15.27 -0.39
CA VAL B 212 -24.14 15.85 -0.02
C VAL B 212 -24.72 16.62 -1.19
N ARG B 213 -23.88 17.40 -1.86
CA ARG B 213 -24.37 18.27 -2.93
C ARG B 213 -24.89 17.48 -4.12
N ASN B 214 -24.28 16.34 -4.45
CA ASN B 214 -24.77 15.56 -5.58
C ASN B 214 -25.81 14.52 -5.19
N GLY B 215 -26.31 14.55 -3.95
CA GLY B 215 -27.43 13.72 -3.56
C GLY B 215 -27.07 12.32 -3.12
N THR B 216 -25.78 11.98 -3.03
CA THR B 216 -25.40 10.63 -2.65
C THR B 216 -25.66 10.39 -1.16
N ILE B 217 -25.32 11.36 -0.33
CA ILE B 217 -25.55 11.30 1.11
C ILE B 217 -26.73 12.18 1.45
N GLN B 218 -27.70 11.63 2.18
CA GLN B 218 -28.82 12.40 2.71
C GLN B 218 -28.38 12.99 4.04
N MET B 219 -28.39 14.32 4.13
CA MET B 219 -27.77 15.03 5.25
C MET B 219 -28.83 15.92 5.90
N HIS B 220 -29.00 15.76 7.22
CA HIS B 220 -30.01 16.51 7.96
C HIS B 220 -29.34 17.20 9.13
N PHE B 221 -29.23 18.53 9.06
CA PHE B 221 -28.76 19.33 10.17
C PHE B 221 -29.94 19.64 11.11
N GLY B 222 -29.59 19.92 12.37
CA GLY B 222 -30.61 20.15 13.39
C GLY B 222 -31.48 18.95 13.66
N ALA B 223 -30.98 17.74 13.39
CA ALA B 223 -31.75 16.52 13.56
C ALA B 223 -31.50 15.92 14.94
N HIS B 224 -32.59 15.48 15.58
CA HIS B 224 -32.54 14.84 16.89
C HIS B 224 -33.23 13.49 16.77
N VAL B 225 -32.50 12.42 17.07
CA VAL B 225 -33.07 11.08 16.94
C VAL B 225 -34.00 10.81 18.10
N LYS B 226 -35.19 10.31 17.80
CA LYS B 226 -36.20 10.04 18.83
C LYS B 226 -36.44 8.56 19.07
N GLU B 227 -36.22 7.71 18.07
CA GLU B 227 -36.51 6.29 18.21
C GLU B 227 -35.78 5.51 17.15
N ILE B 228 -35.30 4.32 17.52
CA ILE B 228 -34.73 3.33 16.60
C ILE B 228 -35.51 2.04 16.78
N THR B 229 -36.04 1.51 15.68
CA THR B 229 -36.64 0.18 15.69
C THR B 229 -35.84 -0.73 14.77
N GLU B 230 -36.26 -1.99 14.66
CA GLU B 230 -35.50 -2.92 13.83
C GLU B 230 -35.39 -2.44 12.39
N HIS B 231 -36.43 -1.76 11.89
CA HIS B 231 -36.48 -1.42 10.47
C HIS B 231 -36.67 0.05 10.17
N THR B 232 -36.79 0.89 11.20
CA THR B 232 -37.01 2.31 10.99
C THR B 232 -36.19 3.11 11.99
N LEU B 233 -36.11 4.40 11.70
CA LEU B 233 -35.53 5.38 12.61
C LEU B 233 -36.34 6.66 12.48
N THR B 234 -36.67 7.27 13.62
CA THR B 234 -37.47 8.49 13.65
C THR B 234 -36.62 9.60 14.24
N PHE B 235 -36.60 10.76 13.57
CA PHE B 235 -35.88 11.91 14.07
C PHE B 235 -36.71 13.15 13.80
N THR B 236 -36.43 14.20 14.54
CA THR B 236 -37.13 15.47 14.35
C THR B 236 -36.15 16.55 13.90
N VAL B 237 -36.67 17.48 13.11
CA VAL B 237 -35.99 18.71 12.79
C VAL B 237 -37.01 19.81 12.99
N ASP B 238 -36.69 20.79 13.84
CA ASP B 238 -37.61 21.88 14.16
C ASP B 238 -38.94 21.35 14.69
N GLY B 239 -38.86 20.27 15.47
CA GLY B 239 -40.04 19.65 16.03
C GLY B 239 -40.80 18.73 15.10
N GLU B 240 -40.55 18.78 13.80
CA GLU B 240 -41.28 17.97 12.84
C GLU B 240 -40.61 16.59 12.74
N ALA B 241 -41.38 15.53 12.94
CA ALA B 241 -40.82 14.19 12.93
C ALA B 241 -40.82 13.59 11.53
N LEU B 242 -39.79 12.80 11.26
CA LEU B 242 -39.70 11.99 10.06
C LEU B 242 -39.23 10.60 10.45
N THR B 243 -39.89 9.59 9.89
CA THR B 243 -39.48 8.20 10.05
C THR B 243 -38.93 7.72 8.72
N ILE B 244 -37.71 7.17 8.73
CA ILE B 244 -37.10 6.64 7.50
C ILE B 244 -36.84 5.16 7.67
N LYS B 245 -36.81 4.45 6.55
CA LYS B 245 -36.36 3.06 6.55
C LYS B 245 -34.89 3.00 6.96
N ASN B 246 -34.54 2.01 7.77
CA ASN B 246 -33.19 1.96 8.32
C ASN B 246 -32.85 0.54 8.72
N ASP B 247 -31.68 0.05 8.29
CA ASP B 247 -31.22 -1.26 8.69
C ASP B 247 -30.21 -1.22 9.84
N PHE B 248 -29.26 -0.29 9.81
CA PHE B 248 -28.17 -0.25 10.77
C PHE B 248 -27.88 1.19 11.14
N VAL B 249 -27.43 1.40 12.39
CA VAL B 249 -27.14 2.74 12.88
C VAL B 249 -25.73 2.78 13.43
N PHE B 250 -24.95 3.78 13.02
CA PHE B 250 -23.66 4.06 13.63
C PHE B 250 -23.82 5.34 14.42
N ALA B 251 -23.88 5.21 15.74
CA ALA B 251 -24.02 6.39 16.61
C ALA B 251 -22.60 6.88 16.89
N MET B 252 -22.12 7.80 16.03
CA MET B 252 -20.74 8.30 16.09
C MET B 252 -20.72 9.65 16.79
N THR B 253 -21.16 9.60 18.04
N THR B 253 -21.16 9.62 18.03
CA THR B 253 -21.40 10.75 18.90
CA THR B 253 -21.39 10.81 18.81
C THR B 253 -20.24 11.04 19.85
C THR B 253 -20.17 11.25 19.63
N GLY B 254 -19.07 10.51 19.58
CA GLY B 254 -17.91 10.78 20.42
C GLY B 254 -17.88 9.95 21.67
N TYR B 255 -16.91 10.29 22.54
CA TYR B 255 -16.49 9.48 23.68
C TYR B 255 -16.17 10.42 24.83
N HIS B 256 -16.02 9.86 26.02
CA HIS B 256 -15.70 10.68 27.18
C HIS B 256 -14.83 9.87 28.12
N PRO B 257 -14.00 10.53 28.94
CA PRO B 257 -13.21 9.79 29.93
C PRO B 257 -14.11 9.18 31.00
N ASP B 258 -13.57 8.19 31.71
CA ASP B 258 -14.36 7.51 32.74
C ASP B 258 -14.24 8.29 34.04
N HIS B 259 -15.15 9.25 34.24
CA HIS B 259 -15.03 10.09 35.43
C HIS B 259 -15.38 9.31 36.70
N SER B 260 -16.28 8.34 36.59
CA SER B 260 -16.61 7.50 37.75
C SER B 260 -15.36 6.84 38.32
N PHE B 261 -14.53 6.28 37.42
CA PHE B 261 -13.26 5.69 37.83
C PHE B 261 -12.38 6.71 38.55
N LEU B 262 -12.34 7.95 38.04
CA LEU B 262 -11.51 8.98 38.67
C LEU B 262 -12.10 9.43 40.01
N THR B 263 -13.42 9.69 40.05
CA THR B 263 -14.02 10.20 41.27
C THR B 263 -13.94 9.18 42.41
N LYS B 264 -14.09 7.89 42.11
CA LYS B 264 -13.93 6.88 43.15
C LYS B 264 -12.49 6.81 43.65
N MET B 265 -11.56 7.37 42.90
CA MET B 265 -10.15 7.41 43.26
C MET B 265 -9.80 8.63 44.08
N GLY B 266 -10.71 9.60 44.20
CA GLY B 266 -10.45 10.84 44.90
C GLY B 266 -10.15 12.04 44.02
N VAL B 267 -10.36 11.93 42.72
CA VAL B 267 -10.00 12.97 41.76
C VAL B 267 -11.24 13.81 41.44
N GLN B 268 -11.09 15.12 41.52
CA GLN B 268 -12.21 16.04 41.25
C GLN B 268 -12.33 16.34 39.76
N ILE B 269 -13.57 16.56 39.32
CA ILE B 269 -13.91 16.79 37.92
C ILE B 269 -14.63 18.12 37.81
N ASP B 270 -14.44 18.82 36.69
CA ASP B 270 -15.19 20.04 36.41
C ASP B 270 -16.49 19.70 35.70
N GLU B 271 -17.61 20.24 36.22
CA GLU B 271 -18.91 19.69 35.85
C GLU B 271 -19.35 20.09 34.44
N GLU B 272 -18.95 21.27 33.96
CA GLU B 272 -19.38 21.70 32.63
C GLU B 272 -18.41 21.28 31.53
N THR B 273 -17.10 21.31 31.76
CA THR B 273 -16.14 20.70 30.86
C THR B 273 -15.48 19.55 31.61
N GLY B 274 -15.80 18.32 31.20
CA GLY B 274 -15.38 17.14 31.92
C GLY B 274 -13.88 16.99 32.07
N ARG B 275 -13.23 17.99 32.68
CA ARG B 275 -11.78 18.01 32.83
C ARG B 275 -11.41 17.79 34.29
N PRO B 276 -10.53 16.83 34.58
CA PRO B 276 -10.09 16.62 35.95
C PRO B 276 -9.23 17.78 36.42
N PHE B 277 -9.29 18.06 37.72
N PHE B 277 -9.26 18.01 37.73
CA PHE B 277 -8.39 19.06 38.27
CA PHE B 277 -8.39 19.00 38.36
C PHE B 277 -6.98 18.49 38.29
C PHE B 277 -6.96 18.49 38.34
N TYR B 278 -6.04 19.28 37.79
CA TYR B 278 -4.63 18.91 37.81
C TYR B 278 -3.78 20.16 37.62
N THR B 279 -2.54 20.07 38.09
CA THR B 279 -1.54 21.12 37.91
C THR B 279 -0.66 20.74 36.73
N GLU B 280 -0.71 21.56 35.68
CA GLU B 280 -0.16 21.17 34.38
C GLU B 280 1.33 20.86 34.45
N ASP B 281 2.10 21.62 35.25
CA ASP B 281 3.54 21.40 35.21
C ASP B 281 3.97 20.15 36.00
N ARG B 282 3.03 19.49 36.69
CA ARG B 282 3.28 18.20 37.30
C ARG B 282 2.41 17.08 36.73
N MET B 283 1.34 17.43 36.01
CA MET B 283 0.29 16.50 35.60
C MET B 283 -0.21 15.67 36.79
N GLU B 284 -0.25 16.30 37.97
CA GLU B 284 -0.73 15.68 39.19
C GLU B 284 -2.13 16.20 39.53
N THR B 285 -3.05 15.29 39.82
CA THR B 285 -4.41 15.67 40.16
C THR B 285 -4.48 16.25 41.57
N ASN B 286 -5.70 16.65 41.98
CA ASN B 286 -5.92 17.12 43.34
C ASN B 286 -5.62 16.04 44.37
N ALA B 287 -5.65 14.78 43.98
CA ALA B 287 -5.32 13.66 44.86
C ALA B 287 -3.82 13.43 44.80
N GLU B 288 -3.16 13.57 45.95
CA GLU B 288 -1.71 13.49 46.02
C GLU B 288 -1.21 12.17 45.43
N ASN B 289 -0.18 12.26 44.58
CA ASN B 289 0.50 11.13 43.95
C ASN B 289 -0.40 10.34 43.00
N ILE B 290 -1.53 10.91 42.59
CA ILE B 290 -2.28 10.36 41.47
C ILE B 290 -2.13 11.34 40.32
N PHE B 291 -1.45 10.89 39.26
CA PHE B 291 -1.19 11.68 38.07
C PHE B 291 -2.11 11.23 36.93
N ILE B 292 -2.15 12.04 35.87
CA ILE B 292 -2.86 11.69 34.66
C ILE B 292 -1.96 11.96 33.46
N ALA B 293 -2.18 11.17 32.41
CA ALA B 293 -1.39 11.25 31.19
C ALA B 293 -2.31 10.94 30.02
N GLY B 294 -2.22 11.75 28.97
CA GLY B 294 -2.93 11.46 27.73
C GLY B 294 -4.23 12.21 27.62
N VAL B 295 -5.09 11.70 26.73
CA VAL B 295 -6.32 12.42 26.42
C VAL B 295 -7.31 12.43 27.56
N ILE B 296 -7.11 11.58 28.58
CA ILE B 296 -7.97 11.64 29.76
C ILE B 296 -7.95 13.03 30.37
N ALA B 297 -6.85 13.76 30.22
CA ALA B 297 -6.73 15.08 30.80
C ALA B 297 -7.59 16.12 30.09
N ALA B 298 -8.19 15.80 28.95
CA ALA B 298 -8.94 16.78 28.19
C ALA B 298 -10.36 16.94 28.72
N GLY B 299 -11.01 18.03 28.31
CA GLY B 299 -12.38 18.33 28.68
C GLY B 299 -13.29 18.63 27.50
N ASN B 300 -14.21 19.61 27.66
CA ASN B 300 -15.29 19.99 26.75
C ASN B 300 -15.61 18.91 25.72
N ASN B 301 -15.67 19.25 24.45
CA ASN B 301 -15.65 18.19 23.45
C ASN B 301 -14.25 18.02 22.86
N ALA B 302 -13.24 17.93 23.75
CA ALA B 302 -11.86 17.60 23.40
C ALA B 302 -11.28 18.49 22.32
N ASN B 303 -10.49 17.89 21.43
CA ASN B 303 -9.72 18.55 20.38
C ASN B 303 -8.56 19.34 20.96
N GLU B 304 -8.27 19.18 22.24
CA GLU B 304 -7.11 19.85 22.84
C GLU B 304 -5.92 18.91 23.05
N ILE B 305 -6.16 17.64 23.35
CA ILE B 305 -5.09 16.68 23.64
C ILE B 305 -5.18 15.50 22.69
N PHE B 306 -4.09 15.23 21.98
CA PHE B 306 -3.97 14.04 21.15
C PHE B 306 -2.59 13.45 21.44
N ILE B 307 -2.14 12.53 20.57
CA ILE B 307 -0.87 11.85 20.83
C ILE B 307 0.27 12.85 20.79
N GLU B 308 0.20 13.83 19.88
CA GLU B 308 1.32 14.75 19.66
C GLU B 308 1.71 15.48 20.94
N ASN B 309 0.73 16.02 21.68
CA ASN B 309 1.05 16.67 22.95
C ASN B 309 0.84 15.78 24.17
N GLY B 310 -0.09 14.82 24.11
CA GLY B 310 -0.27 13.94 25.24
C GLY B 310 0.95 13.09 25.52
N ARG B 311 1.78 12.84 24.51
CA ARG B 311 2.95 11.99 24.69
C ARG B 311 4.03 12.64 25.56
N PHE B 312 3.90 13.91 25.92
CA PHE B 312 4.87 14.57 26.76
C PHE B 312 4.43 14.69 28.21
N HIS B 313 3.21 14.28 28.53
CA HIS B 313 2.74 14.38 29.91
C HIS B 313 3.66 13.64 30.87
N GLY B 314 4.17 12.48 30.44
CA GLY B 314 5.02 11.68 31.30
C GLY B 314 6.31 12.38 31.72
N ASP B 315 6.79 13.35 30.92
CA ASP B 315 7.99 14.07 31.32
C ASP B 315 7.77 14.86 32.60
N ALA B 316 6.60 15.50 32.73
CA ALA B 316 6.27 16.25 33.93
C ALA B 316 6.05 15.33 35.11
N ILE B 317 5.33 14.22 34.90
CA ILE B 317 5.15 13.20 35.93
C ILE B 317 6.50 12.69 36.41
N ALA B 318 7.37 12.33 35.47
CA ALA B 318 8.66 11.73 35.83
C ALA B 318 9.53 12.69 36.62
N GLN B 319 9.50 13.97 36.25
CA GLN B 319 10.29 14.94 37.00
C GLN B 319 9.78 15.11 38.42
N THR B 320 8.45 15.08 38.60
CA THR B 320 7.85 15.20 39.93
C THR B 320 8.14 13.96 40.78
N ILE B 321 7.95 12.77 40.21
CA ILE B 321 8.16 11.54 40.98
C ILE B 321 9.62 11.39 41.35
N ALA B 322 10.53 11.74 40.43
CA ALA B 322 11.96 11.68 40.73
C ALA B 322 12.32 12.55 41.91
N SER B 323 11.80 13.79 41.94
CA SER B 323 12.07 14.70 43.05
C SER B 323 11.62 14.11 44.37
N ARG B 324 10.46 13.47 44.39
CA ARG B 324 9.95 12.89 45.63
C ARG B 324 10.60 11.56 45.97
N GLU B 325 11.42 11.02 45.08
CA GLU B 325 12.05 9.73 45.31
C GLU B 325 13.54 9.81 45.61
N LYS B 326 14.18 10.95 45.34
CA LYS B 326 15.61 11.09 45.57
C LYS B 326 15.95 10.97 47.05
N MET C 1 42.13 24.33 0.20
CA MET C 1 42.29 23.03 0.82
C MET C 1 41.48 22.92 2.10
N GLN C 2 40.77 21.81 2.26
CA GLN C 2 40.02 21.50 3.47
C GLN C 2 40.62 20.27 4.12
N LYS C 3 40.88 20.35 5.43
CA LYS C 3 41.48 19.26 6.17
C LYS C 3 40.40 18.36 6.76
N GLU C 4 40.63 17.05 6.69
CA GLU C 4 39.75 16.05 7.29
C GLU C 4 40.61 14.97 7.94
N THR C 5 40.12 14.43 9.05
CA THR C 5 40.71 13.22 9.61
C THR C 5 40.45 12.03 8.69
N VAL C 6 39.18 11.80 8.35
CA VAL C 6 38.76 10.65 7.55
C VAL C 6 37.83 11.14 6.45
N ILE C 7 38.09 10.73 5.21
CA ILE C 7 37.15 10.94 4.12
C ILE C 7 36.62 9.59 3.69
N ILE C 8 35.29 9.46 3.66
CA ILE C 8 34.63 8.25 3.17
C ILE C 8 34.14 8.56 1.76
N ILE C 9 34.54 7.74 0.81
CA ILE C 9 34.11 7.91 -0.58
C ILE C 9 32.91 7.00 -0.81
N GLY C 10 31.75 7.62 -1.00
CA GLY C 10 30.51 6.89 -1.22
C GLY C 10 29.58 6.97 -0.03
N GLY C 11 28.33 7.36 -0.27
CA GLY C 11 27.34 7.49 0.78
C GLY C 11 26.21 6.50 0.66
N GLY C 12 26.53 5.26 0.30
CA GLY C 12 25.55 4.22 0.36
C GLY C 12 25.44 3.70 1.79
N PRO C 13 24.65 2.65 1.99
CA PRO C 13 24.41 2.18 3.36
C PRO C 13 25.69 1.86 4.12
N CYS C 14 26.68 1.29 3.45
CA CYS C 14 27.88 0.89 4.18
C CYS C 14 28.81 2.07 4.42
N GLY C 15 28.89 3.02 3.49
CA GLY C 15 29.64 4.24 3.76
C GLY C 15 29.03 5.05 4.90
N LEU C 16 27.69 5.13 4.92
CA LEU C 16 27.03 5.81 6.03
C LEU C 16 27.25 5.08 7.34
N ALA C 17 27.17 3.75 7.31
CA ALA C 17 27.46 2.97 8.50
C ALA C 17 28.88 3.22 8.99
N ALA C 18 29.85 3.31 8.06
CA ALA C 18 31.22 3.61 8.44
C ALA C 18 31.33 4.97 9.11
N ALA C 19 30.55 5.95 8.63
CA ALA C 19 30.59 7.28 9.24
C ALA C 19 30.09 7.24 10.67
N ILE C 20 28.94 6.57 10.90
CA ILE C 20 28.37 6.49 12.24
C ILE C 20 29.27 5.69 13.18
N SER C 21 29.97 4.67 12.66
CA SER C 21 30.93 3.95 13.49
C SER C 21 32.07 4.86 13.94
N LEU C 22 32.56 5.70 13.04
CA LEU C 22 33.63 6.62 13.43
C LEU C 22 33.13 7.68 14.39
N GLN C 23 31.87 8.12 14.23
CA GLN C 23 31.28 9.03 15.21
C GLN C 23 31.35 8.46 16.62
N LYS C 24 31.04 7.17 16.77
CA LYS C 24 31.02 6.52 18.08
C LYS C 24 32.39 6.45 18.75
N VAL C 25 33.47 6.76 18.03
CA VAL C 25 34.79 6.83 18.63
C VAL C 25 35.33 8.26 18.61
N GLY C 26 34.45 9.25 18.45
CA GLY C 26 34.82 10.64 18.57
C GLY C 26 35.30 11.30 17.29
N ILE C 27 35.08 10.69 16.13
CA ILE C 27 35.53 11.21 14.84
C ILE C 27 34.30 11.35 13.97
N ASN C 28 33.94 12.60 13.63
CA ASN C 28 32.83 12.76 12.70
C ASN C 28 33.40 12.99 11.31
N PRO C 29 33.42 11.98 10.44
CA PRO C 29 34.14 12.08 9.18
C PRO C 29 33.34 12.84 8.12
N LEU C 30 33.96 13.04 6.96
CA LEU C 30 33.28 13.62 5.81
C LEU C 30 32.97 12.51 4.80
N VAL C 31 31.70 12.40 4.43
CA VAL C 31 31.28 11.50 3.36
C VAL C 31 31.17 12.32 2.08
N ILE C 32 31.80 11.86 1.01
CA ILE C 32 31.71 12.51 -0.29
C ILE C 32 30.99 11.56 -1.25
N GLU C 33 29.86 12.00 -1.81
CA GLU C 33 28.95 11.16 -2.58
C GLU C 33 28.61 11.86 -3.89
N LYS C 34 28.76 11.15 -5.03
CA LYS C 34 28.59 11.79 -6.32
C LYS C 34 27.14 12.10 -6.67
N GLY C 35 26.18 11.38 -6.10
CA GLY C 35 24.77 11.73 -6.20
C GLY C 35 24.31 12.21 -4.85
N ASN C 36 23.13 11.80 -4.41
CA ASN C 36 22.77 12.00 -3.02
C ASN C 36 22.92 10.67 -2.28
N ILE C 37 22.63 10.67 -0.97
CA ILE C 37 22.82 9.47 -0.18
C ILE C 37 22.04 8.29 -0.78
N VAL C 38 22.58 7.09 -0.57
CA VAL C 38 22.03 5.82 -1.08
C VAL C 38 21.56 5.96 -2.53
N ASN C 39 22.39 6.62 -3.35
CA ASN C 39 22.18 6.71 -4.80
C ASN C 39 21.85 5.36 -5.43
N ALA C 40 22.52 4.29 -4.99
CA ALA C 40 22.28 2.99 -5.58
C ALA C 40 20.86 2.51 -5.34
N ILE C 41 20.35 2.68 -4.11
CA ILE C 41 18.97 2.32 -3.84
C ILE C 41 17.99 3.20 -4.61
N TYR C 42 18.31 4.50 -4.74
CA TYR C 42 17.47 5.37 -5.55
C TYR C 42 17.36 4.85 -6.96
N ASN C 43 18.44 4.28 -7.51
CA ASN C 43 18.41 3.74 -8.86
C ASN C 43 18.04 2.25 -8.92
N TYR C 44 17.55 1.64 -7.83
CA TYR C 44 16.86 0.33 -7.90
C TYR C 44 15.59 0.45 -8.75
N PRO C 45 15.06 -0.68 -9.22
CA PRO C 45 13.74 -0.66 -9.85
C PRO C 45 12.71 -0.04 -8.92
N THR C 46 11.75 0.67 -9.50
CA THR C 46 10.83 1.47 -8.69
C THR C 46 10.15 0.66 -7.61
N HIS C 47 9.70 -0.54 -7.95
CA HIS C 47 8.89 -1.34 -7.05
C HIS C 47 9.68 -2.45 -6.37
N GLN C 48 10.99 -2.27 -6.24
CA GLN C 48 11.85 -3.33 -5.74
C GLN C 48 11.53 -3.67 -4.30
N THR C 49 11.44 -4.96 -4.00
CA THR C 49 11.37 -5.41 -2.62
C THR C 49 12.72 -5.98 -2.23
N PHE C 50 13.16 -5.63 -1.01
CA PHE C 50 14.41 -6.16 -0.46
C PHE C 50 14.25 -7.65 -0.11
N PHE C 51 15.37 -8.37 -0.16
CA PHE C 51 15.31 -9.74 0.35
C PHE C 51 15.61 -9.83 1.84
N SER C 52 16.21 -8.79 2.43
CA SER C 52 16.43 -8.73 3.87
C SER C 52 15.22 -8.15 4.58
N SER C 53 14.95 -8.67 5.77
CA SER C 53 14.02 -7.97 6.65
C SER C 53 14.63 -6.63 7.05
N SER C 54 13.76 -5.70 7.45
CA SER C 54 14.22 -4.33 7.66
C SER C 54 15.20 -4.23 8.84
N GLU C 55 15.10 -5.12 9.83
CA GLU C 55 16.00 -5.02 10.97
C GLU C 55 17.46 -5.21 10.53
N LYS C 56 17.69 -5.99 9.47
CA LYS C 56 19.02 -6.27 8.96
C LYS C 56 19.58 -5.13 8.11
N LEU C 57 18.77 -4.12 7.79
CA LEU C 57 19.25 -2.92 7.12
C LEU C 57 19.53 -1.78 8.09
N GLU C 58 19.24 -1.95 9.38
CA GLU C 58 19.39 -0.84 10.32
C GLU C 58 20.85 -0.48 10.53
N ILE C 59 21.14 0.82 10.63
CA ILE C 59 22.45 1.32 11.00
C ILE C 59 22.28 2.40 12.06
N GLY C 60 23.33 2.60 12.85
CA GLY C 60 23.30 3.63 13.87
C GLY C 60 22.24 3.43 14.94
N ASP C 61 21.72 2.21 15.08
CA ASP C 61 20.66 1.88 16.04
C ASP C 61 19.37 2.62 15.74
N VAL C 62 19.23 3.17 14.54
CA VAL C 62 18.00 3.86 14.18
C VAL C 62 16.99 2.81 13.75
N ALA C 63 15.83 2.80 14.41
CA ALA C 63 14.86 1.75 14.15
C ALA C 63 14.33 1.84 12.72
N PHE C 64 14.26 0.69 12.05
CA PHE C 64 13.68 0.55 10.71
C PHE C 64 12.55 -0.45 10.87
N ILE C 65 11.39 0.06 11.22
CA ILE C 65 10.22 -0.76 11.54
C ILE C 65 9.29 -0.74 10.34
N THR C 66 8.83 -1.91 9.90
CA THR C 66 7.91 -1.98 8.77
C THR C 66 6.72 -2.85 9.16
N GLU C 67 5.55 -2.54 8.59
CA GLU C 67 4.38 -3.38 8.85
C GLU C 67 4.43 -4.67 8.06
N ASN C 68 4.97 -4.62 6.84
CA ASN C 68 5.21 -5.81 6.06
C ASN C 68 6.51 -6.47 6.50
N ARG C 69 6.75 -7.67 5.96
CA ARG C 69 7.91 -8.42 6.41
C ARG C 69 9.19 -7.99 5.70
N LYS C 70 9.11 -7.60 4.43
CA LYS C 70 10.27 -7.14 3.70
C LYS C 70 10.07 -5.69 3.26
N PRO C 71 11.04 -4.81 3.42
CA PRO C 71 10.87 -3.41 2.99
C PRO C 71 11.00 -3.28 1.49
N VAL C 72 10.42 -2.20 0.98
CA VAL C 72 10.52 -1.85 -0.43
C VAL C 72 11.45 -0.65 -0.57
N ARG C 73 11.89 -0.43 -1.81
CA ARG C 73 12.80 0.68 -2.13
C ARG C 73 12.44 1.99 -1.43
N ASN C 74 11.19 2.45 -1.54
N ASN C 74 11.19 2.45 -1.54
CA ASN C 74 10.86 3.77 -1.03
CA ASN C 74 10.91 3.79 -1.03
C ASN C 74 10.93 3.83 0.50
C ASN C 74 10.93 3.83 0.51
N GLN C 75 10.71 2.70 1.17
CA GLN C 75 10.84 2.66 2.62
C GLN C 75 12.30 2.80 3.01
N ALA C 76 13.20 2.08 2.31
CA ALA C 76 14.61 2.22 2.60
C ALA C 76 15.12 3.64 2.33
N LEU C 77 14.64 4.27 1.25
CA LEU C 77 15.05 5.65 0.98
C LEU C 77 14.67 6.56 2.13
N ALA C 78 13.43 6.43 2.62
CA ALA C 78 13.00 7.24 3.75
C ALA C 78 13.83 6.94 4.99
N TYR C 79 14.14 5.66 5.21
CA TYR C 79 14.93 5.28 6.38
C TYR C 79 16.30 5.94 6.38
N TYR C 80 17.02 5.85 5.25
CA TYR C 80 18.38 6.36 5.28
C TYR C 80 18.44 7.89 5.31
N ARG C 81 17.42 8.58 4.78
CA ARG C 81 17.36 10.02 4.99
C ARG C 81 17.23 10.33 6.46
N GLU C 82 16.35 9.63 7.16
CA GLU C 82 16.20 9.87 8.59
C GLU C 82 17.45 9.50 9.38
N VAL C 83 18.17 8.45 8.96
CA VAL C 83 19.44 8.14 9.63
C VAL C 83 20.41 9.29 9.52
N VAL C 84 20.60 9.80 8.30
CA VAL C 84 21.55 10.88 8.09
C VAL C 84 21.14 12.13 8.86
N ARG C 85 19.85 12.44 8.87
CA ARG C 85 19.38 13.61 9.62
C ARG C 85 19.59 13.41 11.13
N ARG C 86 19.17 12.26 11.64
CA ARG C 86 19.17 12.05 13.10
C ARG C 86 20.58 11.90 13.66
N LYS C 87 21.50 11.32 12.90
CA LYS C 87 22.87 11.12 13.34
C LYS C 87 23.82 12.24 12.93
N SER C 88 23.31 13.26 12.23
CA SER C 88 24.11 14.40 11.78
C SER C 88 25.36 13.97 11.03
N VAL C 89 25.21 12.98 10.15
CA VAL C 89 26.30 12.60 9.26
C VAL C 89 26.57 13.74 8.29
N ARG C 90 27.86 14.07 8.11
N ARG C 90 27.85 14.11 8.13
CA ARG C 90 28.27 15.13 7.20
CA ARG C 90 28.22 15.17 7.20
C ARG C 90 28.45 14.51 5.82
C ARG C 90 28.46 14.56 5.82
N VAL C 91 27.64 14.96 4.86
CA VAL C 91 27.70 14.45 3.49
C VAL C 91 27.91 15.65 2.56
N ASN C 92 28.98 15.60 1.77
CA ASN C 92 29.15 16.46 0.61
C ASN C 92 28.58 15.72 -0.58
N ALA C 93 27.38 16.10 -0.99
CA ALA C 93 26.67 15.41 -2.06
C ALA C 93 26.91 16.08 -3.41
N PHE C 94 26.57 15.35 -4.46
CA PHE C 94 26.79 15.78 -5.84
C PHE C 94 28.23 16.19 -6.04
N GLU C 95 29.13 15.37 -5.49
CA GLU C 95 30.56 15.61 -5.57
C GLU C 95 31.26 14.28 -5.85
N ARG C 96 31.99 14.21 -6.95
CA ARG C 96 32.62 12.98 -7.39
C ARG C 96 34.11 13.01 -7.06
N VAL C 97 34.57 12.01 -6.33
CA VAL C 97 36.00 11.90 -6.04
C VAL C 97 36.69 11.36 -7.29
N GLU C 98 37.68 12.09 -7.77
CA GLU C 98 38.39 11.72 -9.00
C GLU C 98 39.70 11.02 -8.73
N LYS C 99 40.47 11.49 -7.75
CA LYS C 99 41.79 10.93 -7.46
C LYS C 99 42.02 10.93 -5.95
N VAL C 100 42.77 9.92 -5.49
CA VAL C 100 43.38 9.91 -4.17
C VAL C 100 44.87 9.63 -4.35
N GLN C 101 45.71 10.50 -3.79
CA GLN C 101 47.15 10.41 -3.98
C GLN C 101 47.86 10.68 -2.66
N LYS C 102 48.83 9.84 -2.33
CA LYS C 102 49.59 10.01 -1.09
C LYS C 102 50.35 11.32 -1.10
N ASP C 103 50.38 11.99 0.06
CA ASP C 103 50.95 13.34 0.18
C ASP C 103 51.52 13.45 1.59
N GLY C 104 52.76 13.00 1.76
CA GLY C 104 53.35 12.93 3.08
C GLY C 104 52.77 11.76 3.85
N GLU C 105 52.33 12.02 5.08
CA GLU C 105 51.58 11.01 5.84
C GLU C 105 50.10 11.37 5.87
N ALA C 106 49.57 11.76 4.72
CA ALA C 106 48.14 11.98 4.52
C ALA C 106 47.87 11.82 3.03
N PHE C 107 46.64 12.12 2.62
CA PHE C 107 46.23 11.93 1.24
C PHE C 107 45.63 13.22 0.69
N GLN C 108 45.94 13.51 -0.57
CA GLN C 108 45.31 14.57 -1.31
C GLN C 108 44.14 13.98 -2.09
N VAL C 109 42.93 14.51 -1.86
CA VAL C 109 41.72 14.01 -2.48
C VAL C 109 41.18 15.08 -3.41
N GLU C 110 41.11 14.76 -4.71
CA GLU C 110 40.63 15.69 -5.71
C GLU C 110 39.23 15.27 -6.13
N THR C 111 38.31 16.23 -6.21
CA THR C 111 36.92 15.97 -6.52
C THR C 111 36.44 16.93 -7.60
N THR C 112 35.29 16.59 -8.19
CA THR C 112 34.58 17.46 -9.12
C THR C 112 33.19 17.70 -8.59
N LYS C 113 32.83 18.98 -8.42
CA LYS C 113 31.53 19.37 -7.91
C LYS C 113 30.48 19.35 -9.01
N ARG C 114 29.22 19.52 -8.59
CA ARG C 114 28.10 19.48 -9.54
C ARG C 114 28.28 20.52 -10.65
N ASP C 115 28.80 21.70 -10.31
CA ASP C 115 28.91 22.79 -11.28
C ASP C 115 30.13 22.69 -12.19
N GLY C 116 30.93 21.62 -12.05
CA GLY C 116 32.11 21.43 -12.87
C GLY C 116 33.41 21.88 -12.22
N SER C 117 33.34 22.61 -11.11
CA SER C 117 34.54 23.09 -10.45
C SER C 117 35.24 21.95 -9.71
N LYS C 118 36.50 22.18 -9.40
CA LYS C 118 37.34 21.19 -8.74
C LYS C 118 37.58 21.62 -7.30
N GLU C 119 37.78 20.63 -6.43
CA GLU C 119 38.06 20.87 -5.03
C GLU C 119 39.12 19.88 -4.58
N ILE C 120 39.88 20.24 -3.56
CA ILE C 120 40.96 19.40 -3.07
C ILE C 120 40.90 19.33 -1.55
N TYR C 121 41.14 18.14 -1.00
CA TYR C 121 41.10 17.88 0.44
C TYR C 121 42.38 17.18 0.86
N ILE C 122 42.73 17.32 2.13
CA ILE C 122 43.80 16.55 2.74
C ILE C 122 43.17 15.73 3.85
N ALA C 123 43.27 14.42 3.74
CA ALA C 123 42.69 13.51 4.71
C ALA C 123 43.78 12.60 5.26
N LYS C 124 43.70 12.32 6.55
CA LYS C 124 44.65 11.40 7.15
C LYS C 124 44.32 9.94 6.81
N TYR C 125 43.03 9.62 6.69
CA TYR C 125 42.59 8.27 6.39
C TYR C 125 41.53 8.31 5.29
N ILE C 126 41.49 7.24 4.49
CA ILE C 126 40.56 7.10 3.37
C ILE C 126 39.78 5.80 3.54
N VAL C 127 38.45 5.89 3.44
CA VAL C 127 37.57 4.73 3.35
C VAL C 127 36.91 4.76 1.98
N VAL C 128 37.22 3.77 1.14
CA VAL C 128 36.61 3.64 -0.18
C VAL C 128 35.37 2.77 0.00
N ALA C 129 34.19 3.35 -0.24
CA ALA C 129 32.91 2.69 -0.07
C ALA C 129 32.04 2.90 -1.29
N THR C 130 32.61 2.66 -2.48
CA THR C 130 31.99 3.05 -3.73
C THR C 130 31.17 1.94 -4.39
N GLY C 131 31.09 0.76 -3.77
CA GLY C 131 30.19 -0.30 -4.28
C GLY C 131 30.59 -0.79 -5.66
N TYR C 132 29.58 -1.23 -6.44
CA TYR C 132 29.85 -1.55 -7.84
C TYR C 132 28.71 -1.24 -8.81
N TYR C 133 27.56 -0.78 -8.34
N TYR C 133 27.55 -0.78 -8.33
CA TYR C 133 26.41 -0.63 -9.23
CA TYR C 133 26.38 -0.61 -9.19
C TYR C 133 26.63 0.40 -10.32
C TYR C 133 26.64 0.39 -10.32
N ASP C 134 27.65 1.24 -10.20
CA ASP C 134 27.96 2.19 -11.27
C ASP C 134 28.58 1.54 -12.50
N ASN C 135 29.05 0.30 -12.41
CA ASN C 135 29.94 -0.27 -13.44
C ASN C 135 29.40 -1.61 -13.93
N PRO C 136 28.51 -1.60 -14.93
CA PRO C 136 27.98 -2.86 -15.45
C PRO C 136 29.06 -3.74 -16.02
N ASN C 137 28.81 -5.05 -15.92
CA ASN C 137 29.59 -6.07 -16.62
C ASN C 137 29.15 -6.06 -18.07
N TYR C 138 29.86 -5.34 -18.93
CA TYR C 138 29.45 -5.26 -20.32
C TYR C 138 29.72 -6.58 -21.04
N MET C 139 28.84 -6.89 -22.01
CA MET C 139 28.95 -8.13 -22.77
C MET C 139 29.92 -8.02 -23.94
N ASN C 140 30.19 -6.81 -24.41
CA ASN C 140 31.10 -6.58 -25.52
C ASN C 140 30.67 -7.43 -26.73
N VAL C 141 29.40 -7.28 -27.10
CA VAL C 141 28.86 -7.88 -28.31
C VAL C 141 28.39 -6.74 -29.20
N PRO C 142 28.40 -6.92 -30.53
CA PRO C 142 27.91 -5.86 -31.42
C PRO C 142 26.44 -5.58 -31.18
N GLY C 143 26.10 -4.30 -31.14
CA GLY C 143 24.77 -3.86 -30.86
C GLY C 143 24.52 -3.51 -29.41
N GLU C 144 25.45 -3.85 -28.51
CA GLU C 144 25.25 -3.55 -27.10
C GLU C 144 25.12 -2.06 -26.84
N GLU C 145 25.64 -1.20 -27.72
CA GLU C 145 25.60 0.24 -27.51
C GLU C 145 24.31 0.88 -28.03
N LEU C 146 23.44 0.11 -28.68
CA LEU C 146 22.15 0.63 -29.10
C LEU C 146 21.33 1.07 -27.90
N LYS C 147 20.51 2.11 -28.09
CA LYS C 147 19.75 2.63 -26.98
C LYS C 147 18.67 1.67 -26.50
N LYS C 148 18.29 0.69 -27.33
CA LYS C 148 17.34 -0.34 -26.94
C LYS C 148 17.91 -1.34 -25.92
N VAL C 149 19.18 -1.19 -25.53
CA VAL C 149 19.88 -2.10 -24.62
C VAL C 149 20.21 -1.34 -23.34
N ALA C 150 19.81 -1.89 -22.20
CA ALA C 150 20.04 -1.27 -20.90
C ALA C 150 20.62 -2.31 -19.93
N HIS C 151 21.53 -1.85 -19.06
CA HIS C 151 22.10 -2.71 -18.03
C HIS C 151 21.48 -2.43 -16.68
N TYR C 152 20.38 -1.69 -16.65
CA TYR C 152 19.61 -1.41 -15.45
C TYR C 152 18.13 -1.58 -15.79
N PHE C 153 17.33 -1.93 -14.79
CA PHE C 153 15.89 -2.08 -14.97
C PHE C 153 15.19 -1.11 -14.01
N LYS C 154 14.18 -0.39 -14.51
CA LYS C 154 13.43 0.54 -13.68
C LYS C 154 11.98 0.12 -13.49
N GLU C 155 11.20 0.08 -14.58
CA GLU C 155 9.78 -0.29 -14.52
C GLU C 155 9.39 -1.03 -15.79
N GLY C 156 8.37 -1.86 -15.67
CA GLY C 156 7.98 -2.69 -16.80
C GLY C 156 6.95 -2.08 -17.74
N HIS C 157 6.16 -1.11 -17.25
CA HIS C 157 5.03 -0.60 -18.03
C HIS C 157 5.33 -0.30 -19.49
N PRO C 158 6.39 0.43 -19.86
CA PRO C 158 6.49 0.87 -21.26
C PRO C 158 6.91 -0.24 -22.19
N TYR C 159 7.10 -1.45 -21.67
CA TYR C 159 7.42 -2.60 -22.50
C TYR C 159 6.19 -3.45 -22.77
N PHE C 160 5.00 -2.96 -22.36
CA PHE C 160 3.74 -3.57 -22.73
C PHE C 160 3.69 -3.86 -24.23
N ASP C 161 3.35 -5.11 -24.56
CA ASP C 161 3.15 -5.57 -25.95
C ASP C 161 4.44 -5.51 -26.76
N ARG C 162 5.60 -5.56 -26.11
CA ARG C 162 6.88 -5.53 -26.80
C ARG C 162 7.62 -6.84 -26.56
N ASP C 163 8.52 -7.17 -27.49
CA ASP C 163 9.33 -8.37 -27.39
C ASP C 163 10.63 -8.01 -26.67
N VAL C 164 10.82 -8.59 -25.47
CA VAL C 164 11.91 -8.18 -24.60
C VAL C 164 12.75 -9.38 -24.22
N VAL C 165 14.07 -9.22 -24.26
CA VAL C 165 15.01 -10.23 -23.79
C VAL C 165 15.61 -9.73 -22.49
N VAL C 166 15.68 -10.60 -21.49
CA VAL C 166 16.45 -10.35 -20.28
C VAL C 166 17.65 -11.30 -20.30
N ILE C 167 18.86 -10.75 -20.14
CA ILE C 167 20.07 -11.55 -20.11
C ILE C 167 20.54 -11.64 -18.65
N GLY C 168 20.87 -12.84 -18.20
CA GLY C 168 21.43 -13.02 -16.87
C GLY C 168 20.63 -14.03 -16.06
N GLY C 169 21.17 -14.33 -14.88
CA GLY C 169 20.60 -15.39 -14.07
C GLY C 169 20.58 -15.11 -12.58
N LYS C 170 20.77 -13.85 -12.18
CA LYS C 170 20.69 -13.46 -10.78
C LYS C 170 19.26 -13.03 -10.46
N ASN C 171 19.03 -12.63 -9.20
CA ASN C 171 17.72 -12.14 -8.82
C ASN C 171 17.29 -10.98 -9.69
N SER C 172 18.24 -10.11 -10.07
N SER C 172 18.25 -10.12 -10.08
CA SER C 172 17.86 -8.95 -10.87
CA SER C 172 17.93 -8.96 -10.91
C SER C 172 17.24 -9.37 -12.20
C SER C 172 17.26 -9.39 -12.21
N SER C 173 17.74 -10.45 -12.79
N SER C 173 17.74 -10.46 -12.81
CA SER C 173 17.18 -10.94 -14.05
CA SER C 173 17.17 -10.94 -14.06
C SER C 173 15.79 -11.53 -13.83
C SER C 173 15.79 -11.55 -13.84
N VAL C 174 15.64 -12.38 -12.81
CA VAL C 174 14.36 -13.00 -12.54
C VAL C 174 13.32 -11.95 -12.16
N ASP C 175 13.70 -11.00 -11.31
CA ASP C 175 12.79 -9.93 -10.90
C ASP C 175 12.34 -9.09 -12.10
N ALA C 176 13.28 -8.71 -12.96
CA ALA C 176 12.94 -7.97 -14.17
C ALA C 176 12.00 -8.79 -15.05
N ALA C 177 12.33 -10.06 -15.27
CA ALA C 177 11.48 -10.88 -16.14
C ALA C 177 10.05 -10.95 -15.60
N LEU C 178 9.89 -11.15 -14.28
CA LEU C 178 8.55 -11.27 -13.72
C LEU C 178 7.78 -9.96 -13.86
N GLU C 179 8.42 -8.83 -13.58
N GLU C 179 8.44 -8.84 -13.59
CA GLU C 179 7.70 -7.57 -13.73
CA GLU C 179 7.79 -7.53 -13.72
C GLU C 179 7.36 -7.30 -15.19
C GLU C 179 7.40 -7.27 -15.17
N LEU C 180 8.27 -7.64 -16.11
CA LEU C 180 7.96 -7.49 -17.52
C LEU C 180 6.77 -8.35 -17.94
N VAL C 181 6.69 -9.59 -17.42
CA VAL C 181 5.54 -10.44 -17.72
C VAL C 181 4.25 -9.80 -17.19
N LYS C 182 4.29 -9.29 -15.96
CA LYS C 182 3.12 -8.64 -15.39
C LYS C 182 2.71 -7.41 -16.20
N SER C 183 3.67 -6.74 -16.83
CA SER C 183 3.40 -5.55 -17.64
C SER C 183 2.98 -5.89 -19.06
N GLY C 184 2.86 -7.15 -19.44
CA GLY C 184 2.41 -7.49 -20.79
C GLY C 184 3.48 -7.58 -21.85
N ALA C 185 4.76 -7.62 -21.47
CA ALA C 185 5.82 -7.88 -22.44
C ALA C 185 5.88 -9.36 -22.75
N ARG C 186 6.43 -9.69 -23.92
CA ARG C 186 6.72 -11.07 -24.32
C ARG C 186 8.19 -11.32 -24.01
N VAL C 187 8.45 -12.12 -22.96
CA VAL C 187 9.76 -12.17 -22.34
C VAL C 187 10.50 -13.43 -22.74
N THR C 188 11.76 -13.27 -23.16
CA THR C 188 12.72 -14.34 -23.34
C THR C 188 13.88 -14.10 -22.38
N VAL C 189 14.28 -15.12 -21.64
CA VAL C 189 15.40 -15.01 -20.72
C VAL C 189 16.55 -15.85 -21.25
N LEU C 190 17.74 -15.24 -21.34
CA LEU C 190 18.94 -15.89 -21.86
C LEU C 190 19.99 -15.92 -20.76
N TYR C 191 20.53 -17.09 -20.45
CA TYR C 191 21.47 -17.20 -19.35
C TYR C 191 22.58 -18.17 -19.69
N ARG C 192 23.83 -17.76 -19.43
CA ARG C 192 24.99 -18.58 -19.79
C ARG C 192 25.12 -19.80 -18.88
N GLY C 193 24.59 -19.73 -17.66
CA GLY C 193 24.63 -20.88 -16.78
C GLY C 193 23.71 -21.99 -17.26
N ILE C 194 23.88 -23.17 -16.67
CA ILE C 194 23.13 -24.34 -17.08
C ILE C 194 22.12 -24.79 -16.03
N GLU C 195 22.04 -24.10 -14.90
CA GLU C 195 21.00 -24.34 -13.92
C GLU C 195 20.72 -23.03 -13.18
N TYR C 196 19.61 -23.01 -12.44
CA TYR C 196 19.24 -21.80 -11.72
C TYR C 196 20.27 -21.45 -10.67
N SER C 197 20.60 -20.16 -10.59
CA SER C 197 21.57 -19.70 -9.60
C SER C 197 21.04 -19.98 -8.20
N PRO C 198 21.87 -20.52 -7.30
CA PRO C 198 21.43 -20.69 -5.91
C PRO C 198 21.15 -19.40 -5.18
N SER C 199 21.47 -18.25 -5.77
CA SER C 199 21.21 -16.96 -5.15
C SER C 199 19.80 -16.45 -5.39
N ILE C 200 19.04 -17.09 -6.28
CA ILE C 200 17.66 -16.66 -6.51
C ILE C 200 16.87 -16.85 -5.22
N LYS C 201 16.14 -15.80 -4.82
CA LYS C 201 15.30 -15.88 -3.63
C LYS C 201 14.44 -17.12 -3.71
N PRO C 202 14.48 -18.02 -2.72
N PRO C 202 14.48 -18.02 -2.72
CA PRO C 202 13.73 -19.29 -2.84
CA PRO C 202 13.73 -19.28 -2.83
C PRO C 202 12.23 -19.10 -2.92
C PRO C 202 12.22 -19.09 -2.93
N TRP C 203 11.69 -17.98 -2.44
CA TRP C 203 10.27 -17.68 -2.55
C TRP C 203 9.88 -17.04 -3.87
N ILE C 204 10.86 -16.68 -4.71
CA ILE C 204 10.56 -16.13 -6.02
C ILE C 204 10.76 -17.15 -7.13
N LEU C 205 11.70 -18.07 -6.97
CA LEU C 205 11.95 -19.08 -8.00
C LEU C 205 10.71 -19.85 -8.43
N PRO C 206 9.78 -20.26 -7.54
CA PRO C 206 8.67 -21.08 -8.02
C PRO C 206 7.79 -20.38 -9.05
N GLU C 207 7.53 -19.08 -8.88
CA GLU C 207 6.72 -18.35 -9.85
C GLU C 207 7.42 -18.30 -11.20
N PHE C 208 8.71 -17.98 -11.20
CA PHE C 208 9.49 -17.99 -12.44
C PHE C 208 9.48 -19.37 -13.09
N GLU C 209 9.78 -20.42 -12.31
CA GLU C 209 9.78 -21.76 -12.87
C GLU C 209 8.42 -22.13 -13.45
N ALA C 210 7.34 -21.72 -12.78
CA ALA C 210 6.00 -22.04 -13.27
C ALA C 210 5.74 -21.38 -14.60
N LEU C 211 6.26 -20.17 -14.80
CA LEU C 211 6.04 -19.45 -16.05
C LEU C 211 6.91 -19.99 -17.18
N VAL C 212 8.07 -20.56 -16.86
CA VAL C 212 8.81 -21.27 -17.90
C VAL C 212 8.08 -22.55 -18.28
N ARG C 213 7.53 -23.24 -17.28
CA ARG C 213 6.91 -24.54 -17.54
C ARG C 213 5.66 -24.40 -18.41
N ASN C 214 4.86 -23.36 -18.19
N ASN C 214 4.85 -23.36 -18.19
CA ASN C 214 3.63 -23.15 -18.94
CA ASN C 214 3.63 -23.22 -18.98
C ASN C 214 3.84 -22.38 -20.23
C ASN C 214 3.84 -22.39 -20.26
N GLY C 215 5.09 -22.11 -20.62
CA GLY C 215 5.38 -21.45 -21.88
C GLY C 215 5.25 -19.94 -21.90
N THR C 216 4.96 -19.30 -20.76
CA THR C 216 4.85 -17.85 -20.77
C THR C 216 6.21 -17.19 -20.99
N ILE C 217 7.25 -17.71 -20.33
CA ILE C 217 8.60 -17.21 -20.48
C ILE C 217 9.40 -18.20 -21.30
N GLN C 218 10.05 -17.72 -22.36
CA GLN C 218 11.02 -18.53 -23.08
C GLN C 218 12.35 -18.45 -22.34
N MET C 219 12.87 -19.59 -21.91
CA MET C 219 14.07 -19.65 -21.07
C MET C 219 15.12 -20.46 -21.79
N HIS C 220 16.32 -19.89 -21.93
CA HIS C 220 17.42 -20.58 -22.61
C HIS C 220 18.64 -20.61 -21.70
N PHE C 221 18.95 -21.77 -21.15
CA PHE C 221 20.19 -21.98 -20.41
C PHE C 221 21.34 -22.24 -21.37
N GLY C 222 22.55 -21.97 -20.89
CA GLY C 222 23.72 -22.12 -21.75
C GLY C 222 23.68 -21.21 -22.96
N ALA C 223 23.05 -20.05 -22.85
CA ALA C 223 22.91 -19.14 -23.98
C ALA C 223 24.01 -18.09 -23.96
N HIS C 224 24.54 -17.78 -25.14
CA HIS C 224 25.56 -16.75 -25.29
C HIS C 224 25.12 -15.81 -26.41
N VAL C 225 24.93 -14.54 -26.07
CA VAL C 225 24.45 -13.56 -27.03
C VAL C 225 25.57 -13.20 -27.98
N LYS C 226 25.27 -13.20 -29.28
CA LYS C 226 26.28 -12.94 -30.30
C LYS C 226 26.09 -11.61 -31.02
N GLU C 227 24.85 -11.12 -31.15
CA GLU C 227 24.59 -9.88 -31.86
C GLU C 227 23.23 -9.32 -31.47
N ILE C 228 23.15 -7.99 -31.40
CA ILE C 228 21.90 -7.27 -31.19
C ILE C 228 21.72 -6.27 -32.32
N THR C 229 20.57 -6.31 -32.98
CA THR C 229 20.20 -5.30 -33.96
C THR C 229 18.96 -4.55 -33.46
N GLU C 230 18.47 -3.62 -34.28
CA GLU C 230 17.32 -2.83 -33.83
C GLU C 230 16.10 -3.69 -33.60
N HIS C 231 15.93 -4.75 -34.38
CA HIS C 231 14.71 -5.55 -34.32
C HIS C 231 14.96 -7.03 -34.11
N THR C 232 16.22 -7.47 -33.94
CA THR C 232 16.54 -8.87 -33.73
C THR C 232 17.63 -9.01 -32.68
N LEU C 233 17.80 -10.23 -32.19
CA LEU C 233 18.87 -10.61 -31.30
C LEU C 233 19.27 -12.03 -31.65
N THR C 234 20.57 -12.27 -31.77
CA THR C 234 21.10 -13.59 -32.11
C THR C 234 21.92 -14.13 -30.95
N PHE C 235 21.68 -15.39 -30.61
CA PHE C 235 22.42 -16.06 -29.54
C PHE C 235 22.64 -17.52 -29.93
N THR C 236 23.63 -18.14 -29.28
CA THR C 236 23.95 -19.54 -29.51
C THR C 236 23.72 -20.37 -28.24
N VAL C 237 23.30 -21.62 -28.44
CA VAL C 237 23.29 -22.65 -27.41
C VAL C 237 23.92 -23.88 -28.02
N ASP C 238 24.98 -24.40 -27.40
CA ASP C 238 25.76 -25.51 -27.97
C ASP C 238 26.25 -25.15 -29.38
N GLY C 239 26.67 -23.90 -29.55
CA GLY C 239 27.19 -23.44 -30.82
C GLY C 239 26.16 -23.29 -31.93
N GLU C 240 24.90 -23.63 -31.68
CA GLU C 240 23.83 -23.45 -32.66
C GLU C 240 23.20 -22.08 -32.48
N ALA C 241 23.21 -21.27 -33.54
CA ALA C 241 22.71 -19.91 -33.49
C ALA C 241 21.22 -19.86 -33.77
N LEU C 242 20.51 -19.07 -32.97
N LEU C 242 20.51 -19.06 -32.98
CA LEU C 242 19.11 -18.75 -33.20
CA LEU C 242 19.11 -18.75 -33.18
C LEU C 242 18.95 -17.24 -33.20
C LEU C 242 18.94 -17.24 -33.19
N THR C 243 18.16 -16.73 -34.14
CA THR C 243 17.85 -15.32 -34.23
C THR C 243 16.37 -15.13 -33.93
N ILE C 244 16.04 -14.20 -33.03
CA ILE C 244 14.66 -13.95 -32.62
C ILE C 244 14.34 -12.48 -32.79
N LYS C 245 13.04 -12.19 -33.00
CA LYS C 245 12.57 -10.83 -32.98
C LYS C 245 12.75 -10.23 -31.59
N ASN C 246 13.10 -8.95 -31.54
CA ASN C 246 13.45 -8.31 -30.28
C ASN C 246 13.36 -6.80 -30.38
N ASP C 247 12.59 -6.20 -29.47
CA ASP C 247 12.51 -4.74 -29.37
C ASP C 247 13.48 -4.15 -28.36
N PHE C 248 13.61 -4.75 -27.18
CA PHE C 248 14.38 -4.15 -26.09
C PHE C 248 15.15 -5.26 -25.37
N VAL C 249 16.30 -4.91 -24.83
CA VAL C 249 17.17 -5.86 -24.12
C VAL C 249 17.49 -5.30 -22.75
N PHE C 250 17.31 -6.11 -21.70
CA PHE C 250 17.83 -5.76 -20.38
C PHE C 250 18.97 -6.71 -20.08
N ALA C 251 20.20 -6.19 -20.13
CA ALA C 251 21.40 -6.98 -19.90
C ALA C 251 21.69 -6.94 -18.41
N MET C 252 21.10 -7.89 -17.67
CA MET C 252 21.23 -7.90 -16.21
C MET C 252 22.37 -8.83 -15.81
N THR C 253 23.56 -8.44 -16.26
CA THR C 253 24.74 -9.27 -16.19
C THR C 253 25.64 -8.92 -15.01
N GLY C 254 25.11 -8.17 -14.02
CA GLY C 254 25.89 -7.81 -12.85
C GLY C 254 26.81 -6.62 -13.06
N TYR C 255 27.67 -6.40 -12.06
CA TYR C 255 28.42 -5.15 -11.86
C TYR C 255 29.77 -5.50 -11.25
N HIS C 256 30.70 -4.54 -11.25
CA HIS C 256 32.04 -4.76 -10.75
C HIS C 256 32.62 -3.46 -10.23
N PRO C 257 33.60 -3.49 -9.33
CA PRO C 257 34.13 -2.27 -8.72
C PRO C 257 34.90 -1.40 -9.72
N ASP C 258 35.13 -0.15 -9.30
CA ASP C 258 35.84 0.86 -10.11
C ASP C 258 37.33 0.60 -9.98
N HIS C 259 37.81 -0.34 -10.80
CA HIS C 259 39.19 -0.84 -10.70
C HIS C 259 40.21 0.25 -11.00
N SER C 260 39.95 1.07 -12.01
CA SER C 260 40.86 2.16 -12.32
C SER C 260 41.02 3.09 -11.13
N PHE C 261 39.92 3.31 -10.39
CA PHE C 261 39.96 4.20 -9.23
C PHE C 261 40.83 3.63 -8.11
N LEU C 262 40.69 2.33 -7.83
CA LEU C 262 41.42 1.73 -6.72
C LEU C 262 42.90 1.59 -7.02
N THR C 263 43.23 1.19 -8.25
CA THR C 263 44.64 0.95 -8.56
C THR C 263 45.41 2.26 -8.66
N LYS C 264 44.77 3.32 -9.17
CA LYS C 264 45.47 4.59 -9.29
C LYS C 264 45.81 5.20 -7.93
N MET C 265 45.08 4.83 -6.87
N MET C 265 45.09 4.83 -6.88
CA MET C 265 45.43 5.26 -5.53
CA MET C 265 45.42 5.26 -5.53
C MET C 265 46.34 4.28 -4.81
C MET C 265 46.32 4.27 -4.80
N GLY C 266 46.81 3.24 -5.49
CA GLY C 266 47.77 2.32 -4.92
C GLY C 266 47.21 1.04 -4.34
N VAL C 267 45.94 0.76 -4.53
CA VAL C 267 45.32 -0.46 -4.03
C VAL C 267 45.49 -1.55 -5.07
N GLN C 268 45.87 -2.74 -4.62
CA GLN C 268 46.01 -3.88 -5.51
C GLN C 268 44.65 -4.57 -5.65
N ILE C 269 44.38 -5.05 -6.86
CA ILE C 269 43.16 -5.81 -7.16
C ILE C 269 43.57 -7.14 -7.78
N ASP C 270 42.71 -8.14 -7.59
CA ASP C 270 42.84 -9.39 -8.33
C ASP C 270 42.18 -9.20 -9.68
N GLU C 271 42.96 -9.37 -10.76
CA GLU C 271 42.45 -9.01 -12.09
C GLU C 271 41.32 -9.94 -12.54
N GLU C 272 41.31 -11.18 -12.06
CA GLU C 272 40.29 -12.14 -12.49
C GLU C 272 38.99 -11.94 -11.72
N THR C 273 39.06 -11.85 -10.38
CA THR C 273 37.88 -11.68 -9.55
C THR C 273 37.52 -10.22 -9.32
N GLY C 274 38.49 -9.32 -9.32
CA GLY C 274 38.23 -7.91 -9.10
C GLY C 274 38.27 -7.45 -7.66
N ARG C 275 38.53 -8.37 -6.70
CA ARG C 275 38.55 -8.05 -5.28
C ARG C 275 39.81 -7.29 -4.91
N PRO C 276 39.69 -6.24 -4.09
CA PRO C 276 40.89 -5.61 -3.53
C PRO C 276 41.45 -6.46 -2.41
N PHE C 277 42.77 -6.35 -2.21
CA PHE C 277 43.42 -7.02 -1.09
C PHE C 277 43.22 -6.22 0.19
N TYR C 278 42.86 -6.91 1.26
CA TYR C 278 42.65 -6.24 2.54
C TYR C 278 42.78 -7.26 3.67
N THR C 279 42.95 -6.75 4.88
CA THR C 279 42.98 -7.55 6.09
C THR C 279 41.66 -7.37 6.81
N GLU C 280 40.92 -8.47 6.98
CA GLU C 280 39.52 -8.38 7.40
C GLU C 280 39.38 -7.83 8.81
N ASP C 281 40.34 -8.10 9.69
N ASP C 281 40.34 -8.09 9.70
CA ASP C 281 40.26 -7.62 11.07
CA ASP C 281 40.21 -7.61 11.07
C ASP C 281 40.30 -6.10 11.14
C ASP C 281 40.33 -6.10 11.17
N ARG C 282 40.84 -5.44 10.13
CA ARG C 282 40.93 -3.98 10.10
C ARG C 282 40.22 -3.36 8.89
N MET C 283 39.87 -4.16 7.87
CA MET C 283 39.35 -3.68 6.60
C MET C 283 40.30 -2.68 5.93
N GLU C 284 41.60 -2.87 6.11
CA GLU C 284 42.61 -2.02 5.51
C GLU C 284 43.24 -2.70 4.31
N THR C 285 43.40 -1.98 3.22
CA THR C 285 43.96 -2.55 1.99
C THR C 285 45.47 -2.70 2.13
N ASN C 286 46.12 -3.09 1.03
CA ASN C 286 47.57 -3.16 0.97
C ASN C 286 48.22 -1.79 1.10
N ALA C 287 47.47 -0.72 0.87
CA ALA C 287 47.97 0.65 0.99
C ALA C 287 47.61 1.18 2.38
N GLU C 288 48.62 1.58 3.13
CA GLU C 288 48.45 2.01 4.51
C GLU C 288 47.44 3.15 4.62
N ASN C 289 46.56 3.05 5.61
CA ASN C 289 45.53 4.03 5.95
C ASN C 289 44.48 4.20 4.87
N ILE C 290 44.42 3.33 3.87
CA ILE C 290 43.30 3.28 2.92
C ILE C 290 42.47 2.04 3.25
N PHE C 291 41.22 2.26 3.62
CA PHE C 291 40.28 1.23 4.04
C PHE C 291 39.21 1.05 2.98
N ILE C 292 38.50 -0.06 3.06
CA ILE C 292 37.33 -0.31 2.23
C ILE C 292 36.16 -0.72 3.11
N ALA C 293 34.96 -0.38 2.66
CA ALA C 293 33.73 -0.70 3.36
C ALA C 293 32.66 -1.03 2.34
N GLY C 294 31.88 -2.06 2.60
CA GLY C 294 30.76 -2.41 1.76
C GLY C 294 31.07 -3.43 0.69
N VAL C 295 30.20 -3.46 -0.33
CA VAL C 295 30.28 -4.49 -1.34
C VAL C 295 31.47 -4.35 -2.27
N ILE C 296 32.17 -3.20 -2.24
CA ILE C 296 33.41 -3.10 -3.00
C ILE C 296 34.41 -4.18 -2.57
N ALA C 297 34.32 -4.65 -1.34
CA ALA C 297 35.25 -5.66 -0.84
C ALA C 297 34.99 -7.04 -1.43
N ALA C 298 33.94 -7.22 -2.23
CA ALA C 298 33.56 -8.56 -2.64
C ALA C 298 33.84 -8.87 -4.11
N GLY C 299 33.98 -7.85 -4.95
CA GLY C 299 34.56 -8.02 -6.28
C GLY C 299 33.56 -7.99 -7.43
N ASN C 300 34.03 -8.52 -8.56
CA ASN C 300 33.26 -8.55 -9.81
C ASN C 300 32.03 -9.43 -9.72
N ASN C 301 31.87 -10.18 -8.64
CA ASN C 301 30.72 -11.07 -8.50
C ASN C 301 29.97 -10.77 -7.21
N ALA C 302 30.73 -10.49 -6.15
CA ALA C 302 30.22 -10.02 -4.88
C ALA C 302 29.42 -11.06 -4.17
N ASN C 303 28.18 -10.70 -3.88
CA ASN C 303 27.15 -11.55 -3.32
C ASN C 303 27.45 -11.86 -1.86
N GLU C 304 28.68 -12.30 -1.57
CA GLU C 304 29.02 -12.66 -0.19
C GLU C 304 28.82 -11.50 0.78
N ILE C 305 28.92 -10.27 0.27
CA ILE C 305 28.76 -9.07 1.09
C ILE C 305 27.48 -8.36 0.67
N PHE C 306 26.64 -8.01 1.63
CA PHE C 306 25.46 -7.21 1.37
C PHE C 306 25.33 -6.25 2.53
N ILE C 307 24.19 -5.56 2.61
CA ILE C 307 24.05 -4.58 3.68
C ILE C 307 24.10 -5.27 5.04
N GLU C 308 23.54 -6.48 5.13
CA GLU C 308 23.42 -7.18 6.42
C GLU C 308 24.77 -7.31 7.12
N ASN C 309 25.80 -7.77 6.42
CA ASN C 309 27.13 -7.86 7.01
C ASN C 309 28.03 -6.68 6.65
N GLY C 310 27.83 -6.06 5.49
CA GLY C 310 28.64 -4.90 5.13
C GLY C 310 28.44 -3.69 6.02
N ARG C 311 27.28 -3.60 6.68
CA ARG C 311 27.04 -2.48 7.60
C ARG C 311 27.93 -2.55 8.84
N PHE C 312 28.73 -3.60 9.01
CA PHE C 312 29.60 -3.73 10.17
C PHE C 312 31.08 -3.49 9.87
N HIS C 313 31.46 -3.32 8.59
CA HIS C 313 32.86 -3.09 8.26
C HIS C 313 33.40 -1.85 8.97
N GLY C 314 32.54 -0.84 9.13
CA GLY C 314 32.99 0.41 9.75
C GLY C 314 33.45 0.24 11.18
N ASP C 315 32.91 -0.77 11.89
CA ASP C 315 33.34 -1.02 13.25
C ASP C 315 34.83 -1.36 13.30
N ALA C 316 35.28 -2.26 12.42
CA ALA C 316 36.70 -2.62 12.38
C ALA C 316 37.55 -1.45 11.92
N ILE C 317 37.06 -0.67 10.94
CA ILE C 317 37.76 0.52 10.50
C ILE C 317 37.88 1.52 11.64
N ALA C 318 36.79 1.72 12.38
CA ALA C 318 36.77 2.70 13.45
C ALA C 318 37.75 2.35 14.55
N GLN C 319 37.76 1.08 14.98
CA GLN C 319 38.70 0.66 16.02
C GLN C 319 40.14 0.86 15.59
N THR C 320 40.43 0.60 14.31
CA THR C 320 41.78 0.78 13.81
C THR C 320 42.18 2.25 13.80
N ILE C 321 41.32 3.11 13.26
CA ILE C 321 41.66 4.52 13.16
C ILE C 321 41.69 5.17 14.54
N ALA C 322 40.77 4.77 15.43
CA ALA C 322 40.76 5.33 16.78
C ALA C 322 42.07 5.04 17.52
N SER C 323 42.57 3.81 17.40
CA SER C 323 43.82 3.47 18.08
C SER C 323 45.00 4.24 17.49
N ARG C 324 44.96 4.53 16.19
CA ARG C 324 46.03 5.28 15.53
C ARG C 324 45.88 6.79 15.69
N GLU C 325 44.77 7.26 16.23
CA GLU C 325 44.46 8.69 16.32
C GLU C 325 44.39 9.32 14.94
N GLN D 2 -0.93 1.37 -44.01
CA GLN D 2 -0.98 2.24 -45.18
C GLN D 2 -2.27 3.07 -45.19
N LYS D 3 -3.38 2.45 -45.55
CA LYS D 3 -4.70 3.06 -45.48
C LYS D 3 -5.37 2.64 -44.19
N GLU D 4 -6.30 3.48 -43.71
CA GLU D 4 -6.91 3.18 -42.42
C GLU D 4 -8.42 3.41 -42.43
N THR D 5 -8.82 4.66 -42.17
CA THR D 5 -10.16 5.19 -42.00
C THR D 5 -10.05 6.30 -40.96
N VAL D 6 -9.54 5.94 -39.78
CA VAL D 6 -9.32 6.88 -38.69
C VAL D 6 -7.94 6.65 -38.10
N ILE D 7 -7.18 7.71 -37.91
N ILE D 7 -7.17 7.72 -37.97
CA ILE D 7 -5.93 7.63 -37.16
CA ILE D 7 -5.91 7.72 -37.25
C ILE D 7 -6.04 8.55 -35.96
C ILE D 7 -6.09 8.58 -36.00
N ILE D 8 -5.80 7.99 -34.78
N ILE D 8 -5.74 8.01 -34.85
CA ILE D 8 -5.82 8.73 -33.54
CA ILE D 8 -5.79 8.71 -33.57
C ILE D 8 -4.37 9.02 -33.14
C ILE D 8 -4.35 9.02 -33.17
N ILE D 9 -4.05 10.30 -32.99
CA ILE D 9 -2.71 10.72 -32.58
C ILE D 9 -2.72 10.89 -31.08
N GLY D 10 -2.01 10.00 -30.38
CA GLY D 10 -1.97 9.99 -28.94
C GLY D 10 -2.69 8.82 -28.32
N GLY D 11 -1.97 8.03 -27.52
CA GLY D 11 -2.53 6.87 -26.87
C GLY D 11 -2.66 7.05 -25.37
N GLY D 12 -3.03 8.26 -24.95
CA GLY D 12 -3.45 8.48 -23.59
C GLY D 12 -4.86 7.98 -23.36
N PRO D 13 -5.37 8.20 -22.13
CA PRO D 13 -6.71 7.68 -21.83
C PRO D 13 -7.78 8.15 -22.80
N CYS D 14 -7.75 9.42 -23.23
CA CYS D 14 -8.82 9.92 -24.07
C CYS D 14 -8.68 9.44 -25.52
N GLY D 15 -7.45 9.32 -26.02
CA GLY D 15 -7.25 8.72 -27.33
C GLY D 15 -7.67 7.27 -27.36
N LEU D 16 -7.35 6.53 -26.28
CA LEU D 16 -7.76 5.13 -26.19
C LEU D 16 -9.27 5.01 -26.04
N ALA D 17 -9.87 5.90 -25.25
CA ALA D 17 -11.32 5.92 -25.17
C ALA D 17 -11.93 6.15 -26.56
N ALA D 18 -11.38 7.10 -27.32
CA ALA D 18 -11.87 7.36 -28.67
C ALA D 18 -11.78 6.12 -29.55
N ALA D 19 -10.71 5.33 -29.38
CA ALA D 19 -10.54 4.13 -30.18
C ALA D 19 -11.63 3.11 -29.89
N ILE D 20 -11.97 2.93 -28.60
CA ILE D 20 -12.99 1.95 -28.23
C ILE D 20 -14.37 2.43 -28.64
N SER D 21 -14.61 3.75 -28.55
CA SER D 21 -15.88 4.29 -29.03
C SER D 21 -16.08 4.00 -30.51
N LEU D 22 -15.02 4.13 -31.30
CA LEU D 22 -15.14 3.83 -32.73
C LEU D 22 -15.38 2.34 -32.96
N GLN D 23 -14.67 1.49 -32.20
CA GLN D 23 -14.93 0.06 -32.25
C GLN D 23 -16.41 -0.25 -32.07
N LYS D 24 -17.07 0.47 -31.16
CA LYS D 24 -18.49 0.24 -30.92
C LYS D 24 -19.33 0.46 -32.17
N VAL D 25 -18.89 1.36 -33.06
CA VAL D 25 -19.64 1.66 -34.28
C VAL D 25 -19.03 0.95 -35.49
N GLY D 26 -18.18 -0.05 -35.27
CA GLY D 26 -17.71 -0.90 -36.35
C GLY D 26 -16.46 -0.44 -37.06
N ILE D 27 -15.68 0.46 -36.46
CA ILE D 27 -14.43 0.95 -37.05
C ILE D 27 -13.33 0.69 -36.04
N ASN D 28 -12.35 -0.13 -36.42
CA ASN D 28 -11.22 -0.45 -35.57
C ASN D 28 -10.05 0.46 -35.91
N PRO D 29 -9.95 1.63 -35.28
CA PRO D 29 -8.99 2.64 -35.73
C PRO D 29 -7.56 2.31 -35.29
N LEU D 30 -6.62 3.08 -35.81
CA LEU D 30 -5.21 2.92 -35.50
C LEU D 30 -4.76 4.09 -34.63
N VAL D 31 -4.31 3.77 -33.42
CA VAL D 31 -3.69 4.75 -32.54
C VAL D 31 -2.19 4.76 -32.81
N ILE D 32 -1.61 5.94 -32.94
CA ILE D 32 -0.17 6.10 -33.08
C ILE D 32 0.33 6.92 -31.91
N GLU D 33 1.22 6.33 -31.11
CA GLU D 33 1.69 6.87 -29.86
C GLU D 33 3.21 6.91 -29.89
N LYS D 34 3.80 8.05 -29.51
CA LYS D 34 5.25 8.22 -29.59
C LYS D 34 6.02 7.48 -28.50
N GLY D 35 5.36 7.18 -27.37
CA GLY D 35 5.93 6.31 -26.37
C GLY D 35 5.15 5.01 -26.38
N ASN D 36 4.84 4.46 -25.21
CA ASN D 36 3.82 3.42 -25.14
C ASN D 36 2.54 4.04 -24.57
N ILE D 37 1.51 3.21 -24.44
CA ILE D 37 0.20 3.69 -24.04
C ILE D 37 0.29 4.44 -22.72
N VAL D 38 -0.60 5.43 -22.53
CA VAL D 38 -0.66 6.34 -21.38
C VAL D 38 0.73 6.78 -20.93
N ASN D 39 1.55 7.17 -21.91
CA ASN D 39 2.86 7.77 -21.66
C ASN D 39 2.83 8.88 -20.63
N ALA D 40 1.80 9.75 -20.66
CA ALA D 40 1.75 10.85 -19.70
C ALA D 40 1.60 10.34 -18.27
N ILE D 41 0.74 9.35 -18.04
CA ILE D 41 0.58 8.78 -16.71
C ILE D 41 1.88 8.09 -16.28
N TYR D 42 2.54 7.43 -17.24
CA TYR D 42 3.84 6.84 -16.91
C TYR D 42 4.81 7.89 -16.44
N ASN D 43 4.75 9.10 -17.01
CA ASN D 43 5.67 10.15 -16.63
C ASN D 43 5.16 11.03 -15.50
N TYR D 44 4.06 10.66 -14.85
CA TYR D 44 3.68 11.27 -13.58
C TYR D 44 4.73 11.01 -12.51
N PRO D 45 4.75 11.83 -11.46
CA PRO D 45 5.54 11.52 -10.28
C PRO D 45 5.22 10.14 -9.72
N THR D 46 6.24 9.49 -9.16
CA THR D 46 6.06 8.14 -8.63
C THR D 46 4.99 8.08 -7.55
N HIS D 47 4.90 9.10 -6.71
CA HIS D 47 3.96 9.06 -5.61
C HIS D 47 2.54 9.45 -6.01
N GLN D 48 2.26 9.69 -7.30
N GLN D 48 2.27 9.70 -7.29
CA GLN D 48 1.08 10.47 -7.65
CA GLN D 48 1.07 10.43 -7.69
C GLN D 48 -0.21 9.71 -7.34
C GLN D 48 -0.19 9.69 -7.29
N THR D 49 -1.17 10.45 -6.78
CA THR D 49 -2.51 9.97 -6.52
C THR D 49 -3.46 10.76 -7.40
N PHE D 50 -4.47 10.09 -7.96
CA PHE D 50 -5.44 10.77 -8.79
C PHE D 50 -6.42 11.54 -7.92
N PHE D 51 -6.87 12.69 -8.41
CA PHE D 51 -7.96 13.36 -7.69
C PHE D 51 -9.32 12.75 -7.99
N SER D 52 -9.46 12.01 -9.09
CA SER D 52 -10.71 11.36 -9.44
C SER D 52 -10.81 9.98 -8.80
N SER D 53 -12.03 9.61 -8.40
CA SER D 53 -12.30 8.21 -8.07
C SER D 53 -12.07 7.35 -9.31
N SER D 54 -11.76 6.08 -9.09
CA SER D 54 -11.37 5.23 -10.23
C SER D 54 -12.52 5.02 -11.20
N GLU D 55 -13.78 5.08 -10.74
CA GLU D 55 -14.90 4.95 -11.66
C GLU D 55 -14.83 6.02 -12.75
N LYS D 56 -14.37 7.21 -12.41
CA LYS D 56 -14.28 8.31 -13.36
C LYS D 56 -13.14 8.16 -14.34
N LEU D 57 -12.25 7.18 -14.15
CA LEU D 57 -11.18 6.93 -15.10
C LEU D 57 -11.48 5.79 -16.04
N GLU D 58 -12.61 5.11 -15.86
CA GLU D 58 -12.95 3.96 -16.67
C GLU D 58 -13.19 4.35 -18.11
N ILE D 59 -12.68 3.54 -19.04
CA ILE D 59 -13.02 3.64 -20.44
C ILE D 59 -13.48 2.26 -20.93
N GLY D 60 -14.25 2.27 -22.01
CA GLY D 60 -14.73 1.06 -22.63
C GLY D 60 -15.52 0.12 -21.74
N ASP D 61 -16.14 0.64 -20.68
CA ASP D 61 -16.94 -0.14 -19.72
C ASP D 61 -16.11 -1.19 -18.98
N VAL D 62 -14.79 -1.08 -19.03
CA VAL D 62 -13.92 -1.98 -18.28
C VAL D 62 -13.86 -1.50 -16.84
N ALA D 63 -14.27 -2.37 -15.91
CA ALA D 63 -14.27 -2.02 -14.49
C ALA D 63 -12.87 -1.70 -13.99
N PHE D 64 -12.78 -0.64 -13.19
CA PHE D 64 -11.55 -0.16 -12.55
C PHE D 64 -11.83 -0.24 -11.06
N ILE D 65 -11.46 -1.37 -10.46
CA ILE D 65 -11.80 -1.68 -9.08
C ILE D 65 -10.63 -1.31 -8.17
N THR D 66 -10.91 -0.50 -7.15
CA THR D 66 -9.90 -0.17 -6.15
C THR D 66 -10.51 -0.37 -4.78
N GLU D 67 -9.69 -0.84 -3.83
N GLU D 67 -9.69 -0.88 -3.85
CA GLU D 67 -10.13 -0.81 -2.43
CA GLU D 67 -10.03 -0.85 -2.44
C GLU D 67 -9.95 0.57 -1.84
C GLU D 67 -9.97 0.57 -1.90
N ASN D 68 -8.95 1.32 -2.32
CA ASN D 68 -8.76 2.69 -1.88
C ASN D 68 -9.77 3.60 -2.56
N ARG D 69 -9.92 4.79 -2.00
CA ARG D 69 -10.92 5.71 -2.53
C ARG D 69 -10.43 6.36 -3.82
N LYS D 70 -9.15 6.69 -3.91
CA LYS D 70 -8.55 7.32 -5.07
C LYS D 70 -7.42 6.45 -5.60
N PRO D 71 -7.37 6.18 -6.89
CA PRO D 71 -6.30 5.34 -7.43
C PRO D 71 -4.98 6.10 -7.49
N VAL D 72 -3.90 5.32 -7.55
CA VAL D 72 -2.56 5.86 -7.68
C VAL D 72 -2.02 5.52 -9.07
N ARG D 73 -0.92 6.18 -9.42
CA ARG D 73 -0.29 6.04 -10.73
C ARG D 73 -0.22 4.60 -11.21
N ASN D 74 0.35 3.70 -10.40
N ASN D 74 0.36 3.72 -10.40
CA ASN D 74 0.58 2.35 -10.91
CA ASN D 74 0.58 2.34 -10.85
C ASN D 74 -0.70 1.55 -11.05
C ASN D 74 -0.73 1.63 -11.13
N GLN D 75 -1.77 1.92 -10.33
CA GLN D 75 -3.06 1.27 -10.55
C GLN D 75 -3.64 1.66 -11.90
N ALA D 76 -3.51 2.93 -12.28
CA ALA D 76 -4.01 3.36 -13.58
C ALA D 76 -3.17 2.75 -14.71
N LEU D 77 -1.86 2.67 -14.54
CA LEU D 77 -1.04 2.01 -15.55
C LEU D 77 -1.51 0.58 -15.78
N ALA D 78 -1.72 -0.18 -14.69
CA ALA D 78 -2.20 -1.56 -14.80
C ALA D 78 -3.57 -1.61 -15.48
N TYR D 79 -4.43 -0.65 -15.13
CA TYR D 79 -5.78 -0.62 -15.69
C TYR D 79 -5.75 -0.41 -17.20
N TYR D 80 -5.04 0.62 -17.66
CA TYR D 80 -5.10 0.93 -19.09
C TYR D 80 -4.40 -0.13 -19.93
N ARG D 81 -3.35 -0.80 -19.38
CA ARG D 81 -2.78 -1.94 -20.09
C ARG D 81 -3.81 -3.04 -20.29
N GLU D 82 -4.57 -3.37 -19.24
CA GLU D 82 -5.58 -4.40 -19.37
C GLU D 82 -6.70 -3.98 -20.30
N VAL D 83 -7.04 -2.68 -20.33
CA VAL D 83 -8.06 -2.22 -21.26
C VAL D 83 -7.61 -2.46 -22.70
N VAL D 84 -6.38 -2.09 -23.01
CA VAL D 84 -5.88 -2.24 -24.38
C VAL D 84 -5.81 -3.72 -24.76
N ARG D 85 -5.41 -4.57 -23.81
CA ARG D 85 -5.40 -6.01 -24.09
C ARG D 85 -6.82 -6.54 -24.28
N ARG D 86 -7.72 -6.23 -23.33
CA ARG D 86 -9.06 -6.83 -23.36
C ARG D 86 -9.86 -6.37 -24.56
N LYS D 87 -9.70 -5.11 -24.97
CA LYS D 87 -10.46 -4.57 -26.09
C LYS D 87 -9.74 -4.69 -27.43
N SER D 88 -8.50 -5.19 -27.44
CA SER D 88 -7.72 -5.35 -28.67
C SER D 88 -7.57 -4.03 -29.41
N VAL D 89 -7.31 -2.95 -28.68
CA VAL D 89 -7.06 -1.66 -29.31
C VAL D 89 -5.76 -1.73 -30.11
N ARG D 90 -5.80 -1.20 -31.34
CA ARG D 90 -4.65 -1.22 -32.23
C ARG D 90 -3.77 -0.01 -31.94
N VAL D 91 -2.58 -0.26 -31.42
CA VAL D 91 -1.64 0.79 -31.06
C VAL D 91 -0.32 0.54 -31.79
N ASN D 92 0.15 1.55 -32.53
CA ASN D 92 1.51 1.59 -33.07
C ASN D 92 2.37 2.42 -32.12
N ALA D 93 3.10 1.73 -31.24
CA ALA D 93 3.87 2.39 -30.20
C ALA D 93 5.24 2.83 -30.67
N PHE D 94 5.82 3.77 -29.92
CA PHE D 94 7.16 4.31 -30.18
C PHE D 94 7.24 4.88 -31.60
N GLU D 95 6.19 5.60 -31.98
CA GLU D 95 6.07 6.17 -33.33
C GLU D 95 5.50 7.57 -33.19
N ARG D 96 6.27 8.56 -33.66
CA ARG D 96 5.89 9.96 -33.51
C ARG D 96 5.26 10.46 -34.80
N VAL D 97 4.03 10.94 -34.71
CA VAL D 97 3.42 11.61 -35.85
C VAL D 97 4.11 12.96 -36.03
N GLU D 98 4.65 13.19 -37.23
CA GLU D 98 5.35 14.43 -37.53
C GLU D 98 4.45 15.46 -38.21
N LYS D 99 3.69 15.05 -39.22
CA LYS D 99 2.89 15.96 -40.01
C LYS D 99 1.57 15.32 -40.39
N VAL D 100 0.54 16.15 -40.48
CA VAL D 100 -0.73 15.79 -41.09
C VAL D 100 -1.03 16.82 -42.17
N GLN D 101 -1.23 16.35 -43.40
CA GLN D 101 -1.48 17.23 -44.54
C GLN D 101 -2.65 16.71 -45.37
N LYS D 102 -3.54 17.63 -45.75
CA LYS D 102 -4.69 17.26 -46.57
C LYS D 102 -4.23 16.70 -47.92
N ASP D 103 -4.90 15.64 -48.36
CA ASP D 103 -4.53 14.94 -49.60
C ASP D 103 -5.82 14.45 -50.25
N GLY D 104 -6.32 15.21 -51.22
CA GLY D 104 -7.60 14.88 -51.81
C GLY D 104 -8.70 15.09 -50.80
N GLU D 105 -9.56 14.08 -50.64
CA GLU D 105 -10.51 14.03 -49.53
C GLU D 105 -10.04 13.10 -48.42
N ALA D 106 -8.73 12.97 -48.26
CA ALA D 106 -8.13 12.19 -47.19
C ALA D 106 -6.95 12.99 -46.64
N PHE D 107 -6.17 12.38 -45.76
CA PHE D 107 -5.05 13.04 -45.12
C PHE D 107 -3.80 12.19 -45.24
N GLN D 108 -2.67 12.83 -45.48
CA GLN D 108 -1.37 12.16 -45.39
C GLN D 108 -0.78 12.45 -44.03
N VAL D 109 -0.34 11.41 -43.34
CA VAL D 109 0.28 11.53 -42.03
C VAL D 109 1.67 10.92 -42.11
N GLU D 110 2.67 11.70 -41.74
CA GLU D 110 4.07 11.28 -41.78
C GLU D 110 4.57 11.05 -40.36
N THR D 111 5.21 9.90 -40.14
CA THR D 111 5.67 9.51 -38.81
C THR D 111 7.15 9.14 -38.84
N THR D 112 7.74 9.11 -37.65
CA THR D 112 9.09 8.60 -37.42
C THR D 112 9.00 7.45 -36.43
N LYS D 113 9.59 6.32 -36.78
CA LYS D 113 9.55 5.13 -35.94
C LYS D 113 10.74 5.13 -34.98
N ARG D 114 10.76 4.13 -34.10
CA ARG D 114 11.77 4.06 -33.04
C ARG D 114 13.18 3.93 -33.62
N ASP D 115 13.34 3.16 -34.69
N ASP D 115 13.34 3.16 -34.69
CA ASP D 115 14.63 2.97 -35.33
CA ASP D 115 14.65 2.98 -35.31
C ASP D 115 15.01 4.09 -36.28
C ASP D 115 15.06 4.14 -36.20
N GLY D 116 14.25 5.19 -36.28
CA GLY D 116 14.53 6.33 -37.13
C GLY D 116 13.80 6.33 -38.45
N SER D 117 13.24 5.20 -38.86
CA SER D 117 12.56 5.10 -40.15
C SER D 117 11.39 6.07 -40.24
N LYS D 118 11.02 6.38 -41.48
CA LYS D 118 9.84 7.18 -41.76
C LYS D 118 8.72 6.29 -42.27
N GLU D 119 7.48 6.72 -42.01
CA GLU D 119 6.31 6.02 -42.48
C GLU D 119 5.26 7.05 -42.88
N ILE D 120 4.40 6.68 -43.82
CA ILE D 120 3.31 7.54 -44.26
C ILE D 120 2.04 6.70 -44.33
N TYR D 121 0.97 7.23 -43.75
CA TYR D 121 -0.34 6.61 -43.85
C TYR D 121 -1.29 7.56 -44.55
N ILE D 122 -2.36 7.01 -45.10
CA ILE D 122 -3.46 7.80 -45.64
C ILE D 122 -4.69 7.46 -44.81
N ALA D 123 -5.33 8.48 -44.25
CA ALA D 123 -6.47 8.32 -43.36
C ALA D 123 -7.60 9.24 -43.79
N LYS D 124 -8.83 8.74 -43.72
CA LYS D 124 -9.97 9.57 -44.05
C LYS D 124 -10.32 10.55 -42.93
N TYR D 125 -10.11 10.15 -41.67
CA TYR D 125 -10.40 11.00 -40.53
C TYR D 125 -9.21 11.02 -39.59
N ILE D 126 -9.06 12.13 -38.85
CA ILE D 126 -7.98 12.32 -37.89
C ILE D 126 -8.60 12.70 -36.55
N VAL D 127 -8.12 12.09 -35.47
CA VAL D 127 -8.41 12.51 -34.11
C VAL D 127 -7.11 12.95 -33.48
N VAL D 128 -7.04 14.21 -33.05
CA VAL D 128 -5.86 14.74 -32.38
C VAL D 128 -6.11 14.67 -30.88
N ALA D 129 -5.35 13.81 -30.20
CA ALA D 129 -5.48 13.54 -28.77
C ALA D 129 -4.11 13.58 -28.11
N THR D 130 -3.37 14.66 -28.33
CA THR D 130 -1.97 14.75 -27.92
C THR D 130 -1.77 15.40 -26.56
N GLY D 131 -2.84 15.82 -25.89
CA GLY D 131 -2.68 16.36 -24.55
C GLY D 131 -1.90 17.66 -24.54
N TYR D 132 -1.21 17.90 -23.42
CA TYR D 132 -0.32 19.05 -23.37
C TYR D 132 0.90 18.82 -22.48
N TYR D 133 0.95 17.69 -21.78
N TYR D 133 0.93 17.67 -21.79
CA TYR D 133 2.02 17.46 -20.83
CA TYR D 133 1.99 17.38 -20.84
C TYR D 133 3.40 17.37 -21.49
C TYR D 133 3.38 17.34 -21.48
N ASP D 134 3.47 17.22 -22.80
CA ASP D 134 4.76 17.23 -23.48
C ASP D 134 5.38 18.61 -23.61
N ASN D 135 4.62 19.69 -23.42
CA ASN D 135 5.07 21.04 -23.77
C ASN D 135 5.01 21.95 -22.55
N PRO D 136 6.11 22.10 -21.82
CA PRO D 136 6.08 22.92 -20.63
C PRO D 136 6.00 24.39 -20.99
N ASN D 137 5.32 25.15 -20.14
CA ASN D 137 5.30 26.60 -20.25
C ASN D 137 6.67 27.15 -19.86
N TYR D 138 7.57 27.34 -20.82
CA TYR D 138 8.90 27.83 -20.47
C TYR D 138 8.83 29.28 -20.01
N MET D 139 9.70 29.60 -19.05
N MET D 139 9.69 29.62 -19.05
CA MET D 139 9.74 30.91 -18.40
CA MET D 139 9.66 30.97 -18.48
C MET D 139 10.52 31.95 -19.18
C MET D 139 10.41 31.97 -19.33
N ASN D 140 11.41 31.53 -20.09
CA ASN D 140 12.28 32.42 -20.85
C ASN D 140 13.06 33.33 -19.89
N VAL D 141 13.78 32.70 -18.97
CA VAL D 141 14.66 33.44 -18.06
C VAL D 141 16.08 32.88 -18.13
N PRO D 142 17.09 33.73 -17.96
CA PRO D 142 18.48 33.24 -17.98
C PRO D 142 18.69 32.16 -16.93
N GLY D 143 19.32 31.06 -17.36
CA GLY D 143 19.59 29.95 -16.48
C GLY D 143 18.59 28.83 -16.53
N GLU D 144 17.45 29.04 -17.20
CA GLU D 144 16.44 28.00 -17.32
C GLU D 144 16.95 26.79 -18.09
N GLU D 145 17.96 26.96 -18.91
CA GLU D 145 18.54 25.87 -19.67
C GLU D 145 19.51 25.02 -18.87
N LEU D 146 19.90 25.44 -17.66
CA LEU D 146 20.82 24.65 -16.86
C LEU D 146 20.17 23.33 -16.46
N LYS D 147 20.99 22.30 -16.35
CA LYS D 147 20.47 20.98 -16.01
C LYS D 147 19.87 20.93 -14.61
N LYS D 148 20.21 21.87 -13.74
CA LYS D 148 19.58 21.95 -12.42
C LYS D 148 18.14 22.44 -12.48
N VAL D 149 17.58 22.72 -13.65
CA VAL D 149 16.23 23.23 -13.80
C VAL D 149 15.41 22.17 -14.52
N ALA D 150 14.28 21.79 -13.92
CA ALA D 150 13.42 20.75 -14.47
C ALA D 150 12.00 21.28 -14.55
N HIS D 151 11.32 20.96 -15.64
CA HIS D 151 9.93 21.33 -15.83
C HIS D 151 8.99 20.17 -15.52
N TYR D 152 9.52 19.12 -14.90
CA TYR D 152 8.74 17.96 -14.48
C TYR D 152 9.22 17.53 -13.12
N PHE D 153 8.35 16.91 -12.34
CA PHE D 153 8.72 16.40 -11.04
C PHE D 153 8.52 14.90 -11.08
N LYS D 154 9.50 14.14 -10.56
CA LYS D 154 9.40 12.69 -10.53
C LYS D 154 9.42 12.15 -9.11
N GLU D 155 10.50 12.38 -8.36
CA GLU D 155 10.68 11.87 -7.00
C GLU D 155 11.46 12.89 -6.19
N GLY D 156 11.19 12.91 -4.89
CA GLY D 156 11.87 13.88 -4.04
C GLY D 156 13.18 13.44 -3.42
N HIS D 157 13.43 12.12 -3.31
CA HIS D 157 14.58 11.64 -2.55
C HIS D 157 15.90 12.33 -2.87
N PRO D 158 16.32 12.50 -4.12
CA PRO D 158 17.68 13.02 -4.34
C PRO D 158 17.81 14.50 -4.00
N TYR D 159 16.74 15.16 -3.57
CA TYR D 159 16.79 16.56 -3.14
C TYR D 159 16.93 16.70 -1.63
N PHE D 160 17.08 15.57 -0.93
CA PHE D 160 17.37 15.53 0.50
C PHE D 160 18.50 16.49 0.84
N ASP D 161 18.25 17.36 1.80
CA ASP D 161 19.25 18.30 2.33
C ASP D 161 19.76 19.27 1.26
N ARG D 162 18.96 19.54 0.24
N ARG D 162 18.96 19.55 0.25
CA ARG D 162 19.29 20.53 -0.79
CA ARG D 162 19.30 20.53 -0.78
C ARG D 162 18.34 21.73 -0.72
C ARG D 162 18.34 21.73 -0.72
N ASP D 163 18.81 22.86 -1.22
CA ASP D 163 17.99 24.04 -1.32
C ASP D 163 17.25 24.01 -2.66
N VAL D 164 15.93 23.94 -2.62
CA VAL D 164 15.14 23.74 -3.84
C VAL D 164 14.09 24.83 -3.93
N VAL D 165 13.91 25.36 -5.15
CA VAL D 165 12.85 26.31 -5.46
C VAL D 165 11.85 25.60 -6.35
N VAL D 166 10.56 25.74 -6.01
CA VAL D 166 9.46 25.36 -6.87
C VAL D 166 8.80 26.64 -7.37
N ILE D 167 8.64 26.75 -8.69
CA ILE D 167 7.99 27.91 -9.29
C ILE D 167 6.63 27.49 -9.82
N GLY D 168 5.62 28.31 -9.56
CA GLY D 168 4.30 27.95 -10.05
C GLY D 168 3.20 27.97 -9.01
N GLY D 169 1.97 28.11 -9.48
CA GLY D 169 0.84 28.05 -8.58
C GLY D 169 -0.17 27.01 -8.97
N LYS D 170 0.27 25.96 -9.66
CA LYS D 170 -0.62 24.87 -10.03
C LYS D 170 -0.64 23.80 -8.93
N ASN D 171 -1.58 22.87 -9.04
CA ASN D 171 -1.56 21.73 -8.15
C ASN D 171 -0.24 20.99 -8.23
N SER D 172 0.35 20.92 -9.43
CA SER D 172 1.61 20.21 -9.61
C SER D 172 2.73 20.89 -8.85
N SER D 173 2.68 22.22 -8.73
CA SER D 173 3.65 22.97 -7.97
C SER D 173 3.51 22.67 -6.47
N VAL D 174 2.29 22.76 -5.96
CA VAL D 174 2.06 22.43 -4.56
C VAL D 174 2.47 21.00 -4.25
N ASP D 175 2.13 20.05 -5.12
N ASP D 175 2.07 20.06 -5.12
CA ASP D 175 2.41 18.66 -4.78
CA ASP D 175 2.39 18.66 -4.94
C ASP D 175 3.89 18.30 -4.93
C ASP D 175 3.89 18.44 -4.84
N ALA D 176 4.64 19.02 -5.78
CA ALA D 176 6.09 18.87 -5.78
C ALA D 176 6.69 19.43 -4.48
N ALA D 177 6.22 20.61 -4.05
CA ALA D 177 6.71 21.22 -2.82
C ALA D 177 6.47 20.30 -1.62
N LEU D 178 5.26 19.72 -1.52
CA LEU D 178 4.96 18.84 -0.39
C LEU D 178 5.86 17.60 -0.40
N GLU D 179 6.07 17.00 -1.57
CA GLU D 179 6.92 15.82 -1.65
C GLU D 179 8.37 16.16 -1.36
N LEU D 180 8.82 17.34 -1.76
CA LEU D 180 10.18 17.75 -1.44
C LEU D 180 10.36 17.97 0.05
N VAL D 181 9.38 18.58 0.73
N VAL D 181 9.37 18.54 0.75
CA VAL D 181 9.47 18.72 2.18
CA VAL D 181 9.56 18.71 2.19
C VAL D 181 9.55 17.34 2.82
C VAL D 181 9.50 17.36 2.90
N LYS D 182 8.70 16.41 2.38
CA LYS D 182 8.72 15.06 2.94
C LYS D 182 10.09 14.41 2.75
N SER D 183 10.78 14.76 1.67
CA SER D 183 12.08 14.21 1.33
C SER D 183 13.25 14.94 1.99
N GLY D 184 12.96 15.99 2.78
CA GLY D 184 13.99 16.68 3.50
C GLY D 184 14.69 17.77 2.74
N ALA D 185 14.09 18.25 1.64
CA ALA D 185 14.62 19.44 0.98
C ALA D 185 14.21 20.69 1.76
N ARG D 186 14.97 21.77 1.55
CA ARG D 186 14.60 23.10 2.04
C ARG D 186 13.92 23.84 0.90
N VAL D 187 12.60 24.05 1.04
CA VAL D 187 11.75 24.41 -0.09
C VAL D 187 11.36 25.88 -0.02
N THR D 188 11.53 26.57 -1.13
CA THR D 188 11.00 27.92 -1.35
C THR D 188 10.05 27.85 -2.54
N VAL D 189 8.86 28.41 -2.41
CA VAL D 189 7.89 28.41 -3.50
C VAL D 189 7.71 29.84 -3.97
N LEU D 190 7.79 30.03 -5.29
CA LEU D 190 7.66 31.34 -5.92
C LEU D 190 6.49 31.34 -6.90
N TYR D 191 5.61 32.34 -6.79
CA TYR D 191 4.40 32.34 -7.62
C TYR D 191 4.11 33.78 -8.00
N ARG D 192 3.82 34.02 -9.29
CA ARG D 192 3.60 35.38 -9.76
C ARG D 192 2.30 35.97 -9.24
N GLY D 193 1.35 35.13 -8.85
CA GLY D 193 0.07 35.61 -8.33
C GLY D 193 0.23 36.24 -6.95
N ILE D 194 -0.84 36.94 -6.54
CA ILE D 194 -0.80 37.71 -5.31
C ILE D 194 -1.39 36.95 -4.11
N GLU D 195 -2.10 35.85 -4.35
CA GLU D 195 -2.63 34.99 -3.30
C GLU D 195 -2.53 33.55 -3.78
N TYR D 196 -2.89 32.60 -2.91
CA TYR D 196 -2.90 31.19 -3.30
C TYR D 196 -3.82 31.01 -4.50
N SER D 197 -3.34 30.26 -5.48
CA SER D 197 -4.09 30.05 -6.71
C SER D 197 -5.42 29.35 -6.41
N PRO D 198 -6.52 29.77 -7.02
CA PRO D 198 -7.81 29.12 -6.77
C PRO D 198 -7.92 27.71 -7.33
N SER D 199 -6.98 27.30 -8.19
CA SER D 199 -7.05 25.98 -8.80
C SER D 199 -6.59 24.87 -7.89
N ILE D 200 -5.88 25.20 -6.80
CA ILE D 200 -5.39 24.17 -5.88
C ILE D 200 -6.58 23.40 -5.31
N LYS D 201 -6.49 22.08 -5.34
CA LYS D 201 -7.58 21.25 -4.84
C LYS D 201 -7.83 21.56 -3.36
N PRO D 202 -9.10 21.67 -2.95
CA PRO D 202 -9.39 22.12 -1.58
C PRO D 202 -8.89 21.17 -0.50
N TRP D 203 -8.66 19.90 -0.82
CA TRP D 203 -8.12 18.96 0.15
C TRP D 203 -6.59 18.89 0.13
N ILE D 204 -5.93 19.69 -0.71
CA ILE D 204 -4.49 19.75 -0.74
C ILE D 204 -3.96 21.07 -0.18
N LEU D 205 -4.67 22.18 -0.44
CA LEU D 205 -4.26 23.48 0.07
C LEU D 205 -4.01 23.48 1.58
N PRO D 206 -4.83 22.85 2.44
CA PRO D 206 -4.58 22.97 3.89
C PRO D 206 -3.20 22.50 4.32
N GLU D 207 -2.73 21.37 3.79
CA GLU D 207 -1.41 20.86 4.18
C GLU D 207 -0.33 21.84 3.77
N PHE D 208 -0.46 22.42 2.57
CA PHE D 208 0.53 23.38 2.09
C PHE D 208 0.49 24.67 2.91
N GLU D 209 -0.71 25.24 3.09
CA GLU D 209 -0.79 26.48 3.87
C GLU D 209 -0.26 26.27 5.29
N ALA D 210 -0.45 25.08 5.85
CA ALA D 210 0.00 24.83 7.22
C ALA D 210 1.52 24.89 7.30
N LEU D 211 2.21 24.29 6.31
CA LEU D 211 3.66 24.35 6.25
C LEU D 211 4.19 25.74 5.90
N VAL D 212 3.41 26.58 5.22
CA VAL D 212 3.84 27.95 5.04
C VAL D 212 3.71 28.72 6.34
N ARG D 213 2.63 28.50 7.07
CA ARG D 213 2.34 29.27 8.27
C ARG D 213 3.28 28.91 9.42
N ASN D 214 3.78 27.67 9.46
CA ASN D 214 4.73 27.30 10.51
C ASN D 214 6.18 27.47 10.08
N GLY D 215 6.43 28.10 8.93
CA GLY D 215 7.77 28.44 8.51
C GLY D 215 8.55 27.34 7.82
N THR D 216 7.94 26.19 7.56
CA THR D 216 8.69 25.12 6.90
C THR D 216 8.97 25.47 5.44
N ILE D 217 7.96 26.00 4.74
CA ILE D 217 8.08 26.39 3.34
C ILE D 217 8.15 27.91 3.26
N GLN D 218 9.17 28.42 2.57
CA GLN D 218 9.24 29.84 2.27
C GLN D 218 8.36 30.12 1.05
N MET D 219 7.41 31.03 1.19
CA MET D 219 6.41 31.27 0.16
C MET D 219 6.43 32.74 -0.21
N HIS D 220 6.66 33.04 -1.49
CA HIS D 220 6.67 34.42 -1.97
C HIS D 220 5.60 34.58 -3.04
N PHE D 221 4.64 35.46 -2.77
CA PHE D 221 3.64 35.82 -3.77
C PHE D 221 4.11 37.04 -4.56
N GLY D 222 3.52 37.21 -5.74
CA GLY D 222 3.94 38.29 -6.62
C GLY D 222 5.39 38.20 -7.01
N ALA D 223 5.92 36.98 -7.13
CA ALA D 223 7.33 36.73 -7.35
C ALA D 223 7.56 36.46 -8.83
N HIS D 224 8.58 37.11 -9.40
CA HIS D 224 9.01 36.89 -10.77
C HIS D 224 10.49 36.51 -10.77
N VAL D 225 10.81 35.33 -11.29
CA VAL D 225 12.20 34.89 -11.35
C VAL D 225 12.93 35.69 -12.41
N LYS D 226 14.09 36.23 -12.05
CA LYS D 226 14.89 37.01 -12.98
C LYS D 226 16.14 36.28 -13.46
N GLU D 227 16.70 35.37 -12.67
CA GLU D 227 17.94 34.72 -13.04
C GLU D 227 18.11 33.45 -12.20
N ILE D 228 18.75 32.46 -12.81
CA ILE D 228 19.13 31.19 -12.18
C ILE D 228 20.60 30.94 -12.52
N THR D 229 21.43 30.82 -11.49
CA THR D 229 22.82 30.42 -11.65
C THR D 229 22.98 29.04 -11.02
N GLU D 230 24.23 28.57 -10.95
CA GLU D 230 24.44 27.23 -10.40
C GLU D 230 24.13 27.16 -8.91
N HIS D 231 24.39 28.22 -8.16
CA HIS D 231 24.21 28.20 -6.71
C HIS D 231 23.27 29.26 -6.18
N THR D 232 22.64 30.06 -7.03
CA THR D 232 21.74 31.10 -6.58
C THR D 232 20.55 31.17 -7.52
N LEU D 233 19.52 31.84 -7.02
CA LEU D 233 18.37 32.26 -7.82
C LEU D 233 17.97 33.65 -7.35
N THR D 234 17.64 34.50 -8.32
CA THR D 234 17.20 35.86 -8.05
C THR D 234 15.79 36.06 -8.57
N PHE D 235 14.94 36.64 -7.72
CA PHE D 235 13.58 36.96 -8.06
C PHE D 235 13.24 38.33 -7.50
N THR D 236 12.23 38.96 -8.08
CA THR D 236 11.76 40.25 -7.57
C THR D 236 10.43 40.06 -6.87
N VAL D 237 10.23 40.82 -5.79
CA VAL D 237 8.93 40.97 -5.14
C VAL D 237 8.79 42.44 -4.79
N ASP D 238 7.61 43.01 -5.03
CA ASP D 238 7.44 44.46 -5.10
C ASP D 238 8.45 44.93 -6.16
N GLY D 239 9.25 45.95 -5.90
CA GLY D 239 10.34 46.32 -6.79
C GLY D 239 11.69 45.81 -6.36
N GLU D 240 11.77 44.97 -5.33
CA GLU D 240 13.02 44.57 -4.71
C GLU D 240 13.49 43.22 -5.24
N ALA D 241 14.73 43.18 -5.72
CA ALA D 241 15.33 41.93 -6.15
C ALA D 241 15.96 41.23 -4.94
N LEU D 242 15.72 39.92 -4.82
CA LEU D 242 16.23 39.14 -3.70
C LEU D 242 16.95 37.93 -4.28
N THR D 243 18.17 37.67 -3.79
CA THR D 243 18.99 36.55 -4.23
C THR D 243 19.08 35.55 -3.09
N ILE D 244 18.78 34.29 -3.39
CA ILE D 244 18.80 33.24 -2.39
C ILE D 244 19.72 32.13 -2.86
N LYS D 245 20.24 31.37 -1.89
CA LYS D 245 20.99 30.17 -2.21
C LYS D 245 20.03 29.14 -2.79
N ASN D 246 20.49 28.41 -3.82
CA ASN D 246 19.63 27.49 -4.56
C ASN D 246 20.45 26.42 -5.25
N ASP D 247 20.08 25.16 -5.04
CA ASP D 247 20.70 24.04 -5.72
C ASP D 247 19.91 23.56 -6.94
N PHE D 248 18.57 23.43 -6.80
CA PHE D 248 17.74 22.87 -7.87
C PHE D 248 16.44 23.65 -8.00
N VAL D 249 15.90 23.70 -9.22
CA VAL D 249 14.67 24.40 -9.52
C VAL D 249 13.70 23.46 -10.22
N PHE D 250 12.46 23.39 -9.71
CA PHE D 250 11.35 22.76 -10.41
C PHE D 250 10.44 23.87 -10.92
N ALA D 251 10.42 24.05 -12.23
CA ALA D 251 9.61 25.08 -12.87
C ALA D 251 8.28 24.44 -13.20
N MET D 252 7.34 24.52 -12.26
CA MET D 252 6.06 23.82 -12.39
C MET D 252 4.99 24.80 -12.85
N THR D 253 5.25 25.34 -14.04
CA THR D 253 4.49 26.45 -14.58
C THR D 253 3.37 25.99 -15.51
N GLY D 254 3.10 24.71 -15.55
CA GLY D 254 2.04 24.21 -16.41
C GLY D 254 2.54 23.86 -17.79
N TYR D 255 1.56 23.59 -18.65
CA TYR D 255 1.79 23.01 -19.95
C TYR D 255 0.80 23.60 -20.93
N HIS D 256 1.07 23.41 -22.22
CA HIS D 256 0.21 23.96 -23.24
C HIS D 256 0.16 23.01 -24.42
N PRO D 257 -0.94 22.98 -25.17
CA PRO D 257 -1.00 22.10 -26.34
C PRO D 257 -0.02 22.51 -27.42
N ASP D 258 0.22 21.58 -28.34
CA ASP D 258 1.13 21.81 -29.47
C ASP D 258 0.36 22.55 -30.56
N HIS D 259 0.30 23.88 -30.44
CA HIS D 259 -0.47 24.69 -31.37
C HIS D 259 0.14 24.69 -32.76
N SER D 260 1.47 24.61 -32.87
CA SER D 260 2.11 24.51 -34.18
C SER D 260 1.62 23.27 -34.93
N PHE D 261 1.51 22.15 -34.23
CA PHE D 261 1.03 20.92 -34.84
C PHE D 261 -0.41 21.06 -35.29
N LEU D 262 -1.23 21.81 -34.54
CA LEU D 262 -2.63 21.98 -34.92
C LEU D 262 -2.78 22.95 -36.08
N THR D 263 -2.16 24.13 -36.00
CA THR D 263 -2.32 25.12 -37.06
C THR D 263 -1.81 24.57 -38.40
N LYS D 264 -0.68 23.87 -38.38
CA LYS D 264 -0.09 23.36 -39.61
C LYS D 264 -1.02 22.40 -40.35
N MET D 265 -1.99 21.80 -39.67
CA MET D 265 -2.98 20.95 -40.32
C MET D 265 -4.31 21.66 -40.50
N GLY D 266 -4.36 22.97 -40.30
CA GLY D 266 -5.55 23.76 -40.59
C GLY D 266 -6.46 24.04 -39.41
N VAL D 267 -6.02 23.81 -38.19
CA VAL D 267 -6.83 24.07 -37.00
C VAL D 267 -6.53 25.47 -36.50
N GLN D 268 -7.59 26.26 -36.29
CA GLN D 268 -7.46 27.60 -35.73
C GLN D 268 -7.53 27.56 -34.21
N ILE D 269 -6.75 28.42 -33.55
CA ILE D 269 -6.61 28.39 -32.10
C ILE D 269 -6.96 29.73 -31.45
N ASP D 270 -7.78 30.55 -32.13
CA ASP D 270 -8.21 31.85 -31.62
C ASP D 270 -7.04 32.81 -31.48
N GLU D 271 -6.68 33.18 -30.24
CA GLU D 271 -5.62 34.14 -29.99
C GLU D 271 -5.28 34.21 -28.50
N GLU D 272 -6.29 34.49 -27.68
CA GLU D 272 -6.07 34.78 -26.26
C GLU D 272 -6.11 33.54 -25.38
N THR D 273 -6.82 32.50 -25.80
CA THR D 273 -7.20 31.41 -24.92
C THR D 273 -6.21 30.24 -24.95
N GLY D 274 -5.85 29.77 -26.14
CA GLY D 274 -5.19 28.49 -26.25
C GLY D 274 -6.15 27.33 -26.40
N ARG D 275 -7.33 27.56 -26.99
CA ARG D 275 -8.32 26.54 -27.26
C ARG D 275 -8.49 26.38 -28.77
N PRO D 276 -8.57 25.15 -29.26
CA PRO D 276 -8.90 24.96 -30.68
C PRO D 276 -10.37 25.26 -30.92
N PHE D 277 -10.66 25.71 -32.15
CA PHE D 277 -12.04 25.90 -32.57
C PHE D 277 -12.66 24.55 -32.86
N TYR D 278 -13.79 24.27 -32.21
CA TYR D 278 -14.49 23.02 -32.46
C TYR D 278 -15.95 23.17 -32.05
N THR D 279 -16.78 22.27 -32.56
CA THR D 279 -18.18 22.15 -32.17
C THR D 279 -18.31 20.97 -31.22
N GLU D 280 -18.85 21.23 -30.03
CA GLU D 280 -18.81 20.24 -28.95
C GLU D 280 -19.62 19.01 -29.28
N ASP D 281 -20.74 19.17 -30.00
CA ASP D 281 -21.61 18.06 -30.34
C ASP D 281 -20.91 17.01 -31.19
N ARG D 282 -19.86 17.40 -31.91
CA ARG D 282 -19.11 16.48 -32.75
C ARG D 282 -17.64 16.40 -32.37
N MET D 283 -17.14 17.32 -31.54
CA MET D 283 -15.71 17.46 -31.25
C MET D 283 -14.89 17.52 -32.52
N GLU D 284 -15.47 18.16 -33.55
CA GLU D 284 -14.81 18.38 -34.83
C GLU D 284 -14.28 19.80 -34.89
N THR D 285 -13.05 19.96 -35.36
CA THR D 285 -12.46 21.29 -35.43
C THR D 285 -12.98 22.04 -36.66
N ASN D 286 -12.48 23.27 -36.82
CA ASN D 286 -12.82 24.09 -37.99
C ASN D 286 -12.34 23.45 -39.28
N ALA D 287 -11.37 22.55 -39.22
CA ALA D 287 -10.95 21.77 -40.37
C ALA D 287 -11.83 20.53 -40.47
N GLU D 288 -12.44 20.32 -41.63
CA GLU D 288 -13.34 19.19 -41.81
C GLU D 288 -12.60 17.86 -41.65
N ASN D 289 -13.21 16.96 -40.88
CA ASN D 289 -12.72 15.59 -40.64
C ASN D 289 -11.47 15.54 -39.78
N ILE D 290 -11.12 16.62 -39.11
CA ILE D 290 -10.10 16.62 -38.07
C ILE D 290 -10.81 16.85 -36.74
N PHE D 291 -10.68 15.89 -35.84
CA PHE D 291 -11.35 15.96 -34.55
C PHE D 291 -10.31 16.12 -33.45
N ILE D 292 -10.79 16.47 -32.26
CA ILE D 292 -9.93 16.52 -31.09
C ILE D 292 -10.59 15.73 -29.97
N ALA D 293 -9.76 15.12 -29.13
CA ALA D 293 -10.22 14.32 -28.00
C ALA D 293 -9.25 14.56 -26.85
N GLY D 294 -9.80 14.76 -25.66
CA GLY D 294 -8.99 14.89 -24.47
C GLY D 294 -8.75 16.33 -24.05
N VAL D 295 -7.68 16.50 -23.28
CA VAL D 295 -7.36 17.80 -22.70
C VAL D 295 -6.81 18.78 -23.72
N ILE D 296 -6.50 18.32 -24.93
CA ILE D 296 -6.05 19.23 -25.99
C ILE D 296 -7.12 20.25 -26.33
N ALA D 297 -8.39 19.94 -26.04
CA ALA D 297 -9.49 20.85 -26.33
C ALA D 297 -9.56 22.03 -25.34
N ALA D 298 -8.83 21.96 -24.23
CA ALA D 298 -8.91 22.99 -23.21
C ALA D 298 -8.14 24.24 -23.64
N GLY D 299 -8.58 25.39 -23.12
CA GLY D 299 -7.99 26.66 -23.47
C GLY D 299 -7.10 27.24 -22.39
N ASN D 300 -7.36 28.49 -22.00
CA ASN D 300 -6.56 29.13 -20.96
C ASN D 300 -6.73 28.42 -19.62
N ASN D 301 -7.95 27.94 -19.34
CA ASN D 301 -8.21 27.16 -18.14
C ASN D 301 -8.08 25.70 -18.53
N ALA D 302 -6.84 25.18 -18.47
CA ALA D 302 -6.58 23.80 -18.83
C ALA D 302 -7.17 22.80 -17.83
N ASN D 303 -7.85 23.27 -16.79
CA ASN D 303 -8.54 22.39 -15.86
C ASN D 303 -9.92 21.96 -16.35
N GLU D 304 -10.46 22.61 -17.39
CA GLU D 304 -11.85 22.37 -17.78
C GLU D 304 -12.06 20.98 -18.38
N ILE D 305 -11.01 20.34 -18.90
CA ILE D 305 -11.10 18.99 -19.43
C ILE D 305 -10.20 18.09 -18.60
N PHE D 306 -10.78 17.00 -18.08
CA PHE D 306 -10.04 15.97 -17.36
C PHE D 306 -10.15 14.66 -18.14
N ILE D 307 -9.69 13.57 -17.52
CA ILE D 307 -10.06 12.24 -18.00
C ILE D 307 -11.57 12.03 -17.84
N GLU D 308 -12.15 12.57 -16.76
CA GLU D 308 -13.54 12.31 -16.41
C GLU D 308 -14.48 12.68 -17.55
N ASN D 309 -14.30 13.85 -18.14
CA ASN D 309 -15.14 14.29 -19.25
C ASN D 309 -14.46 14.12 -20.61
N GLY D 310 -13.13 14.14 -20.66
CA GLY D 310 -12.44 13.89 -21.91
C GLY D 310 -12.63 12.48 -22.44
N ARG D 311 -12.91 11.51 -21.55
CA ARG D 311 -13.11 10.13 -21.98
C ARG D 311 -14.38 9.95 -22.80
N PHE D 312 -15.26 10.94 -22.84
CA PHE D 312 -16.49 10.84 -23.62
C PHE D 312 -16.40 11.55 -24.96
N HIS D 313 -15.32 12.29 -25.23
CA HIS D 313 -15.19 12.96 -26.52
C HIS D 313 -15.29 11.95 -27.66
N GLY D 314 -14.74 10.75 -27.45
CA GLY D 314 -14.77 9.75 -28.50
C GLY D 314 -16.16 9.36 -28.93
N ASP D 315 -17.13 9.46 -28.03
CA ASP D 315 -18.50 9.09 -28.38
C ASP D 315 -19.08 10.05 -29.41
N ALA D 316 -18.92 11.35 -29.21
CA ALA D 316 -19.36 12.32 -30.21
C ALA D 316 -18.57 12.18 -31.50
N ILE D 317 -17.28 11.82 -31.40
CA ILE D 317 -16.50 11.48 -32.58
C ILE D 317 -17.14 10.31 -33.31
N ALA D 318 -17.24 9.17 -32.62
CA ALA D 318 -17.73 7.94 -33.23
C ALA D 318 -19.09 8.14 -33.90
N GLN D 319 -19.99 8.90 -33.26
CA GLN D 319 -21.29 9.18 -33.86
C GLN D 319 -21.13 9.92 -35.18
N THR D 320 -20.31 10.97 -35.19
CA THR D 320 -20.14 11.78 -36.40
C THR D 320 -19.51 10.97 -37.52
N ILE D 321 -18.51 10.14 -37.21
CA ILE D 321 -17.81 9.40 -38.26
C ILE D 321 -18.73 8.31 -38.83
N ALA D 322 -19.38 7.55 -37.96
CA ALA D 322 -20.27 6.49 -38.44
C ALA D 322 -21.39 7.07 -39.31
N SER D 323 -21.84 8.28 -39.00
CA SER D 323 -22.85 8.92 -39.85
C SER D 323 -22.29 9.21 -41.24
N ARG D 324 -21.02 9.60 -41.33
CA ARG D 324 -20.39 9.89 -42.60
C ARG D 324 -19.87 8.62 -43.29
N GLU D 325 -19.99 7.47 -42.65
CA GLU D 325 -19.61 6.20 -43.26
C GLU D 325 -20.84 5.35 -43.57
PA FAD E . -18.48 -19.49 0.20
O1A FAD E . -17.67 -18.36 -0.32
O2A FAD E . -18.15 -20.17 1.51
O5B FAD E . -19.98 -18.94 0.28
C5B FAD E . -21.04 -19.73 0.86
C4B FAD E . -21.97 -18.70 1.43
O4B FAD E . -23.17 -19.35 1.92
C3B FAD E . -21.40 -17.89 2.61
O3B FAD E . -21.36 -16.51 2.24
C2B FAD E . -22.34 -18.24 3.79
O2B FAD E . -22.57 -17.10 4.62
C1B FAD E . -23.61 -18.66 3.05
N9A FAD E . -24.51 -19.56 3.77
C8A FAD E . -24.20 -20.76 4.35
N7A FAD E . -25.22 -21.39 4.89
C5A FAD E . -26.30 -20.56 4.62
C6A FAD E . -27.67 -20.65 4.91
N6A FAD E . -28.21 -21.67 5.58
N1A FAD E . -28.46 -19.65 4.49
C2A FAD E . -27.93 -18.63 3.82
N3A FAD E . -26.65 -18.44 3.47
C4A FAD E . -25.87 -19.44 3.90
N1 FAD E . -9.88 -19.81 -3.22
C2 FAD E . -9.34 -19.49 -4.43
O2 FAD E . -9.86 -19.90 -5.49
N3 FAD E . -8.20 -18.69 -4.49
C4 FAD E . -7.52 -18.16 -3.41
O4 FAD E . -6.53 -17.46 -3.58
C4X FAD E . -8.11 -18.50 -2.12
N5 FAD E . -7.52 -18.04 -1.02
C5X FAD E . -8.13 -18.33 0.20
C6 FAD E . -7.58 -17.81 1.38
C7 FAD E . -8.16 -18.08 2.62
C7M FAD E . -7.54 -17.50 3.86
C8 FAD E . -9.30 -18.89 2.69
C8M FAD E . -9.95 -19.19 4.02
C9 FAD E . -9.86 -19.41 1.52
C9A FAD E . -9.28 -19.14 0.28
N10 FAD E . -9.81 -19.66 -0.92
C10 FAD E . -9.28 -19.34 -2.13
C1' FAD E . -11.02 -20.51 -0.89
C2' FAD E . -12.29 -19.71 -1.16
O2' FAD E . -12.59 -18.91 -0.01
C3' FAD E . -13.44 -20.66 -1.46
O3' FAD E . -13.10 -21.55 -2.51
C4' FAD E . -14.72 -19.92 -1.84
O4' FAD E . -15.12 -19.16 -0.70
C5' FAD E . -15.82 -20.87 -2.27
O5' FAD E . -16.97 -20.12 -2.72
P FAD E . -18.41 -20.66 -2.47
O1P FAD E . -19.32 -19.63 -3.13
O2P FAD E . -18.54 -22.07 -2.95
O3P FAD E . -18.59 -20.65 -0.88
NA NA F . -3.20 -31.17 13.16
PA FAD G . -5.69 5.42 24.68
O1A FAD G . -4.97 5.24 23.41
O2A FAD G . -7.22 5.44 24.63
O5B FAD G . -5.20 4.39 25.75
C5B FAD G . -5.95 4.14 26.95
C4B FAD G . -5.75 2.68 27.27
O4B FAD G . -6.24 2.40 28.59
C3B FAD G . -6.46 1.70 26.32
O3B FAD G . -5.50 0.85 25.69
C2B FAD G . -7.43 0.95 27.25
O2B FAD G . -7.61 -0.42 26.88
C1B FAD G . -6.75 1.09 28.60
N9A FAD G . -7.63 0.99 29.76
C8A FAD G . -8.78 1.72 29.98
N7A FAD G . -9.36 1.44 31.12
C5A FAD G . -8.51 0.52 31.70
C6A FAD G . -8.55 -0.15 32.94
N6A FAD G . -9.54 0.01 33.84
N1A FAD G . -7.55 -1.01 33.23
C2A FAD G . -6.57 -1.18 32.33
N3A FAD G . -6.43 -0.61 31.13
C4A FAD G . -7.43 0.25 30.89
N1 FAD G . -4.53 11.12 17.52
C2 FAD G . -3.44 11.70 16.97
O2 FAD G . -2.58 12.26 17.66
N3 FAD G . -3.26 11.67 15.60
C4 FAD G . -4.12 11.08 14.68
O4 FAD G . -3.86 11.13 13.47
C4X FAD G . -5.29 10.46 15.28
N5 FAD G . -6.18 9.87 14.47
C5X FAD G . -7.25 9.21 15.09
C6 FAD G . -8.15 8.50 14.29
C7 FAD G . -9.23 7.82 14.86
C7M FAD G . -10.20 7.07 13.99
C8 FAD G . -9.42 7.85 16.26
C8M FAD G . -10.57 7.14 16.90
C9 FAD G . -8.51 8.56 17.04
C9A FAD G . -7.44 9.23 16.48
N10 FAD G . -6.51 9.94 17.26
C10 FAD G . -5.41 10.53 16.71
C1' FAD G . -6.68 10.00 18.72
C2' FAD G . -5.79 9.01 19.46
O2' FAD G . -6.31 7.69 19.36
C3' FAD G . -5.72 9.42 20.93
O3' FAD G . -5.23 10.74 21.05
C4' FAD G . -4.84 8.47 21.74
O4' FAD G . -5.37 7.15 21.70
C5' FAD G . -4.69 8.94 23.16
O5' FAD G . -3.76 8.07 23.83
P FAD G . -3.94 7.69 25.31
O1P FAD G . -2.77 6.78 25.69
O2P FAD G . -4.11 8.86 26.18
O3P FAD G . -5.32 6.81 25.35
NA NA H . -25.67 14.58 16.70
PA FAD I . 26.46 1.39 -2.70
O1A FAD I . 25.11 1.34 -2.11
O2A FAD I . 26.60 1.02 -4.16
O5B FAD I . 27.07 2.82 -2.46
C5B FAD I . 28.23 3.26 -3.19
C4B FAD I . 28.07 4.75 -3.36
O4B FAD I . 29.31 5.31 -3.83
C3B FAD I . 26.99 5.16 -4.36
O3B FAD I . 25.94 5.91 -3.75
C2B FAD I . 27.79 5.91 -5.46
O2B FAD I . 27.08 6.99 -6.05
C1B FAD I . 29.02 6.37 -4.69
N9A FAD I . 30.21 6.63 -5.51
C8A FAD I . 30.78 5.79 -6.42
N7A FAD I . 31.87 6.28 -6.99
C5A FAD I . 32.02 7.52 -6.39
C6A FAD I . 32.97 8.56 -6.54
N6A FAD I . 34.01 8.49 -7.39
N1A FAD I . 32.83 9.66 -5.79
C2A FAD I . 31.80 9.73 -4.93
N3A FAD I . 30.84 8.83 -4.71
C4A FAD I . 31.00 7.75 -5.47
N1 FAD I . 21.27 -5.98 -0.13
C2 FAD I . 20.75 -6.43 1.05
O2 FAD I . 21.46 -6.54 2.06
N3 FAD I . 19.41 -6.78 1.13
C4 FAD I . 18.49 -6.73 0.09
O4 FAD I . 17.33 -7.07 0.28
C4X FAD I . 19.05 -6.23 -1.17
N5 FAD I . 18.25 -6.15 -2.21
C5X FAD I . 18.78 -5.63 -3.39
C6 FAD I . 17.96 -5.45 -4.50
C7 FAD I . 18.45 -4.94 -5.69
C7M FAD I . 17.53 -4.76 -6.88
C8 FAD I . 19.81 -4.58 -5.78
C8M FAD I . 20.38 -4.01 -7.06
C9 FAD I . 20.63 -4.75 -4.68
C9A FAD I . 20.14 -5.27 -3.49
N10 FAD I . 20.96 -5.44 -2.36
C10 FAD I . 20.45 -5.90 -1.17
C1' FAD I . 22.37 -5.08 -2.42
C2' FAD I . 22.62 -3.70 -1.86
O2' FAD I . 22.13 -2.69 -2.76
C3' FAD I . 24.13 -3.52 -1.66
O3' FAD I . 24.58 -4.55 -0.79
C4' FAD I . 24.47 -2.17 -1.03
O4' FAD I . 24.06 -1.14 -1.93
C5' FAD I . 25.94 -2.08 -0.71
O5' FAD I . 26.20 -0.84 -0.06
P FAD I . 27.49 0.01 -0.41
O1P FAD I . 27.43 1.23 0.51
O2P FAD I . 28.71 -0.86 -0.18
O3P FAD I . 27.44 0.45 -1.89
NA NA J . 24.12 -14.57 -18.88
PA FAD K . -2.47 12.58 -22.51
O1A FAD K . -2.68 11.55 -21.45
O2A FAD K . -1.47 13.71 -22.24
O5B FAD K . -2.14 11.79 -23.77
C5B FAD K . -1.50 12.41 -24.91
C4B FAD K . -0.61 11.38 -25.55
O4B FAD K . -0.26 11.80 -26.89
C3B FAD K . 0.69 11.09 -24.81
O3B FAD K . 0.79 9.72 -24.46
C2B FAD K . 1.79 11.54 -25.80
O2B FAD K . 2.97 10.74 -25.77
C1B FAD K . 1.07 11.39 -27.14
N9A FAD K . 1.62 12.23 -28.19
C8A FAD K . 1.89 13.57 -28.13
N7A FAD K . 2.40 14.07 -29.23
C5A FAD K . 2.46 12.98 -30.08
C6A FAD K . 2.91 12.83 -31.41
N6A FAD K . 3.38 13.84 -32.15
N1A FAD K . 2.83 11.60 -31.96
C2A FAD K . 2.36 10.58 -31.22
N3A FAD K . 1.91 10.60 -29.97
C4A FAD K . 2.00 11.83 -29.44
N1 FAD K . -6.90 13.87 -14.58
C2 FAD K . -8.02 13.30 -14.02
O2 FAD K . -9.07 13.17 -14.65
N3 FAD K . -7.97 12.86 -12.70
C4 FAD K . -6.88 12.92 -11.86
O4 FAD K . -6.97 12.50 -10.72
C4X FAD K . -5.70 13.52 -12.46
N5 FAD K . -4.58 13.63 -11.72
C5X FAD K . -3.44 14.11 -12.36
C6 FAD K . -2.22 14.15 -11.67
C7 FAD K . -1.05 14.63 -12.28
C7M FAD K . 0.24 14.66 -11.50
C8 FAD K . -1.11 15.07 -13.60
C8M FAD K . 0.13 15.60 -14.29
C9 FAD K . -2.31 15.04 -14.30
C9A FAD K . -3.47 14.57 -13.68
N10 FAD K . -4.69 14.53 -14.38
C10 FAD K . -5.81 13.97 -13.82
C1' FAD K . -4.77 14.99 -15.76
C2' FAD K . -4.56 13.87 -16.76
O2' FAD K . -3.19 13.52 -16.87
C3' FAD K . -5.06 14.34 -18.12
O3' FAD K . -6.39 14.82 -17.99
C4' FAD K . -5.06 13.19 -19.12
O4' FAD K . -3.73 12.74 -19.34
C5' FAD K . -5.71 13.60 -20.41
O5' FAD K . -5.67 12.49 -21.31
P FAD K . -5.33 12.69 -22.82
O1P FAD K . -5.43 11.39 -23.61
O2P FAD K . -6.32 13.75 -23.33
O3P FAD K . -3.85 13.29 -22.89
NA NA L . 4.67 31.65 -11.19
#